data_6W5S
#
_entry.id   6W5S
#
_cell.length_a   1.00
_cell.length_b   1.00
_cell.length_c   1.00
_cell.angle_alpha   90.00
_cell.angle_beta   90.00
_cell.angle_gamma   90.00
#
_symmetry.space_group_name_H-M   'P 1'
#
loop_
_entity.id
_entity.type
_entity.pdbx_description
1 polymer 'NPC intracellular cholesterol transporter 1'
2 branched 2-acetamido-2-deoxy-beta-D-glucopyranose-(1-4)-2-acetamido-2-deoxy-beta-D-glucopyranose
3 branched alpha-D-mannopyranose-(1-3)-2-acetamido-2-deoxy-beta-D-glucopyranose-(1-4)-2-acetamido-2-deoxy-beta-D-glucopyranose
4 branched alpha-D-mannopyranose-(1-4)-2-acetamido-2-deoxy-beta-D-glucopyranose-(1-4)-2-acetamido-2-deoxy-beta-D-glucopyranose
5 non-polymer 2-acetamido-2-deoxy-beta-D-glucopyranose
6 non-polymer CHOLESTEROL
7 non-polymer '(2S)-3-(hexadecanoyloxy)-2-[(9Z)-octadec-9-enoyloxy]propyl 2-(trimethylammonio)ethyl phosphate'
#
_entity_poly.entity_id   1
_entity_poly.type   'polypeptide(L)'
_entity_poly.pdbx_seq_one_letter_code
;MTARGLALGLLLLLLCPAQVFSQSCVWYGECGIAYGDKRYNCEYSGPPKPLPKDGYDLVQELCPGFFFGNVSLCCDVRQL
QTLKDNLQLPLQFLSRCPSCFYNLLNLFCELTCSPRQSQFLNVTATEDYVDPVTNQTKTNVKELQYYVGQSFANAMYNAC
RDVEAPSSNDKALGLLCGKDADACNATNWIEYMFNKDNGQAPFTITPVFSDFPVHGMEPMNNATKGCDESVDEVTAPCSC
QDCSIVCGPKPQPPPPPAPWTILGLDAMYVIMWITYMAFLLVFFGAFFAVWCYRKRYFVSEYTPIDSNIAFSVNASDKGE
ASCCDPVSAAFEGCLRRLFTRWGSFCVRNPGCVIFFSLVFITACSSGLVFVRVTTNPVDLWSAPSSQARLEKEYFDQHFG
PFFRTEQLIIRAPLTDKHIYQPYPSGADVPFGPPLDIQILHQVLDLQIAIENITASYDNETVTLQDICLAPLSPYNTNCT
ILSVLNYFQNSHSVLDHKKGDDFFVYADYHTHFLYCVRAPASLNDTSLLHDPCLGTFGGPVFPWLVLGGYDDQNYNNATA
LVITFPVNNYYNDTEKLQRAQAWEKEFINFVKNYKNPNLTISFTAERSIEDELNRESDSDVFTVVISYAIMFLYISLALG
HMKSCRRLLVDSKVSLGIAGILIVLSSVACSLGVFSYIGLPLTLIVIEVIPFLVLAVGVDNIFILVQAYQRDERLQGETL
DQQLGRVLGEVAPSMFLSSFSETVAFFLGALSVMPAVHTFSLFAGLAVFIDFLLQITCFVSLLGLDIKRQEKNRLDIFCC
VRGAEDGTSVQASESCLFRFFKNSYSPLLLKDWMRPIVIAIFVGVLSFSIAVLNKVDIGLDQSLSMPDDSYMVDYFKSIS
QYLHAGPPVYFVLEEGHDYTSSKGQNMVCGGMGCNNDSLVQQIFNAAQLDNYTRIGFAPSSWIDDYFDWVKPQSSCCRVD
NITDQFCNASVVDPACVRCRPLTPEGKQRPQGGDFMRFLPMFLSDNPNPKCGKGGHAAYSSAVNILLGHGTRVGATYFMT
YHTVLQTSADFIDALKKARLIASNVTETMGINGSAYRVFPYSVFYVFYEQYLTIIDDTIFNLGVSLGAIFLVTMVLLGCE
LWSAVIMCATIAMVLVNMFGVMWLWGISLNAVSLVNLVMSCGISVEFCSHITRAFTVSMKGSRVERAEEALAHMGSSVFS
GITLTKFGGIVVLAFAKSQIFQIFYFRMYLAMVLLGATHGLIFLPVLLSYIGPSVNKAKSCATEERYKGTERERLLNFLE
GSDEVDAGSHHHHHHHHHHGSVEDYKDDDDK
;
_entity_poly.pdbx_strand_id   A
#
loop_
_chem_comp.id
_chem_comp.type
_chem_comp.name
_chem_comp.formula
CLR non-polymer CHOLESTEROL 'C27 H46 O'
MAN D-saccharide, alpha linking alpha-D-mannopyranose 'C6 H12 O6'
NAG D-saccharide, beta linking 2-acetamido-2-deoxy-beta-D-glucopyranose 'C8 H15 N O6'
POV non-polymer '(2S)-3-(hexadecanoyloxy)-2-[(9Z)-octadec-9-enoyloxy]propyl 2-(trimethylammonio)ethyl phosphate' 'C42 H82 N O8 P'
#
# COMPACT_ATOMS: atom_id res chain seq x y z
N GLN A 23 57.32 16.76 38.56
CA GLN A 23 56.92 17.16 37.22
C GLN A 23 57.46 18.55 36.89
N SER A 24 57.35 18.94 35.63
CA SER A 24 57.84 20.24 35.18
C SER A 24 57.48 20.41 33.71
N CYS A 25 57.70 21.62 33.20
CA CYS A 25 57.39 21.97 31.83
C CYS A 25 58.66 21.94 30.97
N VAL A 26 58.46 21.97 29.67
CA VAL A 26 59.55 22.08 28.71
C VAL A 26 59.42 23.33 27.86
N TRP A 27 58.20 23.65 27.46
CA TRP A 27 57.92 24.83 26.67
C TRP A 27 56.64 25.53 27.14
N TYR A 28 56.53 26.83 26.87
CA TYR A 28 55.33 27.57 27.19
C TYR A 28 55.26 28.80 26.30
N GLY A 29 54.08 29.08 25.77
CA GLY A 29 53.90 30.20 24.86
C GLY A 29 54.40 29.88 23.47
N GLU A 30 54.17 30.82 22.56
CA GLU A 30 54.61 30.68 21.18
C GLU A 30 55.14 32.03 20.71
N CYS A 31 56.47 32.20 20.77
CA CYS A 31 57.14 33.42 20.34
C CYS A 31 57.93 33.26 19.06
N GLY A 32 58.65 32.15 18.88
CA GLY A 32 59.35 31.90 17.65
C GLY A 32 58.40 31.74 16.48
N ILE A 33 58.99 31.50 15.30
CA ILE A 33 58.22 31.30 14.08
C ILE A 33 59.03 30.43 13.13
N ALA A 34 58.37 29.42 12.55
CA ALA A 34 59.02 28.53 11.58
C ALA A 34 58.82 29.04 10.16
N TYR A 35 57.57 29.18 9.74
CA TYR A 35 57.23 29.66 8.40
C TYR A 35 55.73 29.90 8.34
N GLY A 36 55.33 30.89 7.56
CA GLY A 36 53.94 31.28 7.53
C GLY A 36 53.49 31.81 8.87
N ASP A 37 52.66 31.03 9.57
CA ASP A 37 52.24 31.36 10.92
C ASP A 37 52.73 30.36 11.96
N LYS A 38 53.28 29.22 11.53
CA LYS A 38 53.79 28.23 12.46
C LYS A 38 54.80 28.85 13.41
N ARG A 39 54.56 28.72 14.71
CA ARG A 39 55.41 29.33 15.74
C ARG A 39 55.93 28.25 16.67
N TYR A 40 57.25 28.27 16.89
CA TYR A 40 57.86 27.32 17.81
C TYR A 40 57.52 27.69 19.26
N ASN A 41 57.11 26.68 20.03
CA ASN A 41 56.81 26.91 21.43
C ASN A 41 58.04 27.43 22.16
N CYS A 42 57.80 28.24 23.19
CA CYS A 42 58.86 28.98 23.86
C CYS A 42 59.25 28.22 25.13
N GLU A 43 60.56 28.01 25.30
CA GLU A 43 61.02 27.10 26.33
C GLU A 43 60.80 27.66 27.73
N TYR A 44 60.30 26.81 28.63
CA TYR A 44 60.17 27.17 30.05
C TYR A 44 60.06 25.88 30.84
N SER A 45 61.08 25.58 31.65
CA SER A 45 61.16 24.34 32.41
C SER A 45 60.76 24.51 33.87
N GLY A 46 59.82 25.41 34.14
CA GLY A 46 59.36 25.64 35.50
C GLY A 46 58.19 24.75 35.86
N PRO A 47 57.46 25.14 36.91
CA PRO A 47 56.29 24.36 37.32
C PRO A 47 55.12 24.61 36.40
N PRO A 48 54.07 23.80 36.49
CA PRO A 48 52.91 23.96 35.59
C PRO A 48 52.10 25.19 35.97
N LYS A 49 51.75 26.00 34.98
CA LYS A 49 51.01 27.23 35.16
C LYS A 49 49.58 26.94 35.63
N PRO A 50 49.06 27.74 36.56
CA PRO A 50 47.61 27.80 36.73
C PRO A 50 46.99 28.53 35.56
N LEU A 51 45.96 27.93 34.97
CA LEU A 51 45.40 28.46 33.74
C LEU A 51 44.77 29.82 34.00
N PRO A 52 44.81 30.72 33.02
CA PRO A 52 44.37 32.11 33.24
C PRO A 52 42.87 32.29 33.36
N LYS A 53 42.08 31.23 33.45
CA LYS A 53 40.63 31.36 33.59
C LYS A 53 40.01 31.82 32.28
N ASP A 54 40.83 31.99 31.24
CA ASP A 54 40.36 32.53 29.97
C ASP A 54 39.82 31.45 29.05
N GLY A 55 40.55 30.35 28.88
CA GLY A 55 40.17 29.34 27.92
C GLY A 55 39.61 28.05 28.50
N TYR A 56 38.73 28.19 29.49
CA TYR A 56 38.12 27.05 30.15
C TYR A 56 37.31 26.23 29.15
N ASP A 57 36.67 26.93 28.20
CA ASP A 57 35.86 26.26 27.19
C ASP A 57 36.71 25.33 26.33
N LEU A 58 37.91 25.81 25.99
CA LEU A 58 38.84 25.03 25.17
C LEU A 58 39.31 23.75 25.86
N VAL A 59 39.58 23.84 27.17
CA VAL A 59 40.05 22.70 27.94
C VAL A 59 39.00 21.61 27.99
N GLN A 60 37.73 22.00 27.97
CA GLN A 60 36.63 21.04 28.00
C GLN A 60 36.26 20.55 26.60
N GLU A 61 36.90 21.11 25.57
CA GLU A 61 36.61 20.73 24.20
C GLU A 61 37.73 19.89 23.60
N LEU A 62 38.99 20.22 23.90
CA LEU A 62 40.11 19.49 23.35
C LEU A 62 40.23 18.13 24.03
N CYS A 63 40.45 18.13 25.35
CA CYS A 63 40.49 16.90 26.14
C CYS A 63 40.07 17.22 27.57
N PRO A 64 38.81 16.95 27.91
CA PRO A 64 38.32 17.27 29.27
C PRO A 64 38.99 16.47 30.37
N GLY A 65 39.89 15.55 30.04
CA GLY A 65 40.56 14.77 31.07
C GLY A 65 41.41 15.58 32.02
N PHE A 66 41.65 16.84 31.71
CA PHE A 66 42.46 17.72 32.54
C PHE A 66 41.61 18.64 33.41
N PHE A 67 40.31 18.74 33.12
CA PHE A 67 39.45 19.72 33.76
C PHE A 67 38.90 19.22 35.10
N PHE A 68 39.66 19.43 36.17
CA PHE A 68 39.18 19.25 37.53
C PHE A 68 39.72 20.43 38.33
N GLY A 69 38.93 21.50 38.40
CA GLY A 69 39.55 22.80 38.54
C GLY A 69 40.38 23.07 39.77
N ASN A 70 41.60 23.39 39.38
CA ASN A 70 42.76 23.80 40.14
C ASN A 70 43.57 23.31 38.98
N VAL A 71 43.50 24.00 37.85
CA VAL A 71 44.11 23.30 36.71
C VAL A 71 45.61 23.10 36.88
N SER A 72 46.34 24.16 37.24
CA SER A 72 47.79 24.07 37.32
C SER A 72 48.32 23.39 36.05
N LEU A 73 47.79 23.80 34.90
CA LEU A 73 48.13 23.19 33.62
C LEU A 73 49.35 23.88 33.01
N CYS A 74 50.26 23.05 32.48
CA CYS A 74 51.43 23.55 31.76
C CYS A 74 51.02 24.27 30.49
N CYS A 75 49.72 24.43 30.29
CA CYS A 75 49.14 24.75 29.00
C CYS A 75 48.98 26.26 28.87
N ASP A 76 48.74 26.72 27.64
CA ASP A 76 48.57 28.14 27.36
C ASP A 76 47.40 28.35 26.42
N VAL A 77 46.59 29.38 26.70
CA VAL A 77 45.43 29.66 25.87
C VAL A 77 45.85 29.97 24.45
N ARG A 78 47.02 30.57 24.26
CA ARG A 78 47.54 30.79 22.91
C ARG A 78 47.99 29.48 22.27
N GLN A 79 48.14 28.42 23.05
CA GLN A 79 48.50 27.11 22.51
C GLN A 79 47.25 26.27 22.23
N LEU A 80 46.25 26.33 23.12
CA LEU A 80 45.05 25.54 22.91
C LEU A 80 44.33 25.93 21.63
N GLN A 81 44.19 27.24 21.38
CA GLN A 81 43.46 27.67 20.21
C GLN A 81 44.25 27.47 18.93
N THR A 82 45.58 27.38 19.02
CA THR A 82 46.37 27.05 17.84
C THR A 82 46.44 25.54 17.62
N LEU A 83 46.24 24.75 18.68
CA LEU A 83 46.09 23.31 18.51
C LEU A 83 44.83 22.98 17.72
N LYS A 84 43.69 23.56 18.12
CA LYS A 84 42.43 23.23 17.48
C LYS A 84 42.45 23.50 15.99
N ASP A 85 43.21 24.51 15.57
CA ASP A 85 43.27 24.84 14.14
C ASP A 85 43.92 23.72 13.33
N ASN A 86 44.94 23.07 13.89
CA ASN A 86 45.59 21.98 13.18
C ASN A 86 44.73 20.72 13.19
N LEU A 87 43.92 20.53 14.24
CA LEU A 87 43.06 19.36 14.35
C LEU A 87 41.80 19.47 13.49
N GLN A 88 41.73 20.46 12.59
CA GLN A 88 40.50 20.72 11.85
C GLN A 88 40.19 19.59 10.87
N LEU A 89 41.15 19.23 10.02
CA LEU A 89 40.89 18.18 9.04
C LEU A 89 40.89 16.80 9.69
N PRO A 90 41.82 16.49 10.59
CA PRO A 90 41.73 15.21 11.31
C PRO A 90 40.42 15.04 12.05
N LEU A 91 39.86 16.15 12.55
CA LEU A 91 38.57 16.10 13.22
C LEU A 91 37.46 15.71 12.25
N GLN A 92 37.51 16.19 11.02
CA GLN A 92 36.42 15.93 10.08
C GLN A 92 36.37 14.47 9.69
N PHE A 93 37.52 13.86 9.43
CA PHE A 93 37.55 12.46 8.99
C PHE A 93 37.27 11.50 10.14
N LEU A 94 38.01 11.64 11.24
CA LEU A 94 37.95 10.67 12.33
C LEU A 94 36.84 10.93 13.33
N SER A 95 36.13 12.05 13.23
CA SER A 95 35.01 12.27 14.14
C SER A 95 33.82 11.39 13.83
N ARG A 96 33.88 10.64 12.75
CA ARG A 96 32.82 9.72 12.42
C ARG A 96 32.75 8.65 13.51
N CYS A 97 33.92 8.27 14.02
CA CYS A 97 34.04 7.20 15.01
C CYS A 97 34.56 7.79 16.31
N PRO A 98 33.68 8.08 17.27
CA PRO A 98 34.14 8.80 18.48
C PRO A 98 35.29 8.12 19.21
N SER A 99 35.26 6.79 19.30
CA SER A 99 36.32 6.08 20.01
C SER A 99 37.68 6.26 19.34
N CYS A 100 37.71 6.61 18.05
CA CYS A 100 38.97 6.85 17.37
C CYS A 100 39.54 8.22 17.73
N PHE A 101 38.79 9.28 17.41
CA PHE A 101 39.27 10.64 17.67
C PHE A 101 39.54 10.87 19.15
N TYR A 102 38.99 10.04 20.03
CA TYR A 102 39.27 10.18 21.46
C TYR A 102 40.73 9.89 21.75
N ASN A 103 41.25 8.76 21.26
CA ASN A 103 42.65 8.41 21.48
C ASN A 103 43.60 9.37 20.77
N LEU A 104 43.25 9.80 19.56
CA LEU A 104 44.11 10.73 18.83
C LEU A 104 44.38 11.98 19.65
N LEU A 105 43.38 12.47 20.38
CA LEU A 105 43.56 13.66 21.20
C LEU A 105 44.51 13.40 22.37
N ASN A 106 44.35 12.26 23.04
CA ASN A 106 45.23 11.93 24.15
C ASN A 106 46.69 11.92 23.74
N LEU A 107 46.98 11.74 22.46
CA LEU A 107 48.36 11.77 21.98
C LEU A 107 48.87 13.19 21.77
N PHE A 108 47.98 14.19 21.77
CA PHE A 108 48.35 15.57 21.51
C PHE A 108 48.35 16.44 22.76
N CYS A 109 47.29 16.43 23.58
CA CYS A 109 47.30 17.26 24.77
C CYS A 109 48.54 17.00 25.62
N GLU A 110 48.80 15.73 25.90
CA GLU A 110 49.95 15.36 26.70
C GLU A 110 51.22 15.83 25.99
N LEU A 111 51.27 15.59 24.68
CA LEU A 111 52.39 16.06 23.88
C LEU A 111 52.60 17.56 24.00
N THR A 112 51.52 18.32 24.19
CA THR A 112 51.60 19.77 24.21
C THR A 112 51.62 20.38 25.61
N CYS A 113 50.58 20.17 26.41
CA CYS A 113 50.45 20.89 27.67
C CYS A 113 49.91 20.06 28.84
N SER A 114 50.27 18.77 28.91
CA SER A 114 49.98 17.93 30.07
C SER A 114 50.76 18.43 31.29
N PRO A 115 50.28 18.16 32.50
CA PRO A 115 50.98 18.65 33.70
C PRO A 115 52.21 17.86 34.07
N ARG A 116 52.44 16.70 33.48
CA ARG A 116 53.63 15.90 33.79
C ARG A 116 54.47 15.78 32.53
N GLN A 117 54.56 16.90 31.81
CA GLN A 117 55.18 16.91 30.49
C GLN A 117 56.62 16.41 30.53
N SER A 118 57.34 16.65 31.62
CA SER A 118 58.76 16.35 31.65
C SER A 118 59.05 14.86 31.79
N GLN A 119 58.10 14.11 32.30
CA GLN A 119 58.26 12.67 32.44
C GLN A 119 58.39 11.94 31.11
N PHE A 120 57.68 12.44 30.09
CA PHE A 120 57.59 11.74 28.82
C PHE A 120 58.05 12.62 27.66
N LEU A 121 58.99 13.54 27.91
CA LEU A 121 59.46 14.44 26.88
C LEU A 121 60.90 14.85 27.17
N ASN A 122 61.64 15.14 26.10
CA ASN A 122 63.01 15.62 26.21
C ASN A 122 63.33 16.42 24.94
N VAL A 123 63.48 17.73 25.09
CA VAL A 123 63.79 18.58 23.95
C VAL A 123 65.21 18.32 23.48
N THR A 124 65.43 18.47 22.17
CA THR A 124 66.76 18.21 21.60
C THR A 124 67.36 19.48 21.01
N ALA A 125 66.64 20.13 20.10
CA ALA A 125 67.18 21.27 19.37
C ALA A 125 66.44 22.54 19.76
N THR A 126 67.20 23.56 20.17
CA THR A 126 66.65 24.86 20.52
C THR A 126 67.73 25.90 20.27
N GLU A 127 67.30 27.12 19.94
CA GLU A 127 68.19 28.24 19.66
C GLU A 127 67.52 29.54 20.11
N ASP A 128 68.29 30.59 20.37
CA ASP A 128 67.70 31.83 20.85
C ASP A 128 66.73 32.44 19.82
N TYR A 129 65.70 33.12 20.34
CA TYR A 129 64.72 33.83 19.53
C TYR A 129 64.72 35.30 19.94
N VAL A 130 64.57 36.18 18.96
CA VAL A 130 64.56 37.62 19.22
C VAL A 130 63.11 38.09 19.30
N ASP A 131 62.81 38.92 20.30
CA ASP A 131 61.49 39.50 20.45
C ASP A 131 61.43 40.87 19.79
N PRO A 132 60.57 41.09 18.79
CA PRO A 132 60.34 42.47 18.32
C PRO A 132 59.55 43.31 19.30
N VAL A 133 59.31 42.82 20.52
CA VAL A 133 58.49 43.51 21.49
C VAL A 133 59.28 44.04 22.68
N THR A 134 60.32 43.34 23.12
CA THR A 134 61.04 43.73 24.32
C THR A 134 62.56 43.66 24.19
N ASN A 135 63.09 43.29 23.02
CA ASN A 135 64.52 43.05 22.86
C ASN A 135 64.99 41.91 23.75
N GLN A 136 64.07 41.07 24.18
CA GLN A 136 64.36 39.94 25.05
C GLN A 136 64.45 38.67 24.23
N THR A 137 65.56 37.98 24.32
CA THR A 137 65.78 36.75 23.57
C THR A 137 64.98 35.62 24.21
N LYS A 138 64.02 35.08 23.46
CA LYS A 138 63.19 33.97 23.92
C LYS A 138 63.76 32.65 23.41
N THR A 139 63.56 31.59 24.20
CA THR A 139 64.09 30.28 23.86
C THR A 139 63.04 29.49 23.08
N ASN A 140 63.32 29.21 21.81
CA ASN A 140 62.43 28.39 21.00
C ASN A 140 62.69 26.91 21.24
N VAL A 141 61.72 26.09 20.86
CA VAL A 141 61.83 24.65 20.88
C VAL A 141 61.88 24.17 19.43
N LYS A 142 63.10 24.00 18.92
CA LYS A 142 63.34 23.49 17.55
C LYS A 142 63.06 22.00 17.24
N GLU A 143 63.51 21.10 18.12
CA GLU A 143 63.29 19.66 17.99
C GLU A 143 63.22 19.04 19.37
N LEU A 144 62.75 17.80 19.41
CA LEU A 144 62.64 17.02 20.64
C LEU A 144 62.14 15.64 20.25
N GLN A 145 62.20 14.70 21.19
CA GLN A 145 61.69 13.36 20.99
C GLN A 145 60.55 13.09 21.96
N TYR A 146 59.56 12.33 21.49
CA TYR A 146 58.34 12.07 22.25
C TYR A 146 58.25 10.56 22.47
N TYR A 147 58.29 10.15 23.74
CA TYR A 147 58.28 8.74 24.12
C TYR A 147 56.84 8.28 24.26
N VAL A 148 56.39 7.42 23.35
CA VAL A 148 55.04 6.89 23.34
C VAL A 148 55.10 5.39 23.58
N GLY A 149 54.22 4.89 24.46
CA GLY A 149 54.18 3.46 24.71
C GLY A 149 53.74 2.69 23.47
N GLN A 150 54.14 1.42 23.41
CA GLN A 150 53.76 0.58 22.29
C GLN A 150 52.33 0.06 22.44
N SER A 151 51.91 -0.25 23.66
CA SER A 151 50.52 -0.67 23.89
C SER A 151 49.55 0.47 23.64
N PHE A 152 50.03 1.71 23.54
CA PHE A 152 49.18 2.85 23.25
C PHE A 152 49.06 3.11 21.76
N ALA A 153 50.18 3.04 21.02
CA ALA A 153 50.13 3.29 19.59
C ALA A 153 49.39 2.17 18.87
N ASN A 154 49.48 0.94 19.38
CA ASN A 154 48.77 -0.17 18.74
C ASN A 154 47.27 -0.06 18.97
N ALA A 155 46.85 0.27 20.19
CA ALA A 155 45.43 0.45 20.47
C ALA A 155 44.86 1.66 19.73
N MET A 156 45.72 2.63 19.42
CA MET A 156 45.27 3.83 18.71
C MET A 156 45.08 3.54 17.22
N TYR A 157 46.16 3.11 16.56
CA TYR A 157 46.05 2.79 15.13
C TYR A 157 45.00 1.72 14.88
N ASN A 158 44.90 0.73 15.76
CA ASN A 158 43.99 -0.39 15.55
C ASN A 158 42.52 0.03 15.65
N ALA A 159 42.22 1.10 16.38
CA ALA A 159 40.85 1.57 16.51
C ALA A 159 40.43 2.52 15.40
N CYS A 160 41.38 3.09 14.66
CA CYS A 160 41.09 4.03 13.59
C CYS A 160 41.30 3.44 12.21
N ARG A 161 41.91 2.27 12.10
CA ARG A 161 42.18 1.71 10.79
C ARG A 161 40.91 1.43 10.01
N ASP A 162 39.78 1.36 10.69
CA ASP A 162 38.54 0.98 10.03
C ASP A 162 37.70 2.17 9.60
N VAL A 163 38.06 3.39 10.02
CA VAL A 163 37.28 4.56 9.68
C VAL A 163 37.33 4.79 8.17
N GLU A 164 36.15 4.82 7.55
CA GLU A 164 36.02 5.08 6.12
C GLU A 164 36.02 6.58 5.85
N ALA A 165 36.39 6.97 4.63
CA ALA A 165 36.41 8.37 4.25
C ALA A 165 35.07 8.82 3.71
N PRO A 166 34.81 10.13 3.69
CA PRO A 166 33.60 10.63 3.07
C PRO A 166 33.78 10.79 1.56
N SER A 167 32.73 10.39 0.83
CA SER A 167 32.74 10.41 -0.64
C SER A 167 33.59 9.26 -1.22
N SER A 168 33.74 8.17 -0.46
CA SER A 168 34.56 7.05 -0.88
C SER A 168 34.32 5.89 0.07
N ASN A 169 34.82 4.71 -0.32
CA ASN A 169 34.78 3.53 0.53
C ASN A 169 36.18 3.13 0.99
N ASP A 170 37.15 4.03 0.86
CA ASP A 170 38.52 3.77 1.27
C ASP A 170 38.61 3.78 2.80
N LYS A 171 39.84 3.59 3.29
CA LYS A 171 40.10 3.79 4.70
C LYS A 171 40.56 5.22 4.94
N ALA A 172 40.14 5.80 6.07
CA ALA A 172 40.46 7.19 6.36
C ALA A 172 41.94 7.41 6.61
N LEU A 173 42.68 6.36 6.96
CA LEU A 173 44.12 6.51 7.16
C LEU A 173 44.85 6.74 5.84
N GLY A 174 44.28 6.26 4.73
CA GLY A 174 44.89 6.51 3.43
C GLY A 174 45.06 7.99 3.13
N LEU A 175 44.18 8.83 3.67
CA LEU A 175 44.25 10.27 3.49
C LEU A 175 44.98 10.97 4.63
N LEU A 176 45.39 10.24 5.66
CA LEU A 176 46.10 10.81 6.80
C LEU A 176 47.46 10.17 7.06
N CYS A 177 47.76 9.03 6.45
CA CYS A 177 49.09 8.44 6.53
C CYS A 177 50.13 9.22 5.75
N GLY A 178 49.76 9.79 4.60
CA GLY A 178 50.72 10.27 3.64
C GLY A 178 51.12 9.24 2.61
N LYS A 179 50.33 8.17 2.45
CA LYS A 179 50.66 7.06 1.58
C LYS A 179 49.45 6.14 1.46
N ASP A 180 49.59 5.03 0.75
CA ASP A 180 48.51 4.06 0.68
C ASP A 180 48.12 3.60 2.08
N ALA A 181 46.84 3.33 2.27
CA ALA A 181 46.33 2.79 3.53
C ALA A 181 46.48 1.27 3.60
N ASP A 182 47.27 0.68 2.71
CA ASP A 182 47.45 -0.76 2.65
C ASP A 182 48.66 -1.24 3.43
N ALA A 183 49.63 -0.36 3.66
CA ALA A 183 50.85 -0.70 4.39
C ALA A 183 51.13 0.31 5.50
N CYS A 184 50.07 0.87 6.07
CA CYS A 184 50.19 1.83 7.17
C CYS A 184 50.44 1.07 8.46
N ASN A 185 51.71 0.95 8.86
CA ASN A 185 52.00 0.42 10.18
C ASN A 185 51.44 1.36 11.24
N ALA A 186 51.43 0.89 12.49
CA ALA A 186 50.99 1.74 13.59
C ALA A 186 52.07 2.72 14.03
N THR A 187 53.33 2.44 13.73
CA THR A 187 54.42 3.30 14.14
C THR A 187 54.74 4.38 13.10
N ASN A 188 54.56 4.09 11.81
CA ASN A 188 54.90 5.07 10.79
C ASN A 188 53.85 6.18 10.71
N TRP A 189 52.60 5.87 11.04
CA TRP A 189 51.55 6.89 10.97
C TRP A 189 51.79 7.99 12.00
N ILE A 190 52.23 7.61 13.21
CA ILE A 190 52.52 8.62 14.22
C ILE A 190 53.73 9.45 13.81
N GLU A 191 54.72 8.83 13.16
CA GLU A 191 55.88 9.60 12.71
C GLU A 191 55.50 10.64 11.68
N TYR A 192 54.58 10.29 10.77
CA TYR A 192 54.17 11.23 9.74
C TYR A 192 53.38 12.41 10.31
N MET A 193 52.59 12.16 11.35
CA MET A 193 51.79 13.25 11.93
C MET A 193 52.68 14.28 12.60
N PHE A 194 53.69 13.84 13.35
CA PHE A 194 54.61 14.75 14.00
C PHE A 194 55.65 15.34 13.05
N ASN A 195 55.79 14.76 11.86
CA ASN A 195 56.78 15.24 10.90
C ASN A 195 56.27 16.47 10.17
N LYS A 196 57.10 17.50 10.11
CA LYS A 196 56.76 18.72 9.38
C LYS A 196 56.80 18.53 7.88
N ASP A 197 57.20 17.35 7.39
CA ASP A 197 57.23 17.10 5.96
C ASP A 197 55.84 17.08 5.35
N ASN A 198 54.79 16.96 6.18
CA ASN A 198 53.44 16.98 5.64
C ASN A 198 52.98 18.41 5.32
N GLY A 199 53.42 19.39 6.10
CA GLY A 199 53.04 20.77 5.90
C GLY A 199 52.20 21.38 6.99
N GLN A 200 51.78 20.57 7.98
CA GLN A 200 50.96 21.05 9.08
C GLN A 200 51.74 21.28 10.36
N ALA A 201 52.60 20.34 10.74
CA ALA A 201 53.35 20.47 11.98
C ALA A 201 54.31 21.65 11.90
N PRO A 202 54.21 22.63 12.79
CA PRO A 202 55.16 23.75 12.76
C PRO A 202 56.58 23.30 13.03
N PHE A 203 56.77 22.19 13.73
CA PHE A 203 58.09 21.62 13.93
C PHE A 203 57.92 20.11 14.14
N THR A 204 58.91 19.35 13.69
CA THR A 204 58.83 17.90 13.68
C THR A 204 59.23 17.33 15.04
N ILE A 205 58.47 16.34 15.50
CA ILE A 205 58.74 15.64 16.75
C ILE A 205 59.09 14.20 16.43
N THR A 206 60.20 13.72 16.98
CA THR A 206 60.65 12.35 16.70
C THR A 206 60.08 11.41 17.74
N PRO A 207 59.09 10.59 17.41
CA PRO A 207 58.53 9.67 18.41
C PRO A 207 59.47 8.51 18.69
N VAL A 208 59.51 8.10 19.95
CA VAL A 208 60.28 6.94 20.40
C VAL A 208 59.32 5.98 21.07
N PHE A 209 59.19 4.78 20.50
CA PHE A 209 58.23 3.79 20.95
C PHE A 209 58.91 2.80 21.87
N SER A 210 58.41 2.69 23.10
CA SER A 210 58.97 1.76 24.08
C SER A 210 58.03 1.61 25.26
N ASP A 211 57.78 0.37 25.68
CA ASP A 211 56.85 0.11 26.78
C ASP A 211 57.52 0.10 28.15
N PHE A 212 58.85 0.17 28.19
CA PHE A 212 59.57 0.09 29.46
C PHE A 212 60.42 1.34 29.66
N PRO A 213 60.59 1.77 30.91
CA PRO A 213 61.34 3.01 31.17
C PRO A 213 62.78 2.88 30.68
N VAL A 214 63.18 3.83 29.83
CA VAL A 214 64.54 3.91 29.31
C VAL A 214 65.06 5.30 29.61
N HIS A 215 66.35 5.39 29.98
CA HIS A 215 66.94 6.66 30.40
C HIS A 215 66.24 7.19 31.65
N GLY A 216 65.76 6.28 32.48
CA GLY A 216 64.90 6.68 33.59
C GLY A 216 63.63 7.37 33.15
N MET A 217 63.28 7.25 31.87
CA MET A 217 62.16 7.96 31.27
C MET A 217 61.19 6.94 30.71
N GLU A 218 59.98 6.87 31.28
CA GLU A 218 58.98 5.90 30.84
C GLU A 218 57.86 6.63 30.11
N PRO A 219 57.49 6.19 28.90
CA PRO A 219 56.49 6.94 28.12
C PRO A 219 55.12 6.92 28.75
N MET A 220 54.18 7.55 28.05
CA MET A 220 52.80 7.72 28.52
C MET A 220 51.93 6.57 28.01
N ASN A 221 51.09 6.05 28.89
CA ASN A 221 50.05 5.08 28.52
C ASN A 221 48.82 5.35 29.39
N ASN A 222 47.94 6.20 28.86
CA ASN A 222 46.66 6.55 29.47
C ASN A 222 45.58 5.56 29.01
N ALA A 223 44.39 5.62 29.59
CA ALA A 223 43.34 4.69 29.20
C ALA A 223 43.08 4.81 27.71
N THR A 224 42.71 3.69 27.11
CA THR A 224 42.43 3.62 25.68
C THR A 224 41.10 2.95 25.42
N LYS A 225 40.43 3.35 24.34
CA LYS A 225 39.14 2.79 23.97
C LYS A 225 39.11 2.33 22.51
N GLY A 226 38.52 1.17 22.27
CA GLY A 226 38.42 0.63 20.92
C GLY A 226 37.14 1.05 20.23
N CYS A 227 37.04 0.64 18.97
CA CYS A 227 35.87 1.02 18.18
C CYS A 227 34.58 0.38 18.68
N ASP A 228 34.67 -0.57 19.62
CA ASP A 228 33.49 -1.20 20.18
C ASP A 228 33.07 -0.59 21.50
N GLU A 229 34.03 -0.21 22.33
CA GLU A 229 33.74 0.42 23.61
C GLU A 229 33.33 1.88 23.43
N SER A 230 32.39 2.36 24.25
CA SER A 230 31.95 3.74 24.21
C SER A 230 32.76 4.58 25.17
N VAL A 231 33.01 5.84 24.80
CA VAL A 231 33.86 6.71 25.60
C VAL A 231 33.10 7.23 26.81
N ASP A 232 31.82 7.55 26.60
CA ASP A 232 30.94 8.10 27.63
C ASP A 232 29.56 7.45 27.62
N GLU A 233 28.83 7.53 28.73
CA GLU A 233 27.51 6.92 28.83
C GLU A 233 26.48 7.61 27.94
N VAL A 234 26.92 8.50 27.06
CA VAL A 234 26.01 9.16 26.13
C VAL A 234 26.47 9.10 24.68
N THR A 235 27.73 8.73 24.41
CA THR A 235 28.25 8.63 23.06
C THR A 235 28.13 7.17 22.62
N ALA A 236 27.26 6.94 21.64
CA ALA A 236 27.04 5.57 21.18
C ALA A 236 28.33 4.98 20.63
N PRO A 237 28.47 3.66 20.66
CA PRO A 237 29.67 3.02 20.11
C PRO A 237 29.78 3.28 18.62
N CYS A 238 30.91 2.85 18.07
CA CYS A 238 31.18 3.06 16.64
C CYS A 238 30.34 2.10 15.81
N SER A 239 30.12 2.49 14.56
CA SER A 239 29.32 1.69 13.63
C SER A 239 30.20 0.64 12.95
N CYS A 240 29.58 -0.41 12.43
CA CYS A 240 30.41 -1.48 11.87
C CYS A 240 30.93 -1.11 10.48
N GLN A 241 30.47 0.04 10.00
CA GLN A 241 31.00 0.60 8.81
C GLN A 241 32.45 1.02 9.12
N ASP A 242 32.67 1.49 10.35
CA ASP A 242 33.95 2.04 10.78
C ASP A 242 34.68 1.15 11.77
N CYS A 243 34.14 -0.03 12.08
CA CYS A 243 34.80 -0.99 12.96
C CYS A 243 34.43 -2.39 12.49
N SER A 244 35.44 -3.26 12.35
CA SER A 244 35.19 -4.60 11.86
C SER A 244 34.73 -5.57 12.95
N ILE A 245 34.95 -5.23 14.21
CA ILE A 245 34.66 -6.17 15.29
C ILE A 245 33.24 -6.02 15.81
N VAL A 246 32.58 -4.90 15.53
CA VAL A 246 31.29 -4.60 16.13
C VAL A 246 30.17 -5.32 15.39
N CYS A 247 30.43 -5.79 14.18
CA CYS A 247 29.37 -6.13 13.24
C CYS A 247 29.41 -7.63 12.97
N GLY A 248 28.34 -8.32 13.35
CA GLY A 248 28.36 -9.76 13.35
C GLY A 248 27.47 -10.45 12.32
N PRO A 249 26.84 -11.55 12.71
CA PRO A 249 26.04 -12.33 11.76
C PRO A 249 24.76 -11.59 11.39
N LYS A 250 24.43 -11.65 10.11
CA LYS A 250 23.25 -10.96 9.62
C LYS A 250 21.99 -11.65 10.14
N PRO A 251 20.85 -10.96 10.13
CA PRO A 251 19.59 -11.58 10.52
C PRO A 251 18.99 -12.38 9.37
N GLN A 252 18.09 -13.30 9.74
CA GLN A 252 17.50 -14.19 8.75
C GLN A 252 16.14 -14.69 9.24
N PRO A 253 15.11 -14.63 8.40
CA PRO A 253 13.83 -15.24 8.74
C PRO A 253 13.74 -16.66 8.20
N PRO A 254 12.89 -17.50 8.79
CA PRO A 254 12.67 -18.83 8.23
C PRO A 254 11.56 -18.79 7.20
N PRO A 255 11.83 -19.19 5.96
CA PRO A 255 10.78 -19.19 4.93
C PRO A 255 9.94 -20.45 4.99
N PRO A 256 8.71 -20.37 5.47
CA PRO A 256 7.81 -21.52 5.42
C PRO A 256 6.98 -21.51 4.16
N PRO A 257 7.01 -22.59 3.37
CA PRO A 257 6.08 -22.69 2.24
C PRO A 257 4.71 -23.20 2.66
N ALA A 258 4.67 -24.08 3.66
CA ALA A 258 3.47 -24.73 4.16
C ALA A 258 2.69 -25.47 3.06
N PRO A 259 3.35 -26.21 2.19
CA PRO A 259 2.63 -27.14 1.32
C PRO A 259 2.63 -28.54 1.91
N TRP A 260 1.49 -29.23 1.79
CA TRP A 260 1.41 -30.58 2.34
C TRP A 260 2.25 -31.56 1.53
N THR A 261 2.02 -31.63 0.22
CA THR A 261 2.79 -32.49 -0.67
C THR A 261 2.95 -33.90 -0.07
N ILE A 262 1.80 -34.58 0.04
CA ILE A 262 1.75 -35.88 0.71
C ILE A 262 2.84 -36.80 0.17
N LEU A 263 2.80 -37.11 -1.13
CA LEU A 263 3.76 -38.02 -1.72
C LEU A 263 4.50 -37.41 -2.90
N GLY A 264 4.45 -36.10 -3.07
CA GLY A 264 5.18 -35.45 -4.16
C GLY A 264 4.42 -34.31 -4.80
N LEU A 265 3.09 -34.39 -4.79
CA LEU A 265 2.25 -33.36 -5.38
C LEU A 265 1.48 -32.63 -4.29
N ASP A 266 0.60 -31.70 -4.72
CA ASP A 266 0.03 -30.69 -3.84
C ASP A 266 -0.65 -31.26 -2.60
N ALA A 267 -0.90 -32.57 -2.53
CA ALA A 267 -1.49 -33.18 -1.35
C ALA A 267 -2.96 -32.84 -1.21
N MET A 268 -3.45 -31.94 -2.08
CA MET A 268 -4.89 -31.77 -2.28
C MET A 268 -5.34 -32.32 -3.61
N TYR A 269 -4.49 -32.19 -4.64
CA TYR A 269 -4.70 -32.94 -5.88
C TYR A 269 -4.79 -34.44 -5.59
N VAL A 270 -4.18 -34.89 -4.50
CA VAL A 270 -4.11 -36.31 -4.20
C VAL A 270 -5.22 -36.76 -3.24
N ILE A 271 -5.53 -35.95 -2.22
CA ILE A 271 -6.60 -36.32 -1.30
C ILE A 271 -7.91 -36.50 -2.05
N MET A 272 -8.10 -35.77 -3.15
CA MET A 272 -9.34 -35.88 -3.91
C MET A 272 -9.30 -37.08 -4.84
N TRP A 273 -8.27 -37.15 -5.70
CA TRP A 273 -8.14 -38.28 -6.61
C TRP A 273 -8.24 -39.61 -5.86
N ILE A 274 -7.85 -39.62 -4.58
CA ILE A 274 -8.08 -40.79 -3.74
C ILE A 274 -9.50 -40.82 -3.18
N THR A 275 -10.10 -39.65 -3.00
CA THR A 275 -11.49 -39.55 -2.60
C THR A 275 -12.43 -39.98 -3.72
N TYR A 276 -11.98 -39.80 -4.96
CA TYR A 276 -12.80 -40.06 -6.14
C TYR A 276 -12.76 -41.52 -6.58
N MET A 277 -11.56 -42.10 -6.57
CA MET A 277 -11.38 -43.48 -7.00
C MET A 277 -12.23 -44.33 -6.08
N ALA A 278 -12.28 -43.94 -4.81
CA ALA A 278 -13.10 -44.64 -3.85
C ALA A 278 -14.57 -44.54 -4.25
N PHE A 279 -14.99 -43.36 -4.68
CA PHE A 279 -16.37 -43.15 -5.09
C PHE A 279 -16.81 -43.99 -6.27
N LEU A 280 -15.99 -44.09 -7.32
CA LEU A 280 -16.38 -44.88 -8.47
C LEU A 280 -16.45 -46.37 -8.15
N LEU A 281 -15.63 -46.86 -7.22
CA LEU A 281 -15.69 -48.27 -6.86
C LEU A 281 -16.84 -48.54 -5.90
N VAL A 282 -17.02 -47.68 -4.91
CA VAL A 282 -18.15 -47.85 -4.00
C VAL A 282 -19.45 -47.46 -4.68
N PHE A 283 -19.38 -46.73 -5.80
CA PHE A 283 -20.58 -46.37 -6.55
C PHE A 283 -20.85 -47.37 -7.67
N PHE A 284 -19.90 -47.54 -8.58
CA PHE A 284 -20.03 -48.56 -9.61
C PHE A 284 -19.88 -49.97 -9.05
N GLY A 285 -19.57 -50.11 -7.76
CA GLY A 285 -19.51 -51.41 -7.13
C GLY A 285 -20.80 -51.86 -6.48
N ALA A 286 -21.82 -51.01 -6.51
CA ALA A 286 -23.15 -51.37 -6.03
C ALA A 286 -24.11 -51.69 -7.17
N PHE A 287 -23.99 -51.00 -8.30
CA PHE A 287 -24.81 -51.32 -9.46
C PHE A 287 -24.40 -52.66 -10.06
N PHE A 288 -23.14 -52.77 -10.48
CA PHE A 288 -22.64 -54.06 -10.97
C PHE A 288 -22.72 -55.13 -9.91
N ALA A 289 -22.85 -54.75 -8.64
CA ALA A 289 -23.11 -55.75 -7.59
C ALA A 289 -24.57 -56.15 -7.59
N VAL A 290 -25.47 -55.19 -7.72
CA VAL A 290 -26.89 -55.50 -7.79
C VAL A 290 -27.31 -55.89 -9.19
N TRP A 291 -26.79 -55.20 -10.22
CA TRP A 291 -27.07 -55.61 -11.59
C TRP A 291 -26.83 -57.09 -11.81
N CYS A 292 -25.85 -57.66 -11.09
CA CYS A 292 -25.67 -59.10 -11.07
C CYS A 292 -26.61 -59.77 -10.08
N TYR A 293 -27.13 -59.02 -9.10
CA TYR A 293 -28.06 -59.60 -8.14
C TYR A 293 -29.36 -60.02 -8.82
N ARG A 294 -29.90 -59.16 -9.69
CA ARG A 294 -31.12 -59.50 -10.41
C ARG A 294 -30.89 -60.60 -11.45
N LYS A 295 -29.64 -60.93 -11.74
CA LYS A 295 -29.31 -61.99 -12.69
C LYS A 295 -28.91 -63.26 -11.96
N PRO A 326 -50.46 -33.54 7.43
CA PRO A 326 -51.81 -33.01 7.31
C PRO A 326 -51.80 -31.48 7.23
N VAL A 327 -50.77 -30.87 7.81
CA VAL A 327 -50.66 -29.42 7.79
C VAL A 327 -50.07 -28.92 6.47
N SER A 328 -49.29 -29.76 5.78
CA SER A 328 -48.72 -29.35 4.51
C SER A 328 -49.80 -29.11 3.47
N ALA A 329 -50.73 -30.07 3.32
CA ALA A 329 -51.82 -29.89 2.38
C ALA A 329 -52.71 -28.72 2.76
N ALA A 330 -52.70 -28.33 4.03
CA ALA A 330 -53.49 -27.18 4.46
C ALA A 330 -52.85 -25.87 4.02
N PHE A 331 -51.53 -25.84 3.88
CA PHE A 331 -50.84 -24.64 3.42
C PHE A 331 -50.58 -24.63 1.92
N GLU A 332 -50.54 -25.81 1.31
CA GLU A 332 -50.33 -25.90 -0.13
C GLU A 332 -51.63 -25.82 -0.91
N GLY A 333 -52.75 -25.72 -0.19
CA GLY A 333 -54.06 -25.68 -0.82
C GLY A 333 -54.69 -24.30 -0.73
N CYS A 334 -54.42 -23.58 0.36
CA CYS A 334 -54.93 -22.22 0.47
C CYS A 334 -54.19 -21.28 -0.48
N LEU A 335 -52.92 -21.57 -0.77
CA LEU A 335 -52.17 -20.78 -1.72
C LEU A 335 -52.74 -20.91 -3.13
N ARG A 336 -52.99 -22.15 -3.57
CA ARG A 336 -53.61 -22.37 -4.86
C ARG A 336 -54.94 -21.63 -4.98
N ARG A 337 -55.78 -21.71 -3.94
CA ARG A 337 -57.08 -21.07 -3.99
C ARG A 337 -56.96 -19.55 -4.02
N LEU A 338 -56.09 -18.99 -3.18
CA LEU A 338 -55.87 -17.56 -3.18
C LEU A 338 -55.40 -17.07 -4.54
N PHE A 339 -54.42 -17.77 -5.13
CA PHE A 339 -53.88 -17.33 -6.40
C PHE A 339 -54.90 -17.49 -7.53
N THR A 340 -55.71 -18.55 -7.49
CA THR A 340 -56.76 -18.70 -8.49
C THR A 340 -57.76 -17.56 -8.41
N ARG A 341 -58.26 -17.28 -7.20
CA ARG A 341 -59.24 -16.21 -7.05
C ARG A 341 -58.66 -14.88 -7.49
N TRP A 342 -57.42 -14.58 -7.09
CA TRP A 342 -56.85 -13.28 -7.44
C TRP A 342 -56.53 -13.20 -8.92
N GLY A 343 -56.16 -14.32 -9.56
CA GLY A 343 -55.94 -14.30 -10.98
C GLY A 343 -57.21 -14.03 -11.75
N SER A 344 -58.32 -14.65 -11.34
CA SER A 344 -59.60 -14.34 -11.97
C SER A 344 -59.97 -12.88 -11.77
N PHE A 345 -59.79 -12.38 -10.55
CA PHE A 345 -60.05 -10.97 -10.26
C PHE A 345 -59.24 -10.06 -11.19
N CYS A 346 -57.94 -10.31 -11.31
CA CYS A 346 -57.09 -9.48 -12.14
C CYS A 346 -57.40 -9.64 -13.63
N VAL A 347 -57.95 -10.77 -14.04
CA VAL A 347 -58.29 -10.94 -15.45
C VAL A 347 -59.60 -10.24 -15.77
N ARG A 348 -60.46 -10.04 -14.77
CA ARG A 348 -61.73 -9.35 -15.01
C ARG A 348 -61.73 -7.90 -14.50
N ASN A 349 -60.60 -7.41 -13.97
CA ASN A 349 -60.50 -6.01 -13.60
C ASN A 349 -59.22 -5.36 -14.10
N PRO A 350 -58.95 -5.48 -15.41
CA PRO A 350 -57.67 -4.98 -15.93
C PRO A 350 -57.48 -3.49 -15.76
N GLY A 351 -58.53 -2.70 -15.99
CA GLY A 351 -58.37 -1.25 -15.87
C GLY A 351 -57.91 -0.84 -14.49
N CYS A 352 -58.66 -1.25 -13.46
CA CYS A 352 -58.29 -0.90 -12.09
C CYS A 352 -56.89 -1.42 -11.76
N VAL A 353 -56.62 -2.69 -12.07
CA VAL A 353 -55.33 -3.26 -11.71
C VAL A 353 -54.20 -2.48 -12.35
N ILE A 354 -54.26 -2.30 -13.67
CA ILE A 354 -53.17 -1.65 -14.39
C ILE A 354 -53.01 -0.20 -13.94
N PHE A 355 -54.12 0.49 -13.70
CA PHE A 355 -54.01 1.89 -13.29
C PHE A 355 -53.35 2.02 -11.92
N PHE A 356 -53.82 1.24 -10.94
CA PHE A 356 -53.20 1.33 -9.62
C PHE A 356 -51.74 0.90 -9.67
N SER A 357 -51.40 -0.09 -10.50
CA SER A 357 -50.02 -0.54 -10.58
C SER A 357 -49.14 0.52 -11.23
N LEU A 358 -49.65 1.21 -12.26
CA LEU A 358 -48.90 2.29 -12.87
C LEU A 358 -48.70 3.44 -11.89
N VAL A 359 -49.73 3.76 -11.12
CA VAL A 359 -49.60 4.82 -10.11
C VAL A 359 -48.52 4.45 -9.09
N PHE A 360 -48.52 3.19 -8.65
CA PHE A 360 -47.47 2.74 -7.74
C PHE A 360 -46.09 2.84 -8.39
N ILE A 361 -45.98 2.39 -9.65
CA ILE A 361 -44.71 2.46 -10.35
C ILE A 361 -44.19 3.89 -10.38
N THR A 362 -45.06 4.84 -10.72
CA THR A 362 -44.61 6.23 -10.81
C THR A 362 -44.24 6.77 -9.43
N ALA A 363 -45.09 6.51 -8.43
CA ALA A 363 -44.80 6.99 -7.08
C ALA A 363 -43.47 6.46 -6.56
N CYS A 364 -43.10 5.24 -6.95
CA CYS A 364 -41.84 4.66 -6.46
C CYS A 364 -40.64 5.06 -7.31
N SER A 365 -40.81 5.15 -8.62
CA SER A 365 -39.70 5.43 -9.54
C SER A 365 -39.46 6.91 -9.76
N SER A 366 -40.30 7.79 -9.21
CA SER A 366 -40.03 9.22 -9.32
C SER A 366 -38.93 9.68 -8.37
N GLY A 367 -38.52 8.83 -7.44
CA GLY A 367 -37.40 9.12 -6.56
C GLY A 367 -36.04 9.12 -7.22
N LEU A 368 -35.96 8.78 -8.50
CA LEU A 368 -34.71 8.84 -9.22
C LEU A 368 -34.19 10.27 -9.38
N VAL A 369 -34.98 11.26 -8.98
CA VAL A 369 -34.50 12.64 -9.01
C VAL A 369 -33.43 12.85 -7.96
N PHE A 370 -33.51 12.11 -6.85
CA PHE A 370 -32.53 12.20 -5.78
C PHE A 370 -31.41 11.18 -5.92
N VAL A 371 -31.13 10.72 -7.14
CA VAL A 371 -30.19 9.63 -7.33
C VAL A 371 -28.76 10.11 -7.11
N ARG A 372 -28.03 9.41 -6.25
CA ARG A 372 -26.62 9.68 -5.98
C ARG A 372 -25.80 8.47 -6.37
N VAL A 373 -24.64 8.71 -6.97
CA VAL A 373 -23.71 7.65 -7.37
C VAL A 373 -22.43 7.80 -6.57
N THR A 374 -21.95 6.71 -6.00
CA THR A 374 -20.72 6.72 -5.23
C THR A 374 -19.54 6.36 -6.12
N THR A 375 -18.58 7.27 -6.22
CA THR A 375 -17.37 7.04 -6.99
C THR A 375 -16.08 7.21 -6.19
N ASN A 376 -16.13 7.84 -5.03
CA ASN A 376 -14.94 7.97 -4.22
C ASN A 376 -14.45 6.59 -3.76
N PRO A 377 -13.23 6.19 -4.13
CA PRO A 377 -12.79 4.83 -3.81
C PRO A 377 -12.78 4.51 -2.33
N VAL A 378 -12.55 5.50 -1.47
CA VAL A 378 -12.53 5.23 -0.03
C VAL A 378 -13.91 4.75 0.43
N ASP A 379 -14.97 5.47 0.02
CA ASP A 379 -16.32 5.05 0.39
C ASP A 379 -16.69 3.73 -0.25
N LEU A 380 -16.16 3.43 -1.44
CA LEU A 380 -16.48 2.18 -2.11
C LEU A 380 -15.87 0.99 -1.38
N TRP A 381 -14.56 1.02 -1.16
CA TRP A 381 -13.83 -0.16 -0.70
C TRP A 381 -13.55 -0.17 0.79
N SER A 382 -13.97 0.84 1.54
CA SER A 382 -13.65 0.93 2.96
C SER A 382 -14.93 1.00 3.77
N ALA A 383 -15.04 0.17 4.81
CA ALA A 383 -16.15 0.26 5.72
C ALA A 383 -16.05 1.54 6.54
N PRO A 384 -17.18 2.19 6.82
CA PRO A 384 -17.11 3.49 7.51
C PRO A 384 -16.50 3.43 8.89
N SER A 385 -16.37 2.24 9.48
CA SER A 385 -15.87 2.10 10.84
C SER A 385 -14.81 1.00 10.95
N SER A 386 -14.08 0.73 9.88
CA SER A 386 -13.04 -0.27 9.94
C SER A 386 -11.81 0.27 10.67
N GLN A 387 -10.92 -0.63 11.05
CA GLN A 387 -9.71 -0.23 11.76
C GLN A 387 -8.88 0.73 10.93
N ALA A 388 -8.67 0.41 9.64
CA ALA A 388 -7.89 1.29 8.79
C ALA A 388 -8.59 2.62 8.55
N ARG A 389 -9.92 2.62 8.49
CA ARG A 389 -10.64 3.88 8.31
C ARG A 389 -10.52 4.77 9.54
N LEU A 390 -10.59 4.17 10.73
CA LEU A 390 -10.39 4.95 11.95
C LEU A 390 -8.96 5.44 12.08
N GLU A 391 -7.99 4.62 11.66
CA GLU A 391 -6.60 5.07 11.69
C GLU A 391 -6.36 6.23 10.72
N LYS A 392 -6.99 6.17 9.54
CA LYS A 392 -6.86 7.27 8.60
C LYS A 392 -7.54 8.54 9.12
N GLU A 393 -8.65 8.37 9.81
CA GLU A 393 -9.34 9.48 10.43
C GLU A 393 -8.47 10.10 11.50
N TYR A 394 -7.74 9.27 12.24
CA TYR A 394 -6.88 9.75 13.31
C TYR A 394 -5.64 10.45 12.77
N PHE A 395 -5.09 9.92 11.69
CA PHE A 395 -3.88 10.52 11.12
C PHE A 395 -4.20 11.83 10.42
N ASP A 396 -5.32 11.90 9.70
CA ASP A 396 -5.67 13.13 9.01
C ASP A 396 -6.04 14.25 9.96
N GLN A 397 -6.39 13.94 11.20
CA GLN A 397 -6.83 14.96 12.14
C GLN A 397 -5.65 15.60 12.87
N HIS A 398 -4.65 14.80 13.23
CA HIS A 398 -3.52 15.28 14.01
C HIS A 398 -2.32 15.68 13.16
N PHE A 399 -2.17 15.11 11.97
CA PHE A 399 -1.01 15.39 11.13
C PHE A 399 -1.36 15.91 9.75
N GLY A 400 -2.63 16.07 9.43
CA GLY A 400 -3.03 16.46 8.09
C GLY A 400 -2.90 15.31 7.12
N PRO A 401 -3.71 15.34 6.06
CA PRO A 401 -3.74 14.19 5.14
C PRO A 401 -2.41 14.00 4.42
N PHE A 402 -2.21 12.77 3.94
CA PHE A 402 -1.04 12.44 3.15
C PHE A 402 -1.08 13.20 1.82
N PHE A 403 0.09 13.57 1.33
CA PHE A 403 0.19 14.47 0.19
C PHE A 403 -0.05 13.72 -1.12
N ARG A 404 -0.09 14.47 -2.21
CA ARG A 404 -0.28 13.94 -3.55
C ARG A 404 1.05 13.97 -4.29
N THR A 405 1.42 12.85 -4.91
CA THR A 405 2.73 12.67 -5.51
C THR A 405 2.62 12.59 -7.03
N GLU A 406 3.48 13.34 -7.71
CA GLU A 406 3.60 13.32 -9.17
C GLU A 406 5.04 12.91 -9.49
N GLN A 407 5.25 11.64 -9.80
CA GLN A 407 6.60 11.16 -10.05
C GLN A 407 6.95 11.24 -11.53
N LEU A 408 8.22 10.95 -11.83
CA LEU A 408 8.75 11.03 -13.18
C LEU A 408 9.99 10.15 -13.26
N ILE A 409 9.93 9.06 -14.02
CA ILE A 409 11.06 8.13 -14.12
C ILE A 409 11.76 8.41 -15.44
N ILE A 410 12.75 9.30 -15.39
CA ILE A 410 13.50 9.67 -16.59
C ILE A 410 14.61 8.65 -16.83
N ARG A 411 14.95 8.44 -18.10
CA ARG A 411 16.00 7.50 -18.47
C ARG A 411 16.65 8.00 -19.75
N ALA A 412 17.96 7.79 -19.86
CA ALA A 412 18.71 8.16 -21.05
C ALA A 412 19.10 6.91 -21.81
N PRO A 413 18.36 6.54 -22.86
CA PRO A 413 18.66 5.29 -23.56
C PRO A 413 19.83 5.41 -24.51
N LEU A 414 20.04 6.59 -25.08
CA LEU A 414 21.10 6.78 -26.08
C LEU A 414 22.49 6.86 -25.47
N THR A 415 22.65 7.50 -24.31
CA THR A 415 23.98 7.68 -23.74
C THR A 415 24.48 6.38 -23.12
N ASP A 416 25.79 6.25 -23.04
CA ASP A 416 26.45 5.09 -22.46
C ASP A 416 27.13 5.48 -21.15
N LYS A 417 27.38 4.48 -20.31
CA LYS A 417 28.04 4.73 -19.04
C LYS A 417 29.50 5.12 -19.26
N HIS A 418 30.01 5.96 -18.37
CA HIS A 418 31.37 6.47 -18.47
C HIS A 418 32.07 6.27 -17.13
N ILE A 419 33.39 6.40 -17.14
CA ILE A 419 34.23 6.11 -15.98
C ILE A 419 34.71 7.42 -15.36
N TYR A 420 34.79 7.44 -14.04
CA TYR A 420 35.28 8.58 -13.29
C TYR A 420 36.58 8.20 -12.59
N GLN A 421 37.63 8.97 -12.82
CA GLN A 421 38.87 8.66 -12.16
C GLN A 421 39.27 9.78 -11.21
N PRO A 422 39.31 9.47 -9.91
CA PRO A 422 39.78 10.45 -8.93
C PRO A 422 41.22 10.86 -9.22
N TYR A 423 41.52 12.14 -9.02
CA TYR A 423 42.85 12.65 -9.37
C TYR A 423 43.93 12.10 -8.47
N PRO A 424 43.93 12.37 -7.16
CA PRO A 424 45.05 11.91 -6.31
C PRO A 424 45.29 10.42 -6.44
N SER A 425 44.27 9.61 -6.16
CA SER A 425 44.35 8.17 -6.30
C SER A 425 42.98 7.59 -5.96
N GLY A 426 42.79 6.34 -6.37
CA GLY A 426 41.54 5.66 -6.12
C GLY A 426 41.06 4.84 -7.30
N ALA A 427 40.31 3.78 -7.03
CA ALA A 427 39.81 2.93 -8.10
C ALA A 427 38.79 3.68 -8.95
N ASP A 428 38.65 3.23 -10.19
CA ASP A 428 37.71 3.81 -11.14
C ASP A 428 36.27 3.65 -10.66
N VAL A 429 35.44 4.64 -10.96
CA VAL A 429 34.04 4.63 -10.51
C VAL A 429 33.17 4.85 -11.74
N PRO A 430 32.41 3.86 -12.19
CA PRO A 430 31.56 4.04 -13.36
C PRO A 430 30.22 4.65 -13.01
N PHE A 431 29.74 5.50 -13.92
CA PHE A 431 28.47 6.20 -13.74
C PHE A 431 27.48 5.74 -14.80
N GLY A 432 26.23 5.56 -14.38
CA GLY A 432 25.18 5.16 -15.27
C GLY A 432 24.98 6.17 -16.39
N PRO A 433 24.13 5.82 -17.35
CA PRO A 433 23.88 6.73 -18.48
C PRO A 433 23.24 8.02 -18.02
N PRO A 434 22.17 7.97 -17.21
CA PRO A 434 21.46 9.21 -16.87
C PRO A 434 22.27 10.16 -16.02
N LEU A 435 23.36 9.72 -15.41
CA LEU A 435 24.20 10.58 -14.58
C LEU A 435 25.28 11.29 -15.40
N ASP A 436 25.04 11.41 -16.70
CA ASP A 436 25.92 12.15 -17.60
C ASP A 436 25.66 13.64 -17.37
N ILE A 437 26.62 14.49 -17.72
CA ILE A 437 26.45 15.93 -17.49
C ILE A 437 25.39 16.50 -18.44
N GLN A 438 25.40 16.07 -19.70
CA GLN A 438 24.42 16.57 -20.65
C GLN A 438 23.01 16.16 -20.27
N ILE A 439 22.84 14.89 -19.89
CA ILE A 439 21.52 14.43 -19.49
C ILE A 439 21.07 15.13 -18.21
N LEU A 440 22.01 15.44 -17.32
CA LEU A 440 21.64 16.16 -16.10
C LEU A 440 21.20 17.58 -16.42
N HIS A 441 21.86 18.24 -17.37
CA HIS A 441 21.41 19.56 -17.80
C HIS A 441 20.03 19.50 -18.42
N GLN A 442 19.78 18.49 -19.25
CA GLN A 442 18.47 18.39 -19.89
C GLN A 442 17.37 18.08 -18.89
N VAL A 443 17.67 17.26 -17.88
CA VAL A 443 16.67 16.99 -16.84
C VAL A 443 16.44 18.23 -15.99
N LEU A 444 17.48 19.02 -15.75
CA LEU A 444 17.29 20.28 -15.03
C LEU A 444 16.41 21.23 -15.81
N ASP A 445 16.58 21.24 -17.13
CA ASP A 445 15.76 22.06 -18.02
C ASP A 445 14.30 21.61 -17.98
N LEU A 446 14.08 20.30 -18.00
CA LEU A 446 12.73 19.74 -17.90
C LEU A 446 12.08 20.10 -16.57
N GLN A 447 12.84 20.05 -15.48
CA GLN A 447 12.28 20.35 -14.17
C GLN A 447 11.94 21.83 -14.03
N ILE A 448 12.87 22.70 -14.43
CA ILE A 448 12.61 24.14 -14.39
C ILE A 448 11.39 24.49 -15.24
N ALA A 449 11.17 23.75 -16.33
CA ALA A 449 9.97 23.97 -17.13
C ALA A 449 8.73 23.45 -16.42
N ILE A 450 8.85 22.32 -15.72
CA ILE A 450 7.73 21.81 -14.94
C ILE A 450 7.33 22.81 -13.87
N GLU A 451 8.26 23.67 -13.44
CA GLU A 451 7.89 24.69 -12.46
C GLU A 451 7.11 25.84 -13.09
N ASN A 452 7.38 26.16 -14.37
CA ASN A 452 6.59 27.15 -15.09
C ASN A 452 5.09 26.93 -14.95
N ILE A 453 4.61 25.70 -15.15
CA ILE A 453 3.20 25.41 -15.40
C ILE A 453 2.30 26.21 -14.49
N THR A 454 1.29 26.85 -15.07
CA THR A 454 0.39 27.74 -14.35
C THR A 454 -1.02 27.18 -14.19
N ALA A 455 -1.61 26.60 -15.23
CA ALA A 455 -2.87 25.85 -15.12
C ALA A 455 -3.96 26.71 -14.47
N SER A 456 -4.31 27.77 -15.19
CA SER A 456 -5.36 28.69 -14.72
C SER A 456 -6.62 27.92 -14.33
N TYR A 457 -7.24 28.36 -13.23
CA TYR A 457 -8.45 27.72 -12.73
C TYR A 457 -9.33 28.76 -12.05
N ASP A 458 -10.62 28.73 -12.35
CA ASP A 458 -11.61 29.59 -11.73
C ASP A 458 -11.28 31.07 -11.96
N ASN A 459 -10.70 31.37 -13.13
CA ASN A 459 -10.36 32.74 -13.50
C ASN A 459 -9.14 33.25 -12.73
N GLU A 460 -8.39 32.30 -12.14
CA GLU A 460 -7.17 32.59 -11.39
C GLU A 460 -6.08 31.57 -11.76
N THR A 461 -4.82 31.98 -11.64
CA THR A 461 -3.71 31.10 -11.97
C THR A 461 -3.36 30.23 -10.76
N VAL A 462 -2.86 29.03 -11.03
CA VAL A 462 -2.58 28.04 -9.99
C VAL A 462 -1.17 27.50 -10.24
N THR A 463 -0.17 28.11 -9.62
CA THR A 463 1.21 27.73 -9.82
C THR A 463 1.63 26.65 -8.83
N LEU A 464 2.62 25.85 -9.26
CA LEU A 464 3.21 24.88 -8.35
C LEU A 464 3.62 25.55 -7.05
N GLN A 465 4.35 26.67 -7.14
CA GLN A 465 4.70 27.42 -5.94
C GLN A 465 3.48 27.66 -5.04
N ASP A 466 2.29 27.62 -5.60
CA ASP A 466 1.06 27.86 -4.85
C ASP A 466 0.45 26.59 -4.28
N ILE A 467 0.54 25.47 -5.00
CA ILE A 467 -0.11 24.23 -4.56
C ILE A 467 0.83 23.27 -3.82
N CYS A 468 2.10 23.22 -4.17
CA CYS A 468 3.04 22.30 -3.53
C CYS A 468 3.22 22.67 -2.06
N LEU A 469 3.96 21.82 -1.34
CA LEU A 469 4.15 21.97 0.09
C LEU A 469 5.59 22.36 0.39
N ALA A 470 5.77 23.37 1.24
CA ALA A 470 7.07 23.79 1.70
C ALA A 470 7.16 23.54 3.20
N PRO A 471 8.04 22.64 3.66
CA PRO A 471 8.03 22.29 5.08
C PRO A 471 8.31 23.46 6.00
N LEU A 472 9.43 24.16 5.78
CA LEU A 472 9.82 25.29 6.62
C LEU A 472 9.43 26.57 5.92
N SER A 473 8.19 26.99 6.13
CA SER A 473 7.61 28.19 5.55
C SER A 473 6.96 29.00 6.67
N PRO A 474 6.81 30.32 6.49
CA PRO A 474 7.14 31.10 5.29
C PRO A 474 8.57 31.61 5.24
N TYR A 475 9.44 31.10 6.11
CA TYR A 475 10.85 31.47 6.04
C TYR A 475 11.44 31.13 4.68
N ASN A 476 11.41 29.85 4.32
CA ASN A 476 11.82 29.36 3.01
C ASN A 476 10.56 28.81 2.35
N THR A 477 10.30 29.22 1.12
CA THR A 477 9.04 28.89 0.49
C THR A 477 9.17 28.17 -0.84
N ASN A 478 10.33 27.64 -1.21
CA ASN A 478 10.45 27.20 -2.59
C ASN A 478 9.45 26.08 -2.89
N CYS A 479 9.83 24.84 -2.61
CA CYS A 479 8.99 23.78 -2.07
C CYS A 479 9.73 22.46 -2.28
N THR A 480 9.20 21.36 -1.73
CA THR A 480 9.86 20.06 -1.79
C THR A 480 9.81 19.50 -3.21
N ILE A 481 10.97 19.41 -3.86
CA ILE A 481 11.15 18.68 -5.10
C ILE A 481 12.25 17.65 -4.88
N LEU A 482 11.92 16.37 -5.05
CA LEU A 482 12.84 15.27 -4.74
C LEU A 482 13.47 14.75 -6.02
N SER A 483 14.51 15.44 -6.47
CA SER A 483 15.30 14.98 -7.60
C SER A 483 16.77 14.97 -7.21
N VAL A 484 17.60 14.36 -8.08
CA VAL A 484 19.04 14.34 -7.85
C VAL A 484 19.68 15.67 -8.19
N LEU A 485 18.95 16.58 -8.81
CA LEU A 485 19.46 17.93 -9.08
C LEU A 485 19.40 18.81 -7.84
N ASN A 486 18.71 18.38 -6.79
CA ASN A 486 18.70 19.15 -5.55
C ASN A 486 20.04 19.08 -4.83
N TYR A 487 20.82 18.03 -5.04
CA TYR A 487 22.19 18.01 -4.54
C TYR A 487 22.98 19.20 -5.04
N PHE A 488 22.68 19.70 -6.24
CA PHE A 488 23.30 20.88 -6.80
C PHE A 488 22.39 22.09 -6.73
N GLN A 489 21.20 21.94 -6.16
CA GLN A 489 20.30 23.06 -5.89
C GLN A 489 19.70 23.62 -7.17
N ASN A 490 19.38 22.73 -8.11
CA ASN A 490 18.66 23.12 -9.33
C ASN A 490 19.33 24.30 -10.01
N SER A 491 20.66 24.27 -10.06
CA SER A 491 21.40 25.35 -10.66
C SER A 491 22.38 24.85 -11.71
N HIS A 492 22.24 25.36 -12.93
CA HIS A 492 23.18 24.98 -13.99
C HIS A 492 24.60 25.35 -13.60
N SER A 493 24.77 26.48 -12.91
CA SER A 493 26.09 26.89 -12.45
C SER A 493 26.67 25.89 -11.45
N VAL A 494 25.96 25.67 -10.35
CA VAL A 494 26.45 24.73 -9.32
C VAL A 494 26.68 23.36 -9.92
N LEU A 495 25.90 22.99 -10.94
CA LEU A 495 26.10 21.69 -11.58
C LEU A 495 27.30 21.68 -12.50
N ASP A 496 27.63 22.82 -13.10
CA ASP A 496 28.72 22.86 -14.08
C ASP A 496 30.07 23.44 -13.65
N HIS A 497 30.27 23.61 -12.36
CA HIS A 497 31.51 24.19 -11.87
C HIS A 497 32.46 23.20 -11.26
N LYS A 498 33.69 23.19 -11.76
CA LYS A 498 34.74 22.29 -11.32
C LYS A 498 35.91 23.08 -10.76
N LYS A 499 36.64 22.48 -9.84
CA LYS A 499 37.75 23.15 -9.17
C LYS A 499 39.04 22.41 -9.46
N GLY A 500 39.94 23.08 -10.18
CA GLY A 500 41.22 22.52 -10.53
C GLY A 500 41.87 23.32 -11.64
N ASP A 501 43.08 22.90 -12.02
CA ASP A 501 43.85 23.53 -13.09
C ASP A 501 44.17 22.43 -14.10
N ASP A 502 44.55 22.83 -15.30
CA ASP A 502 44.63 21.92 -16.44
C ASP A 502 45.43 20.65 -16.12
N PHE A 503 45.24 19.61 -16.95
CA PHE A 503 45.89 18.31 -16.81
C PHE A 503 45.23 17.45 -15.74
N PHE A 504 44.30 18.01 -14.97
CA PHE A 504 43.55 17.25 -13.98
C PHE A 504 42.54 18.16 -13.29
N VAL A 505 41.42 17.59 -12.86
CA VAL A 505 40.49 18.35 -12.04
C VAL A 505 40.51 17.80 -10.62
N TYR A 506 40.68 18.70 -9.65
CA TYR A 506 40.66 18.28 -8.25
C TYR A 506 39.28 17.73 -7.88
N ALA A 507 38.25 18.55 -8.00
CA ALA A 507 36.88 18.16 -7.73
C ALA A 507 36.06 18.31 -9.00
N ASP A 508 34.90 17.66 -9.01
CA ASP A 508 33.97 17.64 -10.14
C ASP A 508 32.59 17.24 -9.64
N TYR A 509 31.55 17.40 -10.46
CA TYR A 509 30.23 17.04 -10.00
C TYR A 509 30.13 15.56 -9.64
N HIS A 510 31.00 14.72 -10.21
CA HIS A 510 31.09 13.34 -9.75
C HIS A 510 31.45 13.27 -8.28
N THR A 511 32.43 14.09 -7.87
CA THR A 511 32.86 14.08 -6.48
C THR A 511 31.73 14.55 -5.55
N HIS A 512 31.01 15.60 -5.95
CA HIS A 512 29.91 16.07 -5.13
C HIS A 512 28.80 15.03 -5.03
N PHE A 513 28.47 14.39 -6.15
CA PHE A 513 27.45 13.35 -6.13
C PHE A 513 27.86 12.21 -5.20
N LEU A 514 29.10 11.75 -5.32
CA LEU A 514 29.57 10.66 -4.47
C LEU A 514 29.57 11.06 -3.01
N TYR A 515 29.93 12.31 -2.71
CA TYR A 515 29.96 12.74 -1.31
C TYR A 515 28.56 12.85 -0.73
N CYS A 516 27.60 13.30 -1.53
CA CYS A 516 26.27 13.59 -1.00
C CYS A 516 25.30 12.42 -1.08
N VAL A 517 25.62 11.38 -1.86
CA VAL A 517 24.83 10.17 -1.76
C VAL A 517 25.14 9.41 -0.49
N ARG A 518 26.35 9.61 0.01
CA ARG A 518 26.82 9.10 1.31
C ARG A 518 26.29 9.82 2.57
N ALA A 519 26.23 11.16 2.52
CA ALA A 519 25.82 12.04 3.61
C ALA A 519 24.89 13.10 3.05
N PRO A 520 23.63 12.75 2.77
CA PRO A 520 22.72 13.68 2.10
C PRO A 520 22.24 14.84 2.96
N ALA A 521 22.72 14.96 4.19
CA ALA A 521 22.26 16.01 5.10
C ALA A 521 23.35 17.02 5.45
N SER A 522 24.44 17.05 4.69
CA SER A 522 25.51 18.00 4.94
C SER A 522 25.10 19.40 4.48
N LEU A 523 25.77 20.40 5.05
CA LEU A 523 25.57 21.78 4.64
C LEU A 523 26.78 22.37 3.93
N ASN A 524 27.85 21.61 3.75
CA ASN A 524 28.93 21.98 2.86
C ASN A 524 29.76 20.74 2.54
N ASP A 525 30.30 20.72 1.32
CA ASP A 525 31.18 19.61 0.93
C ASP A 525 32.42 19.57 1.81
N THR A 526 32.85 20.75 2.29
CA THR A 526 33.93 20.88 3.26
C THR A 526 35.21 20.17 2.84
N SER A 527 35.32 19.81 1.56
CA SER A 527 36.53 19.16 1.04
C SER A 527 36.70 19.58 -0.42
N LEU A 528 37.47 20.66 -0.64
CA LEU A 528 37.91 21.13 -1.94
C LEU A 528 36.76 21.59 -2.83
N LEU A 529 35.51 21.49 -2.38
CA LEU A 529 34.37 22.01 -3.11
C LEU A 529 33.57 23.03 -2.33
N HIS A 530 33.27 22.75 -1.07
CA HIS A 530 32.56 23.68 -0.19
C HIS A 530 31.20 24.05 -0.75
N ASP A 531 30.38 23.04 -1.03
CA ASP A 531 29.03 23.24 -1.48
C ASP A 531 28.09 22.37 -0.66
N PRO A 532 26.96 22.90 -0.19
CA PRO A 532 25.98 22.06 0.49
C PRO A 532 25.15 21.26 -0.52
N CYS A 533 24.51 20.22 -0.01
CA CYS A 533 23.58 19.41 -0.78
C CYS A 533 22.31 19.14 0.00
N LEU A 534 21.75 20.19 0.58
CA LEU A 534 20.53 20.07 1.36
C LEU A 534 19.27 20.23 0.51
N GLY A 535 19.34 20.98 -0.58
CA GLY A 535 18.17 21.16 -1.42
C GLY A 535 17.54 22.52 -1.22
N THR A 536 17.00 23.10 -2.30
CA THR A 536 16.47 24.45 -2.21
C THR A 536 15.37 24.57 -1.16
N PHE A 537 14.62 23.49 -0.93
CA PHE A 537 13.55 23.54 0.06
C PHE A 537 14.06 23.41 1.49
N GLY A 538 15.23 22.80 1.70
CA GLY A 538 15.77 22.65 3.03
C GLY A 538 15.43 21.30 3.62
N GLY A 539 16.40 20.39 3.66
CA GLY A 539 16.17 19.05 4.13
C GLY A 539 16.74 18.03 3.16
N PRO A 540 17.23 16.92 3.69
CA PRO A 540 18.00 15.98 2.85
C PRO A 540 17.15 15.36 1.76
N VAL A 541 17.83 14.85 0.74
CA VAL A 541 17.23 14.12 -0.36
C VAL A 541 17.87 12.74 -0.35
N PHE A 542 17.08 11.72 -0.04
CA PHE A 542 17.74 10.43 0.14
C PHE A 542 17.96 9.74 -1.19
N PRO A 543 19.17 9.21 -1.41
CA PRO A 543 19.50 8.67 -2.73
C PRO A 543 18.60 7.55 -3.20
N TRP A 544 17.92 6.85 -2.29
CA TRP A 544 17.03 5.78 -2.73
C TRP A 544 15.68 6.30 -3.20
N LEU A 545 15.38 7.57 -2.96
CA LEU A 545 14.14 8.17 -3.44
C LEU A 545 14.32 8.84 -4.80
N VAL A 546 15.55 9.04 -5.25
CA VAL A 546 15.83 9.83 -6.43
C VAL A 546 16.58 9.06 -7.50
N LEU A 547 16.84 7.76 -7.29
CA LEU A 547 17.59 6.97 -8.25
C LEU A 547 16.98 5.57 -8.33
N GLY A 548 17.32 4.87 -9.40
CA GLY A 548 16.86 3.51 -9.58
C GLY A 548 17.76 2.76 -10.53
N GLY A 549 17.83 1.44 -10.34
CA GLY A 549 18.60 0.59 -11.22
C GLY A 549 19.99 0.25 -10.74
N TYR A 550 20.35 0.60 -9.51
CA TYR A 550 21.67 0.31 -8.98
C TYR A 550 21.63 -0.99 -8.17
N ASP A 551 22.77 -1.34 -7.56
CA ASP A 551 22.93 -2.61 -6.90
C ASP A 551 23.43 -2.44 -5.47
N ASP A 552 22.48 -2.16 -4.58
CA ASP A 552 22.58 -2.34 -3.13
C ASP A 552 23.40 -1.31 -2.36
N GLN A 553 24.33 -0.61 -3.01
CA GLN A 553 24.82 0.66 -2.51
C GLN A 553 25.31 1.59 -3.60
N ASN A 554 25.36 1.14 -4.84
CA ASN A 554 26.14 1.81 -5.87
C ASN A 554 25.23 2.73 -6.66
N TYR A 555 24.93 3.89 -6.09
CA TYR A 555 24.16 4.90 -6.80
C TYR A 555 24.90 5.42 -8.03
N ASN A 556 26.19 5.08 -8.16
CA ASN A 556 26.90 5.35 -9.41
C ASN A 556 26.26 4.61 -10.57
N ASN A 557 25.79 3.40 -10.34
CA ASN A 557 25.29 2.51 -11.38
C ASN A 557 23.84 2.79 -11.72
N ALA A 558 23.23 3.80 -11.10
CA ALA A 558 21.82 4.12 -11.33
C ALA A 558 21.52 4.25 -12.81
N THR A 559 20.42 3.65 -13.26
CA THR A 559 20.05 3.71 -14.67
C THR A 559 18.87 4.64 -14.91
N ALA A 560 18.11 4.99 -13.87
CA ALA A 560 16.96 5.87 -13.99
C ALA A 560 17.05 6.98 -12.97
N LEU A 561 16.33 8.07 -13.23
CA LEU A 561 16.23 9.20 -12.33
C LEU A 561 14.77 9.39 -11.96
N VAL A 562 14.48 9.44 -10.68
CA VAL A 562 13.12 9.65 -10.18
C VAL A 562 13.01 11.09 -9.70
N ILE A 563 11.89 11.73 -10.04
CA ILE A 563 11.65 13.13 -9.71
C ILE A 563 10.22 13.24 -9.18
N THR A 564 10.08 13.53 -7.90
CA THR A 564 8.78 13.61 -7.25
C THR A 564 8.43 15.07 -6.97
N PHE A 565 7.13 15.39 -7.08
CA PHE A 565 6.61 16.73 -6.81
C PHE A 565 5.52 16.61 -5.77
N PRO A 566 5.87 16.54 -4.49
CA PRO A 566 4.84 16.46 -3.45
C PRO A 566 3.93 17.67 -3.48
N VAL A 567 2.62 17.41 -3.41
CA VAL A 567 1.60 18.45 -3.45
C VAL A 567 0.65 18.24 -2.28
N ASN A 568 0.22 19.34 -1.68
CA ASN A 568 -0.66 19.26 -0.51
C ASN A 568 -1.97 18.56 -0.86
N ASN A 569 -2.42 17.72 0.05
CA ASN A 569 -3.74 17.09 -0.01
C ASN A 569 -4.56 17.66 1.13
N TYR A 570 -5.83 17.97 0.86
CA TYR A 570 -6.62 18.80 1.75
C TYR A 570 -7.69 17.99 2.46
N TYR A 571 -7.89 18.32 3.73
CA TYR A 571 -8.76 17.58 4.64
C TYR A 571 -10.02 18.40 4.87
N ASN A 572 -11.13 17.94 4.28
CA ASN A 572 -12.39 18.67 4.31
C ASN A 572 -12.23 20.07 3.67
N ASP A 573 -11.91 20.06 2.38
CA ASP A 573 -11.76 21.29 1.61
C ASP A 573 -11.78 20.95 0.14
N THR A 574 -12.59 21.68 -0.65
CA THR A 574 -12.82 21.32 -2.05
C THR A 574 -12.27 22.32 -3.05
N GLU A 575 -12.19 23.59 -2.68
CA GLU A 575 -11.62 24.63 -3.53
C GLU A 575 -10.13 24.40 -3.78
N LYS A 576 -9.41 23.99 -2.74
CA LYS A 576 -8.00 23.67 -2.81
C LYS A 576 -7.77 22.40 -3.62
N LEU A 577 -8.63 21.39 -3.44
CA LEU A 577 -8.50 20.15 -4.19
C LEU A 577 -8.77 20.37 -5.67
N GLN A 578 -9.78 21.18 -6.00
CA GLN A 578 -10.02 21.53 -7.39
C GLN A 578 -8.81 22.24 -7.99
N ARG A 579 -8.18 23.11 -7.21
N ARG A 579 -8.19 23.13 -7.22
CA ARG A 579 -7.00 23.82 -7.68
CA ARG A 579 -6.99 23.81 -7.68
C ARG A 579 -5.86 22.84 -7.96
C ARG A 579 -5.87 22.83 -7.97
N ALA A 580 -5.62 21.90 -7.04
CA ALA A 580 -4.56 20.92 -7.23
C ALA A 580 -4.81 20.05 -8.45
N GLN A 581 -6.05 19.60 -8.65
CA GLN A 581 -6.35 18.75 -9.79
C GLN A 581 -6.26 19.54 -11.10
N ALA A 582 -6.66 20.81 -11.08
CA ALA A 582 -6.52 21.64 -12.26
C ALA A 582 -5.06 21.86 -12.62
N TRP A 583 -4.18 21.96 -11.62
CA TRP A 583 -2.76 22.03 -11.95
C TRP A 583 -2.24 20.70 -12.46
N GLU A 584 -2.71 19.59 -11.89
CA GLU A 584 -2.22 18.28 -12.29
C GLU A 584 -2.61 17.93 -13.71
N LYS A 585 -3.80 18.34 -14.16
CA LYS A 585 -4.18 18.11 -15.55
C LYS A 585 -3.18 18.74 -16.52
N GLU A 586 -2.82 20.00 -16.27
CA GLU A 586 -1.85 20.67 -17.14
C GLU A 586 -0.47 20.05 -17.01
N PHE A 587 -0.09 19.60 -15.81
CA PHE A 587 1.17 18.88 -15.64
C PHE A 587 1.19 17.64 -16.52
N ILE A 588 0.10 16.88 -16.53
CA ILE A 588 0.02 15.67 -17.33
C ILE A 588 0.14 16.01 -18.81
N ASN A 589 -0.61 16.99 -19.27
CA ASN A 589 -0.54 17.38 -20.69
C ASN A 589 0.87 17.81 -21.07
N PHE A 590 1.50 18.64 -20.25
CA PHE A 590 2.87 19.08 -20.50
C PHE A 590 3.80 17.88 -20.64
N VAL A 591 3.82 17.00 -19.64
CA VAL A 591 4.73 15.87 -19.68
C VAL A 591 4.46 14.98 -20.88
N LYS A 592 3.19 14.87 -21.30
CA LYS A 592 2.88 14.04 -22.45
C LYS A 592 3.38 14.66 -23.75
N ASN A 593 3.38 15.99 -23.84
CA ASN A 593 3.80 16.68 -25.05
C ASN A 593 5.23 17.21 -24.95
N TYR A 594 6.13 16.48 -24.30
CA TYR A 594 7.54 16.84 -24.21
C TYR A 594 8.32 15.85 -25.06
N LYS A 595 9.12 16.36 -25.99
CA LYS A 595 9.73 15.48 -27.00
C LYS A 595 11.09 14.96 -26.54
N ASN A 596 12.07 15.86 -26.41
CA ASN A 596 13.39 15.54 -25.89
C ASN A 596 13.85 14.14 -26.30
N PRO A 597 14.19 13.92 -27.57
CA PRO A 597 14.52 12.55 -28.02
C PRO A 597 15.59 11.86 -27.18
N ASN A 598 16.26 12.56 -26.28
CA ASN A 598 17.31 11.96 -25.46
C ASN A 598 16.79 11.27 -24.21
N LEU A 599 15.50 11.42 -23.89
CA LEU A 599 14.97 10.97 -22.61
C LEU A 599 13.70 10.17 -22.85
N THR A 600 13.44 9.19 -21.99
CA THR A 600 12.20 8.43 -22.00
C THR A 600 11.55 8.52 -20.63
N ILE A 601 10.53 9.37 -20.51
CA ILE A 601 9.90 9.67 -19.24
C ILE A 601 8.70 8.76 -19.03
N SER A 602 8.59 8.20 -17.83
CA SER A 602 7.41 7.47 -17.39
C SER A 602 6.84 8.20 -16.18
N PHE A 603 5.72 8.88 -16.37
CA PHE A 603 5.22 9.82 -15.39
C PHE A 603 3.90 9.33 -14.82
N THR A 604 3.45 10.03 -13.78
CA THR A 604 2.15 9.78 -13.17
C THR A 604 1.74 11.03 -12.42
N ALA A 605 0.42 11.23 -12.33
CA ALA A 605 -0.14 12.28 -11.51
C ALA A 605 -1.05 11.63 -10.48
N GLU A 606 -1.34 12.37 -9.41
CA GLU A 606 -2.21 11.83 -8.38
C GLU A 606 -3.61 11.57 -8.91
N ARG A 607 -4.05 12.36 -9.89
CA ARG A 607 -5.39 12.24 -10.46
C ARG A 607 -5.40 11.40 -11.73
N SER A 608 -4.41 10.56 -11.95
CA SER A 608 -4.28 9.87 -13.23
C SER A 608 -4.97 8.51 -13.26
N ILE A 609 -5.01 7.80 -12.14
CA ILE A 609 -5.62 6.47 -12.11
C ILE A 609 -7.13 6.58 -12.32
N GLU A 610 -7.74 7.54 -11.63
CA GLU A 610 -9.17 7.79 -11.70
C GLU A 610 -9.59 8.20 -13.10
N ASP A 611 -8.78 9.02 -13.76
CA ASP A 611 -9.06 9.43 -15.12
C ASP A 611 -8.88 8.28 -16.10
N GLU A 612 -7.83 7.48 -15.93
CA GLU A 612 -7.65 6.35 -16.83
C GLU A 612 -8.78 5.33 -16.70
N LEU A 613 -9.30 5.11 -15.49
CA LEU A 613 -10.38 4.14 -15.35
C LEU A 613 -11.70 4.72 -15.85
N ASN A 614 -11.94 6.02 -15.64
CA ASN A 614 -13.11 6.65 -16.23
C ASN A 614 -13.02 6.73 -17.75
N ARG A 615 -11.81 6.67 -18.31
CA ARG A 615 -11.65 6.64 -19.75
C ARG A 615 -11.82 5.25 -20.33
N GLU A 616 -11.42 4.21 -19.59
CA GLU A 616 -11.67 2.84 -20.03
C GLU A 616 -13.11 2.41 -19.81
N SER A 617 -13.80 2.96 -18.83
CA SER A 617 -15.18 2.56 -18.52
C SER A 617 -16.19 3.16 -19.47
N ASP A 618 -16.01 2.95 -20.77
CA ASP A 618 -16.98 3.38 -21.77
C ASP A 618 -16.56 2.80 -23.11
N SER A 619 -17.28 3.18 -24.17
CA SER A 619 -17.00 2.68 -25.52
C SER A 619 -17.36 1.20 -25.64
N ASP A 620 -18.05 0.68 -24.62
CA ASP A 620 -18.55 -0.69 -24.64
C ASP A 620 -20.04 -0.68 -24.30
N VAL A 621 -20.57 0.51 -24.00
CA VAL A 621 -22.01 0.66 -23.88
C VAL A 621 -22.68 0.33 -25.20
N PHE A 622 -22.01 0.58 -26.32
CA PHE A 622 -22.49 0.14 -27.62
C PHE A 622 -22.59 -1.37 -27.71
N THR A 623 -21.88 -2.10 -26.85
CA THR A 623 -21.98 -3.56 -26.78
C THR A 623 -23.06 -4.02 -25.80
N VAL A 624 -23.15 -3.37 -24.63
CA VAL A 624 -24.20 -3.75 -23.68
C VAL A 624 -25.57 -3.44 -24.27
N VAL A 625 -25.68 -2.36 -25.03
CA VAL A 625 -26.97 -2.00 -25.63
C VAL A 625 -27.37 -3.02 -26.68
N ILE A 626 -26.41 -3.49 -27.50
CA ILE A 626 -26.73 -4.52 -28.47
C ILE A 626 -27.08 -5.83 -27.77
N SER A 627 -26.41 -6.12 -26.65
CA SER A 627 -26.72 -7.34 -25.90
C SER A 627 -28.16 -7.31 -25.40
N TYR A 628 -28.55 -6.20 -24.76
CA TYR A 628 -29.93 -6.09 -24.27
C TYR A 628 -30.93 -6.03 -25.42
N ALA A 629 -30.56 -5.42 -26.55
CA ALA A 629 -31.45 -5.39 -27.69
C ALA A 629 -31.72 -6.79 -28.21
N ILE A 630 -30.68 -7.63 -28.29
CA ILE A 630 -30.89 -8.99 -28.77
C ILE A 630 -31.67 -9.81 -27.74
N MET A 631 -31.40 -9.60 -26.44
CA MET A 631 -32.22 -10.26 -25.43
C MET A 631 -33.69 -9.91 -25.59
N PHE A 632 -34.00 -8.63 -25.79
CA PHE A 632 -35.39 -8.21 -25.93
C PHE A 632 -36.00 -8.74 -27.21
N LEU A 633 -35.22 -8.75 -28.30
CA LEU A 633 -35.71 -9.31 -29.55
C LEU A 633 -36.10 -10.77 -29.37
N TYR A 634 -35.22 -11.57 -28.77
CA TYR A 634 -35.55 -12.97 -28.53
C TYR A 634 -36.77 -13.11 -27.63
N ILE A 635 -36.83 -12.31 -26.56
CA ILE A 635 -37.96 -12.41 -25.62
C ILE A 635 -39.26 -12.13 -26.34
N SER A 636 -39.26 -11.11 -27.19
CA SER A 636 -40.43 -10.73 -27.97
C SER A 636 -40.85 -11.77 -29.02
N LEU A 637 -39.88 -12.37 -29.70
CA LEU A 637 -40.16 -13.32 -30.76
C LEU A 637 -40.48 -14.72 -30.25
N ALA A 638 -40.03 -15.08 -29.06
CA ALA A 638 -40.16 -16.45 -28.57
C ALA A 638 -41.43 -16.69 -27.75
N LEU A 639 -42.02 -15.66 -27.16
CA LEU A 639 -43.24 -15.86 -26.38
C LEU A 639 -44.36 -16.45 -27.22
N GLY A 640 -44.42 -16.09 -28.50
CA GLY A 640 -45.49 -16.56 -29.36
C GLY A 640 -45.20 -17.88 -30.05
N HIS A 641 -46.13 -18.82 -29.94
CA HIS A 641 -46.04 -20.07 -30.68
C HIS A 641 -46.55 -19.86 -32.10
N MET A 642 -45.83 -20.40 -33.09
CA MET A 642 -46.18 -20.17 -34.48
C MET A 642 -47.39 -21.01 -34.90
N LYS A 643 -47.26 -22.32 -34.90
CA LYS A 643 -48.36 -23.23 -35.17
C LYS A 643 -48.88 -23.10 -36.61
N SER A 644 -48.37 -22.12 -37.35
CA SER A 644 -48.82 -21.88 -38.72
C SER A 644 -48.02 -20.75 -39.36
N CYS A 645 -47.86 -20.80 -40.68
CA CYS A 645 -47.17 -19.73 -41.38
C CYS A 645 -48.12 -18.60 -41.78
N ARG A 646 -49.36 -18.93 -42.12
CA ARG A 646 -50.34 -17.92 -42.50
C ARG A 646 -51.06 -17.31 -41.31
N ARG A 647 -50.74 -17.76 -40.09
CA ARG A 647 -51.33 -17.24 -38.87
C ARG A 647 -50.28 -16.60 -37.97
N LEU A 648 -49.16 -16.17 -38.55
CA LEU A 648 -48.00 -15.77 -37.75
C LEU A 648 -48.26 -14.48 -36.97
N LEU A 649 -48.58 -13.40 -37.68
CA LEU A 649 -48.73 -12.09 -37.04
C LEU A 649 -50.04 -11.95 -36.28
N VAL A 650 -50.75 -13.05 -36.01
CA VAL A 650 -51.93 -13.02 -35.16
C VAL A 650 -51.71 -13.83 -33.88
N ASP A 651 -50.98 -14.95 -33.98
CA ASP A 651 -50.58 -15.73 -32.82
C ASP A 651 -49.24 -15.29 -32.25
N SER A 652 -48.86 -14.04 -32.47
CA SER A 652 -47.56 -13.52 -32.06
C SER A 652 -47.69 -12.77 -30.75
N LYS A 653 -46.69 -12.93 -29.88
CA LYS A 653 -46.67 -12.30 -28.56
C LYS A 653 -45.67 -11.15 -28.47
N VAL A 654 -45.48 -10.39 -29.55
CA VAL A 654 -44.51 -9.31 -29.53
C VAL A 654 -44.94 -8.21 -28.57
N SER A 655 -46.22 -7.84 -28.59
CA SER A 655 -46.69 -6.79 -27.70
C SER A 655 -46.59 -7.22 -26.24
N LEU A 656 -46.95 -8.48 -25.94
CA LEU A 656 -46.87 -8.95 -24.58
C LEU A 656 -45.42 -9.07 -24.10
N GLY A 657 -44.51 -9.46 -25.00
CA GLY A 657 -43.10 -9.45 -24.63
C GLY A 657 -42.57 -8.07 -24.35
N ILE A 658 -42.99 -7.08 -25.14
CA ILE A 658 -42.62 -5.70 -24.87
C ILE A 658 -43.16 -5.27 -23.51
N ALA A 659 -44.40 -5.63 -23.21
CA ALA A 659 -44.98 -5.28 -21.92
C ALA A 659 -44.20 -5.92 -20.78
N GLY A 660 -43.76 -7.17 -20.95
CA GLY A 660 -42.98 -7.82 -19.92
C GLY A 660 -41.63 -7.17 -19.71
N ILE A 661 -40.94 -6.83 -20.81
CA ILE A 661 -39.67 -6.13 -20.69
C ILE A 661 -39.86 -4.80 -19.97
N LEU A 662 -40.92 -4.08 -20.31
CA LEU A 662 -41.20 -2.81 -19.64
C LEU A 662 -41.49 -3.00 -18.16
N ILE A 663 -42.21 -4.07 -17.81
CA ILE A 663 -42.47 -4.36 -16.40
C ILE A 663 -41.17 -4.62 -15.65
N VAL A 664 -40.25 -5.37 -16.29
CA VAL A 664 -38.98 -5.67 -15.64
C VAL A 664 -38.18 -4.39 -15.41
N LEU A 665 -38.04 -3.58 -16.45
CA LEU A 665 -37.32 -2.31 -16.30
C LEU A 665 -37.99 -1.41 -15.28
N SER A 666 -39.31 -1.40 -15.24
CA SER A 666 -40.04 -0.64 -14.22
C SER A 666 -39.73 -1.12 -12.82
N SER A 667 -39.61 -2.44 -12.62
CA SER A 667 -39.24 -2.95 -11.31
C SER A 667 -37.85 -2.48 -10.90
N VAL A 668 -36.90 -2.57 -11.84
CA VAL A 668 -35.55 -2.06 -11.57
C VAL A 668 -35.62 -0.59 -11.13
N ALA A 669 -36.34 0.23 -11.90
CA ALA A 669 -36.38 1.66 -11.61
C ALA A 669 -37.10 1.95 -10.30
N CYS A 670 -38.14 1.19 -9.96
CA CYS A 670 -38.81 1.41 -8.68
C CYS A 670 -37.89 1.07 -7.51
N SER A 671 -37.12 -0.02 -7.62
CA SER A 671 -36.17 -0.31 -6.55
C SER A 671 -35.16 0.83 -6.40
N LEU A 672 -34.52 1.22 -7.51
CA LEU A 672 -33.56 2.31 -7.47
C LEU A 672 -34.18 3.57 -6.87
N GLY A 673 -35.42 3.87 -7.24
CA GLY A 673 -36.03 5.12 -6.78
C GLY A 673 -36.42 5.09 -5.32
N VAL A 674 -36.96 3.97 -4.85
CA VAL A 674 -37.29 3.86 -3.43
C VAL A 674 -36.02 4.01 -2.59
N PHE A 675 -34.94 3.35 -3.01
CA PHE A 675 -33.73 3.48 -2.20
C PHE A 675 -33.06 4.83 -2.36
N SER A 676 -33.33 5.52 -3.49
CA SER A 676 -32.88 6.90 -3.71
C SER A 676 -33.60 7.82 -2.70
N TYR A 677 -34.93 7.65 -2.58
CA TYR A 677 -35.72 8.33 -1.57
C TYR A 677 -35.14 8.11 -0.18
N ILE A 678 -34.91 6.84 0.17
CA ILE A 678 -34.36 6.55 1.50
C ILE A 678 -32.99 7.19 1.69
N GLY A 679 -32.24 7.35 0.60
CA GLY A 679 -30.95 8.02 0.65
C GLY A 679 -29.75 7.15 0.37
N LEU A 680 -29.94 5.90 -0.03
CA LEU A 680 -28.83 5.00 -0.32
C LEU A 680 -28.26 5.31 -1.70
N PRO A 681 -26.96 5.56 -1.83
CA PRO A 681 -26.40 5.90 -3.14
C PRO A 681 -26.08 4.66 -3.97
N LEU A 682 -26.06 4.87 -5.28
CA LEU A 682 -25.85 3.79 -6.24
C LEU A 682 -24.37 3.46 -6.33
N THR A 683 -24.02 2.66 -7.34
CA THR A 683 -22.64 2.22 -7.54
C THR A 683 -22.57 1.54 -8.90
N LEU A 684 -21.36 1.49 -9.46
CA LEU A 684 -21.19 0.92 -10.80
C LEU A 684 -21.27 -0.60 -10.81
N ILE A 685 -21.10 -1.24 -9.65
CA ILE A 685 -21.35 -2.68 -9.56
C ILE A 685 -22.84 -2.96 -9.57
N VAL A 686 -23.60 -2.21 -8.78
CA VAL A 686 -25.06 -2.33 -8.79
C VAL A 686 -25.60 -2.05 -10.18
N ILE A 687 -25.26 -0.90 -10.75
CA ILE A 687 -25.80 -0.46 -12.03
C ILE A 687 -25.55 -1.49 -13.12
N GLU A 688 -24.67 -2.46 -12.88
CA GLU A 688 -24.36 -3.47 -13.88
C GLU A 688 -24.85 -4.87 -13.53
N VAL A 689 -25.00 -5.19 -12.26
CA VAL A 689 -25.45 -6.52 -11.86
C VAL A 689 -26.94 -6.58 -11.56
N ILE A 690 -27.61 -5.44 -11.37
CA ILE A 690 -29.03 -5.46 -11.03
C ILE A 690 -29.84 -5.75 -12.29
N PRO A 691 -29.58 -5.06 -13.40
CA PRO A 691 -30.33 -5.38 -14.63
C PRO A 691 -30.22 -6.84 -15.03
N PHE A 692 -29.02 -7.41 -15.02
CA PHE A 692 -28.84 -8.80 -15.39
C PHE A 692 -29.73 -9.71 -14.56
N LEU A 693 -29.62 -9.61 -13.23
CA LEU A 693 -30.38 -10.47 -12.34
C LEU A 693 -31.89 -10.28 -12.52
N VAL A 694 -32.35 -9.04 -12.53
CA VAL A 694 -33.78 -8.79 -12.57
C VAL A 694 -34.35 -9.24 -13.92
N LEU A 695 -33.62 -9.01 -15.00
CA LEU A 695 -34.07 -9.50 -16.30
C LEU A 695 -34.16 -11.01 -16.31
N ALA A 696 -33.14 -11.70 -15.77
CA ALA A 696 -33.17 -13.15 -15.71
C ALA A 696 -34.43 -13.64 -15.00
N VAL A 697 -34.65 -13.17 -13.77
CA VAL A 697 -35.77 -13.66 -12.98
C VAL A 697 -37.10 -13.30 -13.62
N GLY A 698 -37.25 -12.06 -14.08
CA GLY A 698 -38.51 -11.65 -14.68
C GLY A 698 -38.83 -12.42 -15.94
N VAL A 699 -37.83 -12.63 -16.80
CA VAL A 699 -38.07 -13.39 -18.02
C VAL A 699 -38.41 -14.84 -17.70
N ASP A 700 -37.76 -15.43 -16.69
CA ASP A 700 -38.11 -16.79 -16.32
C ASP A 700 -39.57 -16.88 -15.89
N ASN A 701 -40.01 -15.93 -15.05
CA ASN A 701 -41.41 -15.96 -14.61
C ASN A 701 -42.36 -15.75 -15.77
N ILE A 702 -42.05 -14.78 -16.64
CA ILE A 702 -42.91 -14.50 -17.79
C ILE A 702 -43.09 -15.75 -18.65
N PHE A 703 -41.98 -16.42 -18.97
CA PHE A 703 -42.07 -17.61 -19.81
C PHE A 703 -42.83 -18.73 -19.09
N ILE A 704 -42.50 -18.98 -17.82
CA ILE A 704 -43.23 -19.97 -17.04
C ILE A 704 -44.73 -19.76 -17.22
N LEU A 705 -45.20 -18.55 -16.92
CA LEU A 705 -46.63 -18.29 -16.94
C LEU A 705 -47.21 -18.42 -18.33
N VAL A 706 -46.63 -17.74 -19.31
CA VAL A 706 -47.21 -17.72 -20.65
C VAL A 706 -47.29 -19.12 -21.23
N GLN A 707 -46.24 -19.92 -21.04
CA GLN A 707 -46.24 -21.25 -21.61
C GLN A 707 -47.13 -22.21 -20.83
N ALA A 708 -47.18 -22.09 -19.50
CA ALA A 708 -48.12 -22.90 -18.74
C ALA A 708 -49.55 -22.62 -19.17
N TYR A 709 -49.84 -21.38 -19.60
CA TYR A 709 -51.16 -21.11 -20.14
C TYR A 709 -51.32 -21.72 -21.53
N GLN A 710 -50.37 -21.44 -22.43
CA GLN A 710 -50.49 -21.91 -23.81
C GLN A 710 -50.68 -23.43 -23.88
N ARG A 711 -50.10 -24.21 -22.99
CA ARG A 711 -50.23 -25.64 -23.14
C ARG A 711 -51.48 -26.19 -22.47
N ASP A 712 -52.35 -25.28 -22.05
CA ASP A 712 -53.54 -25.63 -21.31
C ASP A 712 -54.75 -25.70 -22.23
N GLU A 713 -55.55 -26.74 -22.08
CA GLU A 713 -56.80 -26.88 -22.81
C GLU A 713 -57.95 -26.45 -21.91
N ARG A 714 -58.87 -25.67 -22.47
CA ARG A 714 -59.96 -25.10 -21.70
C ARG A 714 -61.07 -26.12 -21.50
N LEU A 715 -61.50 -26.29 -20.26
CA LEU A 715 -62.68 -27.10 -19.98
C LEU A 715 -63.89 -26.48 -20.68
N GLN A 716 -64.91 -27.31 -20.89
CA GLN A 716 -66.12 -26.85 -21.55
C GLN A 716 -67.02 -26.13 -20.55
N GLY A 717 -67.65 -25.05 -21.01
CA GLY A 717 -68.43 -24.21 -20.12
C GLY A 717 -67.59 -23.42 -19.15
N GLU A 718 -66.30 -23.26 -19.44
CA GLU A 718 -65.39 -22.51 -18.59
C GLU A 718 -64.95 -21.25 -19.33
N THR A 719 -65.12 -20.11 -18.67
CA THR A 719 -64.81 -18.83 -19.29
C THR A 719 -63.31 -18.52 -19.20
N LEU A 720 -62.93 -17.42 -19.84
CA LEU A 720 -61.51 -17.11 -20.00
C LEU A 720 -60.87 -16.73 -18.67
N ASP A 721 -61.53 -15.89 -17.88
CA ASP A 721 -60.94 -15.51 -16.60
C ASP A 721 -60.86 -16.70 -15.64
N GLN A 722 -61.80 -17.63 -15.68
CA GLN A 722 -61.68 -18.84 -14.89
C GLN A 722 -60.55 -19.74 -15.35
N GLN A 723 -60.39 -19.92 -16.66
CA GLN A 723 -59.26 -20.71 -17.14
C GLN A 723 -57.95 -20.09 -16.72
N LEU A 724 -57.83 -18.76 -16.85
CA LEU A 724 -56.59 -18.09 -16.48
C LEU A 724 -56.36 -18.14 -14.98
N GLY A 725 -57.42 -18.04 -14.18
CA GLY A 725 -57.27 -18.19 -12.75
C GLY A 725 -56.80 -19.57 -12.35
N ARG A 726 -57.30 -20.59 -13.05
CA ARG A 726 -56.84 -21.96 -12.79
C ARG A 726 -55.37 -22.12 -13.15
N VAL A 727 -54.98 -21.66 -14.33
CA VAL A 727 -53.59 -21.77 -14.75
C VAL A 727 -52.68 -21.02 -13.78
N LEU A 728 -53.10 -19.83 -13.34
CA LEU A 728 -52.27 -19.05 -12.44
C LEU A 728 -52.24 -19.68 -11.05
N GLY A 729 -53.33 -20.28 -10.60
CA GLY A 729 -53.33 -20.95 -9.31
C GLY A 729 -52.45 -22.18 -9.29
N GLU A 730 -52.27 -22.81 -10.45
CA GLU A 730 -51.40 -23.97 -10.51
C GLU A 730 -49.95 -23.63 -10.86
N VAL A 731 -49.70 -22.42 -11.35
CA VAL A 731 -48.34 -22.02 -11.70
C VAL A 731 -47.73 -21.02 -10.72
N ALA A 732 -48.50 -20.34 -9.89
CA ALA A 732 -47.99 -19.23 -9.09
C ALA A 732 -47.16 -19.69 -7.90
N PRO A 733 -47.52 -20.77 -7.21
CA PRO A 733 -46.70 -21.20 -6.07
C PRO A 733 -45.23 -21.35 -6.39
N SER A 734 -44.87 -21.80 -7.60
CA SER A 734 -43.46 -21.96 -7.94
C SER A 734 -42.77 -20.62 -8.08
N MET A 735 -43.39 -19.70 -8.82
CA MET A 735 -42.81 -18.36 -8.98
C MET A 735 -42.69 -17.68 -7.63
N PHE A 736 -43.67 -17.87 -6.75
CA PHE A 736 -43.63 -17.28 -5.43
C PHE A 736 -42.50 -17.87 -4.59
N LEU A 737 -42.34 -19.20 -4.64
CA LEU A 737 -41.23 -19.83 -3.93
C LEU A 737 -39.89 -19.28 -4.39
N SER A 738 -39.67 -19.21 -5.70
CA SER A 738 -38.42 -18.69 -6.21
C SER A 738 -38.20 -17.24 -5.77
N SER A 739 -39.23 -16.41 -5.98
CA SER A 739 -39.13 -15.00 -5.66
C SER A 739 -38.84 -14.75 -4.18
N PHE A 740 -39.47 -15.54 -3.31
CA PHE A 740 -39.29 -15.35 -1.88
C PHE A 740 -37.93 -15.87 -1.43
N SER A 741 -37.49 -16.98 -2.02
CA SER A 741 -36.19 -17.56 -1.71
C SER A 741 -35.08 -16.59 -2.08
N GLU A 742 -35.19 -15.92 -3.22
CA GLU A 742 -34.17 -14.97 -3.65
C GLU A 742 -34.23 -13.67 -2.85
N THR A 743 -35.43 -13.15 -2.62
CA THR A 743 -35.58 -11.93 -1.84
C THR A 743 -35.01 -12.09 -0.44
N VAL A 744 -35.38 -13.16 0.25
CA VAL A 744 -34.87 -13.38 1.60
C VAL A 744 -33.37 -13.58 1.58
N ALA A 745 -32.84 -14.34 0.62
CA ALA A 745 -31.40 -14.54 0.53
C ALA A 745 -30.67 -13.21 0.42
N PHE A 746 -31.10 -12.35 -0.51
CA PHE A 746 -30.42 -11.08 -0.71
C PHE A 746 -30.54 -10.18 0.52
N PHE A 747 -31.77 -9.93 0.98
CA PHE A 747 -31.95 -9.09 2.15
C PHE A 747 -31.12 -9.57 3.33
N LEU A 748 -31.13 -10.87 3.60
CA LEU A 748 -30.30 -11.40 4.68
C LEU A 748 -28.82 -11.22 4.40
N GLY A 749 -28.40 -11.30 3.15
CA GLY A 749 -27.02 -11.00 2.80
C GLY A 749 -26.65 -9.54 2.95
N ALA A 750 -27.64 -8.66 3.10
CA ALA A 750 -27.33 -7.27 3.40
C ALA A 750 -27.04 -7.10 4.88
N LEU A 751 -26.12 -7.92 5.41
CA LEU A 751 -25.66 -7.81 6.78
C LEU A 751 -24.15 -7.65 6.87
N SER A 752 -23.42 -7.89 5.80
CA SER A 752 -21.97 -7.78 5.82
C SER A 752 -21.56 -6.33 6.00
N VAL A 753 -20.25 -6.12 6.13
CA VAL A 753 -19.70 -4.78 6.34
C VAL A 753 -19.01 -4.33 5.06
N MET A 754 -19.11 -5.14 4.00
CA MET A 754 -18.54 -4.79 2.73
C MET A 754 -19.49 -3.83 2.01
N PRO A 755 -19.05 -2.62 1.69
CA PRO A 755 -19.95 -1.67 1.01
C PRO A 755 -20.44 -2.16 -0.34
N ALA A 756 -19.71 -3.08 -0.98
CA ALA A 756 -20.12 -3.56 -2.29
C ALA A 756 -21.25 -4.57 -2.17
N VAL A 757 -21.15 -5.47 -1.20
CA VAL A 757 -22.19 -6.48 -1.03
C VAL A 757 -23.41 -5.94 -0.30
N HIS A 758 -23.22 -5.02 0.64
CA HIS A 758 -24.36 -4.49 1.40
C HIS A 758 -25.37 -3.80 0.47
N THR A 759 -24.91 -2.80 -0.28
CA THR A 759 -25.80 -2.05 -1.15
C THR A 759 -26.40 -2.95 -2.22
N PHE A 760 -25.58 -3.82 -2.81
CA PHE A 760 -26.09 -4.75 -3.81
C PHE A 760 -27.20 -5.60 -3.24
N SER A 761 -27.01 -6.15 -2.04
CA SER A 761 -28.05 -6.97 -1.42
C SER A 761 -29.34 -6.19 -1.28
N LEU A 762 -29.26 -4.99 -0.71
CA LEU A 762 -30.47 -4.18 -0.55
C LEU A 762 -31.17 -3.97 -1.88
N PHE A 763 -30.45 -3.42 -2.85
CA PHE A 763 -31.03 -3.11 -4.15
C PHE A 763 -31.66 -4.34 -4.79
N ALA A 764 -30.92 -5.45 -4.83
CA ALA A 764 -31.39 -6.62 -5.55
C ALA A 764 -32.58 -7.27 -4.86
N GLY A 765 -32.56 -7.34 -3.53
CA GLY A 765 -33.74 -7.85 -2.83
C GLY A 765 -34.98 -7.05 -3.14
N LEU A 766 -34.88 -5.72 -2.99
CA LEU A 766 -36.06 -4.91 -3.26
C LEU A 766 -36.51 -5.03 -4.71
N ALA A 767 -35.57 -5.08 -5.65
CA ALA A 767 -35.94 -5.19 -7.06
C ALA A 767 -36.62 -6.51 -7.36
N VAL A 768 -36.11 -7.61 -6.81
CA VAL A 768 -36.72 -8.92 -7.03
C VAL A 768 -38.14 -8.94 -6.48
N PHE A 769 -38.34 -8.41 -5.28
CA PHE A 769 -39.68 -8.43 -4.70
C PHE A 769 -40.64 -7.58 -5.53
N ILE A 770 -40.23 -6.35 -5.86
CA ILE A 770 -41.10 -5.47 -6.63
C ILE A 770 -41.40 -6.08 -7.99
N ASP A 771 -40.42 -6.76 -8.59
CA ASP A 771 -40.65 -7.39 -9.88
C ASP A 771 -41.66 -8.52 -9.77
N PHE A 772 -41.55 -9.34 -8.71
CA PHE A 772 -42.54 -10.39 -8.50
C PHE A 772 -43.94 -9.79 -8.41
N LEU A 773 -44.10 -8.73 -7.61
CA LEU A 773 -45.42 -8.12 -7.45
C LEU A 773 -45.94 -7.58 -8.79
N LEU A 774 -45.12 -6.75 -9.45
CA LEU A 774 -45.53 -6.17 -10.72
C LEU A 774 -45.91 -7.25 -11.72
N GLN A 775 -45.12 -8.32 -11.81
CA GLN A 775 -45.51 -9.42 -12.69
C GLN A 775 -46.87 -9.96 -12.29
N ILE A 776 -46.97 -10.52 -11.07
CA ILE A 776 -48.17 -11.22 -10.65
C ILE A 776 -49.42 -10.41 -10.92
N THR A 777 -49.33 -9.08 -10.85
CA THR A 777 -50.53 -8.28 -11.13
C THR A 777 -50.62 -7.78 -12.57
N CYS A 778 -49.67 -6.94 -12.97
CA CYS A 778 -49.74 -6.28 -14.27
C CYS A 778 -49.67 -7.29 -15.40
N PHE A 779 -48.75 -8.25 -15.31
CA PHE A 779 -48.57 -9.15 -16.44
C PHE A 779 -49.76 -10.08 -16.58
N VAL A 780 -50.43 -10.43 -15.49
CA VAL A 780 -51.62 -11.27 -15.63
C VAL A 780 -52.77 -10.46 -16.23
N SER A 781 -52.89 -9.19 -15.84
CA SER A 781 -53.90 -8.35 -16.48
C SER A 781 -53.64 -8.24 -17.98
N LEU A 782 -52.40 -7.95 -18.36
CA LEU A 782 -52.06 -7.81 -19.77
C LEU A 782 -52.15 -9.14 -20.51
N LEU A 783 -51.96 -10.25 -19.80
CA LEU A 783 -52.11 -11.57 -20.42
C LEU A 783 -53.56 -11.85 -20.72
N GLY A 784 -54.46 -11.50 -19.79
CA GLY A 784 -55.88 -11.58 -20.09
C GLY A 784 -56.25 -10.73 -21.29
N LEU A 785 -55.75 -9.50 -21.32
CA LEU A 785 -56.05 -8.61 -22.44
C LEU A 785 -55.54 -9.18 -23.76
N ASP A 786 -54.34 -9.74 -23.76
CA ASP A 786 -53.77 -10.29 -24.99
C ASP A 786 -54.47 -11.58 -25.41
N ILE A 787 -54.94 -12.37 -24.45
CA ILE A 787 -55.75 -13.54 -24.80
C ILE A 787 -57.05 -13.11 -25.45
N LYS A 788 -57.69 -12.07 -24.89
CA LYS A 788 -58.87 -11.50 -25.55
C LYS A 788 -58.54 -11.06 -26.97
N ARG A 789 -57.45 -10.32 -27.15
CA ARG A 789 -57.05 -9.88 -28.47
C ARG A 789 -56.92 -11.06 -29.42
N GLN A 790 -56.18 -12.09 -29.03
CA GLN A 790 -55.94 -13.23 -29.91
C GLN A 790 -57.20 -14.04 -30.17
N GLU A 791 -58.17 -14.02 -29.25
CA GLU A 791 -59.42 -14.73 -29.48
C GLU A 791 -60.39 -13.94 -30.34
N LYS A 792 -60.30 -12.61 -30.35
CA LYS A 792 -61.12 -11.78 -31.21
C LYS A 792 -60.53 -11.63 -32.60
N ASN A 793 -59.59 -12.48 -32.98
CA ASN A 793 -58.97 -12.51 -34.30
C ASN A 793 -58.28 -11.20 -34.66
N ARG A 794 -58.14 -10.28 -33.71
CA ARG A 794 -57.38 -9.07 -33.96
C ARG A 794 -55.95 -9.43 -34.33
N LEU A 795 -55.38 -8.66 -35.24
CA LEU A 795 -54.00 -8.89 -35.65
C LEU A 795 -53.07 -8.47 -34.51
N ASP A 796 -51.78 -8.65 -34.73
CA ASP A 796 -50.75 -8.33 -33.75
C ASP A 796 -50.45 -6.83 -33.78
N ILE A 797 -49.25 -6.45 -33.37
CA ILE A 797 -48.90 -5.15 -32.82
C ILE A 797 -49.65 -3.99 -33.46
N PHE A 798 -49.80 -4.01 -34.79
CA PHE A 798 -50.17 -2.76 -35.46
C PHE A 798 -51.44 -2.14 -34.90
N CYS A 799 -52.61 -2.69 -35.26
CA CYS A 799 -53.85 -2.43 -34.55
C CYS A 799 -55.05 -3.03 -35.29
N CYS A 800 -56.12 -3.35 -34.56
CA CYS A 800 -57.49 -3.32 -35.08
C CYS A 800 -57.65 -3.70 -36.55
N VAL A 801 -56.92 -4.72 -37.02
CA VAL A 801 -57.00 -5.12 -38.42
C VAL A 801 -57.40 -6.57 -38.62
N ARG A 802 -57.88 -7.25 -37.58
CA ARG A 802 -58.35 -8.62 -37.71
C ARG A 802 -57.32 -9.52 -38.41
N ALA A 812 -54.46 -26.18 -26.70
CA ALA A 812 -53.08 -26.60 -26.43
C ALA A 812 -52.16 -26.16 -27.56
N SER A 813 -50.87 -26.06 -27.26
CA SER A 813 -49.90 -25.66 -28.28
C SER A 813 -48.77 -26.68 -28.41
N GLU A 814 -48.35 -27.27 -27.30
CA GLU A 814 -47.29 -28.28 -27.29
C GLU A 814 -46.08 -27.78 -28.11
N SER A 815 -45.49 -26.69 -27.60
CA SER A 815 -44.41 -26.02 -28.30
C SER A 815 -43.35 -27.02 -28.74
N CYS A 816 -42.64 -26.67 -29.82
CA CYS A 816 -41.63 -27.55 -30.40
C CYS A 816 -40.61 -28.01 -29.36
N LEU A 817 -40.36 -27.17 -28.35
CA LEU A 817 -39.44 -27.56 -27.29
C LEU A 817 -40.09 -28.55 -26.33
N PHE A 818 -41.31 -28.26 -25.88
CA PHE A 818 -42.01 -29.20 -25.00
C PHE A 818 -42.14 -30.58 -25.65
N ARG A 819 -42.22 -30.63 -26.98
CA ARG A 819 -42.28 -31.91 -27.67
C ARG A 819 -40.91 -32.57 -27.77
N PHE A 820 -39.83 -31.84 -27.50
CA PHE A 820 -38.49 -32.39 -27.49
C PHE A 820 -38.08 -32.88 -26.10
N PHE A 821 -38.33 -32.06 -25.08
CA PHE A 821 -37.96 -32.46 -23.73
C PHE A 821 -38.74 -33.68 -23.28
N LYS A 822 -40.01 -33.73 -23.66
CA LYS A 822 -40.92 -34.84 -23.39
C LYS A 822 -40.72 -36.16 -24.18
N ASN A 823 -40.37 -36.04 -25.45
CA ASN A 823 -40.32 -37.17 -26.37
C ASN A 823 -38.92 -37.72 -26.59
N SER A 824 -37.87 -36.92 -26.44
CA SER A 824 -36.54 -37.37 -26.81
C SER A 824 -35.50 -37.17 -25.71
N TYR A 825 -35.67 -36.15 -24.88
CA TYR A 825 -34.60 -35.80 -23.95
C TYR A 825 -34.86 -36.38 -22.56
N SER A 826 -36.06 -36.19 -22.02
CA SER A 826 -36.35 -36.71 -20.69
C SER A 826 -36.23 -38.23 -20.63
N PRO A 827 -36.78 -39.00 -21.56
CA PRO A 827 -36.62 -40.47 -21.47
C PRO A 827 -35.18 -40.91 -21.60
N LEU A 828 -34.45 -40.37 -22.57
CA LEU A 828 -33.05 -40.75 -22.75
C LEU A 828 -32.23 -40.46 -21.49
N LEU A 829 -32.31 -39.24 -20.99
CA LEU A 829 -31.48 -38.85 -19.84
C LEU A 829 -31.75 -39.74 -18.63
N LEU A 830 -32.96 -40.27 -18.50
CA LEU A 830 -33.36 -41.00 -17.31
C LEU A 830 -33.26 -42.51 -17.47
N LYS A 831 -32.67 -42.98 -18.57
CA LYS A 831 -32.45 -44.41 -18.73
C LYS A 831 -31.54 -44.93 -17.61
N ASP A 832 -31.51 -46.25 -17.46
CA ASP A 832 -30.77 -46.84 -16.36
C ASP A 832 -29.27 -46.88 -16.61
N TRP A 833 -28.84 -46.77 -17.88
CA TRP A 833 -27.42 -46.77 -18.22
C TRP A 833 -26.87 -45.37 -18.44
N MET A 834 -27.61 -44.32 -18.09
CA MET A 834 -27.14 -42.95 -18.25
C MET A 834 -27.09 -42.18 -16.94
N ARG A 835 -27.97 -42.49 -16.00
CA ARG A 835 -27.95 -41.79 -14.71
C ARG A 835 -26.64 -41.99 -13.97
N PRO A 836 -26.09 -43.21 -13.87
CA PRO A 836 -24.78 -43.35 -13.24
C PRO A 836 -23.69 -42.59 -13.96
N ILE A 837 -23.72 -42.54 -15.29
CA ILE A 837 -22.74 -41.76 -16.03
C ILE A 837 -22.82 -40.30 -15.63
N VAL A 838 -24.04 -39.75 -15.60
CA VAL A 838 -24.20 -38.34 -15.25
C VAL A 838 -23.69 -38.08 -13.84
N ILE A 839 -24.06 -38.93 -12.89
CA ILE A 839 -23.63 -38.71 -11.51
C ILE A 839 -22.11 -38.80 -11.40
N ALA A 840 -21.50 -39.78 -12.08
CA ALA A 840 -20.05 -39.90 -12.04
C ALA A 840 -19.38 -38.66 -12.60
N ILE A 841 -19.84 -38.19 -13.75
CA ILE A 841 -19.21 -37.03 -14.37
C ILE A 841 -19.32 -35.81 -13.46
N PHE A 842 -20.51 -35.59 -12.89
CA PHE A 842 -20.70 -34.39 -12.08
C PHE A 842 -19.93 -34.46 -10.78
N VAL A 843 -19.86 -35.65 -10.16
CA VAL A 843 -19.07 -35.78 -8.94
C VAL A 843 -17.59 -35.62 -9.25
N GLY A 844 -17.15 -36.04 -10.44
CA GLY A 844 -15.76 -35.83 -10.81
C GLY A 844 -15.42 -34.36 -10.98
N VAL A 845 -16.31 -33.62 -11.64
CA VAL A 845 -16.07 -32.18 -11.78
C VAL A 845 -16.11 -31.50 -10.42
N LEU A 846 -16.98 -31.93 -9.52
CA LEU A 846 -17.02 -31.36 -8.19
C LEU A 846 -15.74 -31.67 -7.42
N SER A 847 -15.20 -32.87 -7.61
CA SER A 847 -13.95 -33.27 -6.96
C SER A 847 -12.81 -32.41 -7.46
N PHE A 848 -12.75 -32.17 -8.76
CA PHE A 848 -11.73 -31.27 -9.32
C PHE A 848 -11.85 -29.88 -8.70
N SER A 849 -13.07 -29.34 -8.67
CA SER A 849 -13.27 -28.01 -8.11
C SER A 849 -12.83 -27.94 -6.66
N ILE A 850 -13.13 -28.96 -5.86
CA ILE A 850 -12.72 -28.95 -4.47
C ILE A 850 -11.21 -29.08 -4.36
N ALA A 851 -10.57 -29.75 -5.32
CA ALA A 851 -9.12 -29.94 -5.26
C ALA A 851 -8.38 -28.63 -5.55
N VAL A 852 -8.81 -27.90 -6.57
CA VAL A 852 -8.08 -26.70 -6.98
C VAL A 852 -8.70 -25.46 -6.34
N LEU A 853 -9.45 -25.66 -5.26
CA LEU A 853 -10.21 -24.56 -4.69
C LEU A 853 -9.32 -23.54 -4.00
N ASN A 854 -8.41 -24.01 -3.14
CA ASN A 854 -7.60 -23.13 -2.30
C ASN A 854 -6.43 -22.50 -3.07
N LYS A 855 -6.44 -22.57 -4.39
CA LYS A 855 -5.42 -21.92 -5.21
C LYS A 855 -5.94 -20.66 -5.89
N VAL A 856 -7.07 -20.13 -5.43
CA VAL A 856 -7.66 -18.94 -6.05
C VAL A 856 -6.95 -17.69 -5.54
N ASP A 857 -6.73 -16.73 -6.44
CA ASP A 857 -6.05 -15.50 -6.09
C ASP A 857 -6.94 -14.62 -5.21
N ILE A 858 -6.30 -13.70 -4.50
CA ILE A 858 -6.99 -12.71 -3.67
C ILE A 858 -6.48 -11.33 -4.06
N GLY A 859 -7.38 -10.48 -4.51
CA GLY A 859 -7.05 -9.12 -4.86
C GLY A 859 -7.18 -8.85 -6.35
N LEU A 860 -6.94 -7.59 -6.71
CA LEU A 860 -7.04 -7.13 -8.09
C LEU A 860 -5.69 -6.57 -8.53
N ASP A 861 -5.32 -6.85 -9.76
CA ASP A 861 -3.98 -6.55 -10.26
C ASP A 861 -3.55 -5.11 -10.18
N GLN A 862 -4.49 -4.21 -10.52
CA GLN A 862 -4.39 -2.73 -10.59
C GLN A 862 -3.79 -2.23 -11.91
N SER A 863 -3.40 -3.17 -12.76
CA SER A 863 -2.86 -2.87 -14.07
C SER A 863 -3.91 -3.29 -15.08
N LEU A 864 -4.87 -4.11 -14.67
CA LEU A 864 -5.88 -4.46 -15.65
C LEU A 864 -7.06 -3.49 -15.64
N SER A 865 -7.15 -2.62 -14.63
CA SER A 865 -8.19 -1.60 -14.61
C SER A 865 -7.90 -0.46 -15.57
N MET A 866 -6.73 -0.45 -16.20
CA MET A 866 -6.27 0.56 -17.13
C MET A 866 -6.38 0.07 -18.56
N PRO A 867 -6.64 0.96 -19.51
CA PRO A 867 -6.59 0.57 -20.92
C PRO A 867 -5.21 0.03 -21.28
N ASP A 868 -5.08 -0.54 -22.47
CA ASP A 868 -3.78 -1.06 -22.89
C ASP A 868 -2.93 -0.01 -23.60
N ASP A 869 -3.55 1.03 -24.14
CA ASP A 869 -2.84 2.13 -24.78
C ASP A 869 -2.54 3.27 -23.81
N SER A 870 -2.57 3.01 -22.51
CA SER A 870 -2.42 4.06 -21.52
C SER A 870 -0.96 4.20 -21.09
N TYR A 871 -0.65 5.34 -20.47
CA TYR A 871 0.67 5.59 -19.92
C TYR A 871 0.84 5.06 -18.50
N MET A 872 -0.25 4.71 -17.83
CA MET A 872 -0.15 4.11 -16.50
C MET A 872 0.43 2.71 -16.56
N VAL A 873 0.19 1.98 -17.65
CA VAL A 873 0.82 0.68 -17.83
C VAL A 873 2.33 0.84 -17.90
N ASP A 874 2.79 1.80 -18.70
CA ASP A 874 4.23 2.07 -18.78
C ASP A 874 4.78 2.51 -17.43
N TYR A 875 4.02 3.33 -16.69
CA TYR A 875 4.49 3.77 -15.38
C TYR A 875 4.62 2.60 -14.41
N PHE A 876 3.68 1.66 -14.45
CA PHE A 876 3.76 0.51 -13.56
C PHE A 876 4.94 -0.39 -13.93
N LYS A 877 5.15 -0.60 -15.23
CA LYS A 877 6.35 -1.32 -15.66
C LYS A 877 7.61 -0.63 -15.14
N SER A 878 7.67 0.69 -15.27
CA SER A 878 8.86 1.43 -14.84
C SER A 878 9.08 1.29 -13.34
N ILE A 879 7.99 1.41 -12.56
CA ILE A 879 8.12 1.21 -11.11
C ILE A 879 8.72 -0.16 -10.84
N SER A 880 8.05 -1.21 -11.28
CA SER A 880 8.50 -2.56 -10.98
C SER A 880 9.92 -2.81 -11.44
N GLN A 881 10.35 -2.17 -12.53
CA GLN A 881 11.65 -2.45 -13.11
C GLN A 881 12.78 -1.60 -12.52
N TYR A 882 12.47 -0.43 -11.97
CA TYR A 882 13.54 0.48 -11.55
C TYR A 882 13.47 0.88 -10.08
N LEU A 883 12.29 1.15 -9.54
CA LEU A 883 12.23 1.78 -8.24
C LEU A 883 12.78 0.86 -7.15
N HIS A 884 13.31 1.49 -6.10
CA HIS A 884 13.87 0.76 -4.96
C HIS A 884 13.14 1.05 -3.66
N ALA A 885 12.34 2.12 -3.59
CA ALA A 885 11.56 2.43 -2.42
C ALA A 885 10.08 2.37 -2.77
N GLY A 886 9.24 2.28 -1.74
CA GLY A 886 7.81 2.19 -1.92
C GLY A 886 7.09 3.32 -1.22
N PRO A 887 5.82 3.10 -0.89
CA PRO A 887 5.07 4.14 -0.20
C PRO A 887 5.60 4.36 1.20
N PRO A 888 5.64 5.60 1.68
CA PRO A 888 6.09 5.84 3.05
C PRO A 888 5.14 5.27 4.08
N VAL A 889 5.71 4.87 5.21
CA VAL A 889 4.95 4.34 6.34
C VAL A 889 5.16 5.29 7.52
N TYR A 890 4.08 5.49 8.29
CA TYR A 890 4.13 6.31 9.50
C TYR A 890 3.70 5.44 10.66
N PHE A 891 4.61 5.19 11.61
CA PHE A 891 4.28 4.45 12.81
C PHE A 891 3.84 5.45 13.88
N VAL A 892 2.54 5.72 13.88
CA VAL A 892 1.97 6.79 14.71
C VAL A 892 1.86 6.28 16.14
N LEU A 893 2.63 6.88 17.04
CA LEU A 893 2.48 6.62 18.48
C LEU A 893 1.40 7.56 19.01
N GLU A 894 0.28 6.99 19.44
CA GLU A 894 -0.89 7.80 19.77
C GLU A 894 -0.64 8.72 20.94
N GLU A 895 -1.60 9.59 21.22
CA GLU A 895 -1.46 10.53 22.32
C GLU A 895 -1.62 9.85 23.68
N GLY A 896 -0.71 10.16 24.60
CA GLY A 896 -0.78 9.62 25.94
C GLY A 896 0.54 9.17 26.51
N HIS A 897 1.58 9.15 25.69
CA HIS A 897 2.91 8.78 26.14
C HIS A 897 3.56 9.96 26.85
N ASP A 898 4.52 9.66 27.73
CA ASP A 898 5.10 10.69 28.59
C ASP A 898 6.20 11.47 27.87
N TYR A 899 7.26 10.79 27.46
CA TYR A 899 8.36 11.40 26.73
C TYR A 899 9.25 12.26 27.62
N THR A 900 8.86 12.45 28.87
CA THR A 900 9.61 13.29 29.80
C THR A 900 10.19 12.48 30.95
N SER A 901 10.65 11.26 30.66
CA SER A 901 11.20 10.38 31.68
C SER A 901 12.22 9.46 31.04
N SER A 902 13.16 8.98 31.87
CA SER A 902 14.19 8.07 31.37
C SER A 902 13.56 6.88 30.66
N LYS A 903 12.63 6.20 31.30
CA LYS A 903 12.00 5.03 30.69
C LYS A 903 11.07 5.40 29.56
N GLY A 904 10.29 6.48 29.71
CA GLY A 904 9.43 6.92 28.63
C GLY A 904 10.20 7.26 27.37
N GLN A 905 11.46 7.65 27.50
CA GLN A 905 12.32 7.92 26.36
C GLN A 905 13.03 6.66 25.87
N ASN A 906 13.38 5.76 26.80
CA ASN A 906 14.01 4.51 26.39
C ASN A 906 13.07 3.64 25.58
N MET A 907 11.76 3.72 25.85
CA MET A 907 10.80 2.92 25.10
C MET A 907 10.70 3.36 23.64
N VAL A 908 11.16 4.57 23.31
CA VAL A 908 10.96 5.12 21.98
C VAL A 908 12.27 5.29 21.21
N CYS A 909 13.40 5.29 21.89
CA CYS A 909 14.69 5.64 21.29
C CYS A 909 15.17 4.59 20.30
N GLY A 910 15.98 5.05 19.37
CA GLY A 910 17.09 4.27 18.88
C GLY A 910 18.35 5.04 19.20
N GLY A 911 19.12 4.59 20.19
CA GLY A 911 20.24 5.38 20.65
C GLY A 911 21.13 4.66 21.64
N MET A 912 21.75 5.45 22.52
CA MET A 912 22.78 4.91 23.41
C MET A 912 22.19 4.16 24.58
N GLY A 913 21.44 4.86 25.44
CA GLY A 913 20.96 4.25 26.66
C GLY A 913 19.58 3.66 26.60
N CYS A 914 18.80 4.00 25.58
CA CYS A 914 17.43 3.55 25.50
C CYS A 914 17.36 2.09 25.04
N ASN A 915 16.26 1.43 25.39
CA ASN A 915 16.16 -0.02 25.33
C ASN A 915 16.47 -0.55 23.93
N ASN A 916 16.71 -1.86 23.86
CA ASN A 916 17.01 -2.55 22.61
C ASN A 916 15.78 -3.06 21.90
N ASP A 917 14.60 -2.96 22.52
CA ASP A 917 13.33 -3.37 21.92
C ASP A 917 12.41 -2.19 21.68
N SER A 918 12.94 -0.98 21.77
CA SER A 918 12.15 0.24 21.60
C SER A 918 11.57 0.31 20.19
N LEU A 919 10.70 1.29 19.98
CA LEU A 919 10.03 1.44 18.70
C LEU A 919 11.02 1.63 17.56
N VAL A 920 11.97 2.56 17.74
CA VAL A 920 12.91 2.86 16.67
C VAL A 920 13.83 1.67 16.41
N GLN A 921 14.25 0.98 17.46
CA GLN A 921 15.12 -0.18 17.26
C GLN A 921 14.38 -1.31 16.57
N GLN A 922 13.10 -1.50 16.89
CA GLN A 922 12.33 -2.54 16.23
C GLN A 922 12.10 -2.22 14.76
N ILE A 923 11.84 -0.95 14.43
CA ILE A 923 11.72 -0.60 13.03
C ILE A 923 13.06 -0.75 12.31
N PHE A 924 14.17 -0.49 13.01
CA PHE A 924 15.49 -0.69 12.43
C PHE A 924 15.73 -2.16 12.11
N ASN A 925 15.39 -3.04 13.04
CA ASN A 925 15.51 -4.48 12.78
C ASN A 925 14.63 -4.90 11.60
N ALA A 926 13.37 -4.47 11.61
CA ALA A 926 12.50 -4.74 10.47
C ALA A 926 13.15 -4.33 9.16
N ALA A 927 13.75 -3.14 9.13
CA ALA A 927 14.44 -2.69 7.91
C ALA A 927 15.68 -3.53 7.61
N GLN A 928 16.29 -4.12 8.63
CA GLN A 928 17.42 -5.01 8.40
C GLN A 928 16.98 -6.31 7.73
N LEU A 929 15.75 -6.74 8.02
CA LEU A 929 15.21 -7.90 7.29
C LEU A 929 14.86 -7.52 5.86
N ASP A 930 13.88 -6.64 5.68
CA ASP A 930 13.68 -5.93 4.42
C ASP A 930 13.14 -6.85 3.32
N ASN A 931 13.08 -8.14 3.60
CA ASN A 931 12.47 -9.08 2.67
C ASN A 931 11.33 -9.82 3.35
N TYR A 932 11.57 -10.25 4.59
CA TYR A 932 10.49 -10.79 5.39
C TYR A 932 9.55 -9.66 5.78
N THR A 933 10.05 -8.70 6.56
CA THR A 933 9.32 -7.48 6.83
C THR A 933 9.55 -6.51 5.69
N ARG A 934 8.49 -6.09 5.02
CA ARG A 934 8.64 -5.25 3.84
C ARG A 934 8.84 -3.79 4.23
N ILE A 935 9.79 -3.56 5.14
CA ILE A 935 10.18 -2.22 5.57
C ILE A 935 11.65 -2.06 5.20
N GLY A 936 11.93 -1.15 4.28
CA GLY A 936 13.23 -1.13 3.64
C GLY A 936 14.30 -0.30 4.31
N PHE A 937 13.90 0.72 5.08
CA PHE A 937 14.85 1.72 5.56
C PHE A 937 14.56 2.03 7.02
N ALA A 938 15.47 2.79 7.63
CA ALA A 938 15.44 3.03 9.07
C ALA A 938 14.33 4.03 9.44
N PRO A 939 13.92 4.03 10.70
CA PRO A 939 12.74 4.82 11.08
C PRO A 939 12.88 6.32 10.88
N SER A 940 14.06 6.89 11.09
CA SER A 940 14.23 8.35 11.03
C SER A 940 13.42 9.05 12.12
N SER A 941 13.77 8.73 13.37
CA SER A 941 13.09 9.28 14.53
C SER A 941 13.46 10.75 14.74
N TRP A 942 12.58 11.45 15.46
CA TRP A 942 12.78 12.87 15.78
C TRP A 942 13.38 13.09 17.16
N ILE A 943 13.24 12.13 18.08
CA ILE A 943 13.75 12.34 19.43
C ILE A 943 15.26 12.16 19.48
N ASP A 944 15.81 11.25 18.69
CA ASP A 944 17.26 11.15 18.58
C ASP A 944 17.85 12.45 18.06
N ASP A 945 17.25 13.01 17.00
CA ASP A 945 17.72 14.29 16.48
C ASP A 945 17.55 15.40 17.52
N TYR A 946 16.47 15.39 18.28
CA TYR A 946 16.29 16.40 19.32
C TYR A 946 17.40 16.33 20.35
N PHE A 947 17.76 15.11 20.77
CA PHE A 947 18.83 14.95 21.76
C PHE A 947 20.17 15.37 21.17
N ASP A 948 20.46 14.99 19.93
CA ASP A 948 21.69 15.41 19.28
C ASP A 948 21.77 16.93 19.20
N TRP A 949 20.64 17.59 18.93
CA TRP A 949 20.58 19.04 18.86
C TRP A 949 20.84 19.67 20.22
N VAL A 950 20.22 19.13 21.26
CA VAL A 950 20.33 19.73 22.59
C VAL A 950 21.64 19.42 23.29
N LYS A 951 22.39 18.43 22.86
CA LYS A 951 23.61 18.08 23.57
C LYS A 951 24.58 19.27 23.59
N PRO A 952 25.20 19.56 24.73
CA PRO A 952 26.08 20.74 24.82
C PRO A 952 27.21 20.71 23.82
N GLN A 953 27.83 19.55 23.58
CA GLN A 953 28.85 19.44 22.55
C GLN A 953 28.35 19.98 21.22
N SER A 954 27.21 19.48 20.76
CA SER A 954 26.60 20.01 19.55
C SER A 954 26.46 21.53 19.64
N SER A 955 25.88 22.02 20.73
CA SER A 955 25.79 23.45 20.98
C SER A 955 24.96 24.18 19.94
N CYS A 956 23.88 23.55 19.46
CA CYS A 956 22.93 24.27 18.62
C CYS A 956 21.97 25.10 19.45
N CYS A 957 21.53 24.56 20.58
CA CYS A 957 20.64 25.30 21.46
C CYS A 957 21.40 26.40 22.18
N ARG A 958 20.76 27.56 22.30
CA ARG A 958 21.35 28.67 23.03
C ARG A 958 20.24 29.68 23.33
N VAL A 959 20.08 30.01 24.61
CA VAL A 959 19.00 30.87 25.06
C VAL A 959 19.55 32.24 25.41
N ASP A 960 18.67 33.23 25.37
CA ASP A 960 19.02 34.56 25.84
C ASP A 960 19.06 34.57 27.36
N ASN A 961 19.99 35.35 27.92
CA ASN A 961 20.24 35.26 29.36
C ASN A 961 19.13 35.89 30.19
N ILE A 962 18.59 37.01 29.74
CA ILE A 962 17.60 37.75 30.52
C ILE A 962 16.20 37.43 30.05
N THR A 963 16.05 37.10 28.77
CA THR A 963 14.74 36.90 28.16
C THR A 963 14.32 35.43 28.10
N ASP A 964 15.22 34.49 28.32
CA ASP A 964 14.92 33.07 28.17
C ASP A 964 14.33 32.79 26.79
N GLN A 965 14.86 33.49 25.78
CA GLN A 965 14.41 33.34 24.41
C GLN A 965 15.49 32.64 23.60
N PHE A 966 15.07 31.97 22.53
CA PHE A 966 15.98 31.12 21.76
C PHE A 966 16.95 31.99 20.94
N CYS A 967 18.22 31.95 21.31
CA CYS A 967 19.27 32.58 20.52
C CYS A 967 19.69 31.61 19.42
N ASN A 968 19.51 32.03 18.17
CA ASN A 968 19.87 31.17 17.04
C ASN A 968 21.34 30.79 17.11
N ALA A 969 21.72 29.76 16.36
CA ALA A 969 23.12 29.36 16.29
C ALA A 969 23.95 30.33 15.46
N SER A 970 23.32 31.17 14.65
CA SER A 970 24.00 32.22 13.90
C SER A 970 23.54 33.55 14.49
N VAL A 971 24.27 34.02 15.50
CA VAL A 971 23.90 35.24 16.23
C VAL A 971 25.18 35.89 16.71
N VAL A 972 25.13 37.21 16.92
CA VAL A 972 26.33 37.97 17.25
C VAL A 972 26.98 37.48 18.54
N ASP A 973 26.33 36.58 19.27
CA ASP A 973 26.80 36.02 20.53
C ASP A 973 26.93 37.12 21.60
N PRO A 974 25.94 38.01 21.71
CA PRO A 974 26.08 39.12 22.67
C PRO A 974 26.09 38.66 24.12
N ALA A 975 25.02 37.99 24.57
CA ALA A 975 24.95 37.47 25.93
C ALA A 975 24.25 36.11 25.99
N CYS A 976 24.22 35.37 24.89
CA CYS A 976 23.48 34.12 24.85
C CYS A 976 24.32 32.99 25.43
N VAL A 977 23.73 32.23 26.35
CA VAL A 977 24.40 31.12 27.01
C VAL A 977 23.85 29.81 26.45
N ARG A 978 24.64 28.75 26.60
CA ARG A 978 24.27 27.42 26.14
C ARG A 978 23.05 26.94 26.94
N CYS A 979 22.17 26.18 26.29
CA CYS A 979 20.97 25.73 26.96
C CYS A 979 21.29 24.76 28.10
N ARG A 980 22.06 23.72 27.81
CA ARG A 980 22.40 22.72 28.82
C ARG A 980 23.81 22.96 29.33
N PRO A 981 24.01 23.01 30.65
CA PRO A 981 25.36 23.23 31.17
C PRO A 981 26.30 22.11 30.76
N LEU A 982 27.51 22.50 30.37
CA LEU A 982 28.53 21.54 29.89
C LEU A 982 29.24 20.91 31.08
N THR A 983 28.51 20.06 31.78
CA THR A 983 28.99 19.31 32.94
C THR A 983 28.52 17.88 32.85
N PRO A 984 28.94 17.02 33.79
CA PRO A 984 28.48 15.62 33.76
C PRO A 984 26.97 15.48 33.86
N GLU A 985 26.29 16.41 34.55
CA GLU A 985 24.83 16.33 34.65
C GLU A 985 24.16 16.82 33.37
N GLY A 986 24.78 17.76 32.67
CA GLY A 986 24.20 18.33 31.48
C GLY A 986 24.31 17.48 30.23
N LYS A 987 25.26 16.56 30.23
CA LYS A 987 25.44 15.66 29.10
C LYS A 987 24.23 14.75 28.92
N GLN A 988 23.64 14.33 30.04
CA GLN A 988 22.52 13.40 30.00
C GLN A 988 21.39 13.98 29.15
N ARG A 989 20.39 13.16 28.89
CA ARG A 989 19.24 13.63 28.13
C ARG A 989 18.39 14.57 29.00
N PRO A 990 17.74 15.55 28.40
CA PRO A 990 16.87 16.44 29.17
C PRO A 990 15.58 15.75 29.56
N GLN A 991 15.60 15.02 30.67
CA GLN A 991 14.46 14.17 31.01
C GLN A 991 13.33 14.93 31.68
N GLY A 992 13.65 15.97 32.45
CA GLY A 992 12.61 16.63 33.22
C GLY A 992 11.82 17.65 32.44
N GLY A 993 11.64 18.85 33.00
CA GLY A 993 10.99 19.92 32.29
C GLY A 993 11.85 20.60 31.25
N ASP A 994 13.17 20.34 31.26
CA ASP A 994 14.03 20.85 30.21
C ASP A 994 13.65 20.27 28.86
N PHE A 995 13.27 19.00 28.84
CA PHE A 995 12.78 18.38 27.61
C PHE A 995 11.74 19.25 26.94
N MET A 996 10.68 19.57 27.68
CA MET A 996 9.57 20.32 27.12
C MET A 996 9.83 21.82 27.04
N ARG A 997 10.88 22.31 27.71
CA ARG A 997 11.27 23.70 27.56
C ARG A 997 12.11 23.95 26.31
N PHE A 998 12.85 22.93 25.86
CA PHE A 998 13.69 23.08 24.67
C PHE A 998 13.10 22.44 23.42
N LEU A 999 12.09 21.58 23.55
CA LEU A 999 11.55 20.93 22.35
C LEU A 999 10.93 21.92 21.37
N PRO A 1000 10.11 22.89 21.80
CA PRO A 1000 9.54 23.84 20.82
C PRO A 1000 10.60 24.63 20.08
N MET A 1001 11.67 25.05 20.77
CA MET A 1001 12.74 25.78 20.10
C MET A 1001 13.42 24.90 19.07
N PHE A 1002 13.61 23.63 19.37
CA PHE A 1002 14.15 22.69 18.39
C PHE A 1002 13.25 22.61 17.17
N LEU A 1003 11.95 22.39 17.39
CA LEU A 1003 11.03 22.25 16.28
C LEU A 1003 10.85 23.54 15.49
N SER A 1004 11.21 24.69 16.06
CA SER A 1004 11.19 25.94 15.32
C SER A 1004 12.54 26.30 14.70
N ASP A 1005 13.60 25.59 15.06
CA ASP A 1005 14.93 25.89 14.52
C ASP A 1005 14.99 25.57 13.02
N ASN A 1006 15.81 26.32 12.31
CA ASN A 1006 15.95 26.20 10.87
C ASN A 1006 17.30 25.60 10.50
N PRO A 1007 17.50 25.25 9.22
CA PRO A 1007 18.76 24.61 8.81
C PRO A 1007 19.93 25.58 8.74
N ASN A 1008 20.57 25.83 9.87
CA ASN A 1008 21.68 26.76 10.02
C ASN A 1008 22.98 26.10 9.60
N PRO A 1009 23.83 26.81 8.85
CA PRO A 1009 25.11 26.20 8.42
C PRO A 1009 26.04 25.88 9.56
N LYS A 1010 25.99 26.65 10.65
CA LYS A 1010 26.83 26.38 11.81
C LYS A 1010 26.26 25.28 12.70
N CYS A 1011 24.94 25.19 12.80
CA CYS A 1011 24.33 24.15 13.63
C CYS A 1011 24.23 22.82 12.90
N GLY A 1012 23.50 22.79 11.80
CA GLY A 1012 23.21 21.56 11.11
C GLY A 1012 21.84 21.66 10.43
N LYS A 1013 21.09 20.56 10.50
CA LYS A 1013 19.85 20.48 9.73
C LYS A 1013 18.69 21.15 10.44
N GLY A 1014 18.69 21.16 11.78
CA GLY A 1014 17.59 21.71 12.52
C GLY A 1014 16.37 20.81 12.50
N GLY A 1015 15.41 21.07 13.38
CA GLY A 1015 14.27 20.18 13.51
C GLY A 1015 12.95 20.73 13.02
N HIS A 1016 12.99 21.65 12.06
CA HIS A 1016 11.78 22.27 11.53
C HIS A 1016 11.33 21.68 10.20
N ALA A 1017 12.26 21.41 9.29
CA ALA A 1017 11.90 20.93 7.98
C ALA A 1017 11.46 19.48 7.97
N ALA A 1018 11.64 18.75 9.08
CA ALA A 1018 11.36 17.32 9.06
C ALA A 1018 10.43 16.88 10.19
N TYR A 1019 10.41 17.62 11.30
CA TYR A 1019 9.71 17.15 12.49
C TYR A 1019 8.67 18.12 13.02
N SER A 1020 8.59 19.34 12.49
CA SER A 1020 7.54 20.26 12.94
C SER A 1020 6.16 19.65 12.76
N SER A 1021 6.01 18.86 11.69
CA SER A 1021 4.75 18.20 11.38
C SER A 1021 4.64 16.83 12.04
N ALA A 1022 5.78 16.23 12.36
CA ALA A 1022 5.82 14.92 13.00
C ALA A 1022 5.64 14.97 14.51
N VAL A 1023 5.73 16.14 15.12
CA VAL A 1023 5.57 16.28 16.56
C VAL A 1023 4.44 17.27 16.82
N ASN A 1024 3.48 16.85 17.63
CA ASN A 1024 2.36 17.70 18.05
C ASN A 1024 2.53 18.07 19.52
N ILE A 1025 2.58 19.37 19.79
CA ILE A 1025 2.71 19.88 21.15
C ILE A 1025 1.39 20.51 21.56
N LEU A 1026 0.92 20.16 22.76
CA LEU A 1026 -0.36 20.61 23.28
C LEU A 1026 -0.11 21.73 24.28
N LEU A 1027 -0.27 22.97 23.85
CA LEU A 1027 -0.05 24.10 24.73
C LEU A 1027 -0.97 24.03 25.93
N GLY A 1028 -0.61 24.76 26.98
CA GLY A 1028 -1.37 24.75 28.21
C GLY A 1028 -1.22 23.46 28.99
N HIS A 1029 -1.39 23.52 30.31
CA HIS A 1029 -1.23 22.35 31.17
C HIS A 1029 0.14 21.70 30.98
N GLY A 1030 1.18 22.48 31.26
CA GLY A 1030 2.54 22.01 31.11
C GLY A 1030 3.01 21.83 29.68
N THR A 1031 2.11 21.89 28.70
CA THR A 1031 2.47 21.77 27.28
C THR A 1031 3.19 20.45 27.02
N ARG A 1032 2.48 19.36 27.28
N ARG A 1032 2.48 19.37 27.29
CA ARG A 1032 2.98 18.02 27.04
CA ARG A 1032 3.00 18.03 27.04
C ARG A 1032 3.12 17.78 25.54
C ARG A 1032 3.07 17.76 25.54
N VAL A 1033 3.56 16.58 25.20
CA VAL A 1033 3.67 16.17 23.80
C VAL A 1033 2.42 15.39 23.43
N GLY A 1034 1.96 15.57 22.20
CA GLY A 1034 0.77 14.91 21.73
C GLY A 1034 1.06 13.61 21.01
N ALA A 1035 0.49 13.44 19.82
CA ALA A 1035 0.80 12.29 19.00
C ALA A 1035 1.96 12.61 18.07
N THR A 1036 2.83 11.62 17.87
CA THR A 1036 3.99 11.77 17.00
C THR A 1036 4.14 10.51 16.17
N TYR A 1037 4.85 10.61 15.05
CA TYR A 1037 5.09 9.47 14.20
C TYR A 1037 6.56 9.39 13.80
N PHE A 1038 6.98 8.19 13.43
CA PHE A 1038 8.35 7.90 13.00
C PHE A 1038 8.23 7.26 11.63
N MET A 1039 8.43 8.03 10.57
CA MET A 1039 8.06 7.61 9.23
C MET A 1039 9.24 6.97 8.52
N THR A 1040 9.01 5.79 7.95
CA THR A 1040 9.98 5.08 7.14
C THR A 1040 9.33 4.77 5.80
N TYR A 1041 9.96 3.94 4.97
CA TYR A 1041 9.45 3.64 3.64
C TYR A 1041 9.26 2.14 3.47
N HIS A 1042 8.26 1.78 2.67
CA HIS A 1042 8.09 0.38 2.28
C HIS A 1042 9.05 0.03 1.14
N THR A 1043 9.09 -1.26 0.84
CA THR A 1043 9.84 -1.82 -0.26
C THR A 1043 8.94 -1.76 -1.51
N VAL A 1044 9.51 -1.85 -2.71
CA VAL A 1044 8.69 -1.81 -3.91
C VAL A 1044 7.61 -2.88 -3.84
N LEU A 1045 6.36 -2.45 -3.88
CA LEU A 1045 5.21 -3.35 -3.82
C LEU A 1045 4.58 -3.39 -5.20
N GLN A 1046 4.53 -4.58 -5.81
CA GLN A 1046 4.10 -4.70 -7.20
C GLN A 1046 2.75 -5.40 -7.35
N THR A 1047 2.38 -6.28 -6.43
CA THR A 1047 1.17 -7.07 -6.56
C THR A 1047 0.35 -6.99 -5.29
N SER A 1048 -0.91 -7.41 -5.39
CA SER A 1048 -1.79 -7.42 -4.23
C SER A 1048 -1.21 -8.26 -3.10
N ALA A 1049 -0.50 -9.35 -3.44
CA ALA A 1049 0.17 -10.12 -2.41
C ALA A 1049 1.19 -9.26 -1.67
N ASP A 1050 1.96 -8.46 -2.41
CA ASP A 1050 2.93 -7.57 -1.79
C ASP A 1050 2.24 -6.57 -0.86
N PHE A 1051 1.17 -5.95 -1.33
CA PHE A 1051 0.49 -4.95 -0.51
C PHE A 1051 -0.10 -5.56 0.76
N ILE A 1052 -0.73 -6.73 0.64
CA ILE A 1052 -1.32 -7.38 1.80
C ILE A 1052 -0.24 -7.81 2.78
N ASP A 1053 0.87 -8.29 2.24
CA ASP A 1053 2.00 -8.72 3.06
C ASP A 1053 2.56 -7.53 3.86
N ALA A 1054 2.66 -6.38 3.20
CA ALA A 1054 3.13 -5.16 3.84
C ALA A 1054 2.19 -4.74 4.97
N LEU A 1055 0.90 -4.79 4.71
CA LEU A 1055 -0.10 -4.42 5.71
C LEU A 1055 -0.05 -5.34 6.92
N LYS A 1056 0.10 -6.64 6.70
CA LYS A 1056 0.18 -7.62 7.77
C LYS A 1056 1.40 -7.39 8.65
N LYS A 1057 2.57 -7.24 8.02
CA LYS A 1057 3.80 -7.21 8.79
C LYS A 1057 4.01 -5.86 9.46
N ALA A 1058 3.55 -4.77 8.85
CA ALA A 1058 3.57 -3.50 9.54
C ALA A 1058 2.72 -3.55 10.80
N ARG A 1059 1.55 -4.18 10.68
CA ARG A 1059 0.65 -4.33 11.83
C ARG A 1059 1.33 -5.18 12.90
N LEU A 1060 2.04 -6.23 12.47
CA LEU A 1060 2.76 -7.09 13.39
C LEU A 1060 3.80 -6.31 14.19
N ILE A 1061 4.61 -5.52 13.49
CA ILE A 1061 5.61 -4.70 14.18
C ILE A 1061 4.94 -3.75 15.17
N ALA A 1062 3.85 -3.11 14.75
CA ALA A 1062 3.16 -2.18 15.65
C ALA A 1062 2.63 -2.89 16.88
N SER A 1063 2.07 -4.09 16.71
CA SER A 1063 1.55 -4.84 17.86
C SER A 1063 2.68 -5.29 18.78
N ASN A 1064 3.82 -5.67 18.22
CA ASN A 1064 4.97 -6.01 19.05
C ASN A 1064 5.40 -4.82 19.91
N VAL A 1065 5.53 -3.65 19.29
CA VAL A 1065 5.94 -2.47 20.04
C VAL A 1065 4.93 -2.13 21.12
N THR A 1066 3.64 -2.22 20.78
CA THR A 1066 2.60 -1.93 21.77
C THR A 1066 2.64 -2.92 22.92
N GLU A 1067 2.95 -4.19 22.65
CA GLU A 1067 3.15 -5.16 23.72
C GLU A 1067 4.29 -4.73 24.62
N THR A 1068 5.46 -4.47 24.03
CA THR A 1068 6.64 -4.18 24.84
C THR A 1068 6.47 -2.91 25.67
N MET A 1069 5.73 -1.93 25.16
CA MET A 1069 5.58 -0.69 25.91
C MET A 1069 4.82 -0.88 27.22
N GLY A 1070 4.02 -1.94 27.34
CA GLY A 1070 3.31 -2.21 28.57
C GLY A 1070 2.39 -1.07 28.99
N ILE A 1071 1.39 -0.77 28.18
CA ILE A 1071 0.46 0.31 28.47
C ILE A 1071 -0.58 -0.17 29.48
N ASN A 1072 -0.94 0.70 30.41
CA ASN A 1072 -1.99 0.40 31.39
C ASN A 1072 -3.33 0.38 30.68
N GLY A 1073 -3.84 -0.80 30.38
CA GLY A 1073 -5.05 -0.92 29.59
C GLY A 1073 -4.73 -0.78 28.11
N SER A 1074 -5.54 -0.01 27.40
CA SER A 1074 -5.29 0.30 25.99
C SER A 1074 -5.55 1.77 25.74
N ALA A 1075 -5.07 2.62 26.64
CA ALA A 1075 -5.27 4.06 26.51
C ALA A 1075 -4.73 4.58 25.18
N TYR A 1076 -3.64 4.01 24.69
CA TYR A 1076 -3.06 4.41 23.41
C TYR A 1076 -2.32 3.21 22.84
N ARG A 1077 -1.89 3.34 21.59
CA ARG A 1077 -1.12 2.29 20.95
C ARG A 1077 -0.43 2.79 19.70
N VAL A 1078 0.62 2.07 19.31
CA VAL A 1078 1.30 2.35 18.05
C VAL A 1078 0.51 1.72 16.92
N PHE A 1079 0.47 2.40 15.78
CA PHE A 1079 -0.16 1.84 14.59
C PHE A 1079 0.49 2.43 13.36
N PRO A 1080 0.65 1.65 12.29
CA PRO A 1080 1.22 2.19 11.06
C PRO A 1080 0.15 2.74 10.12
N TYR A 1081 0.49 3.82 9.44
CA TYR A 1081 -0.40 4.43 8.47
C TYR A 1081 0.31 4.50 7.13
N SER A 1082 -0.33 3.95 6.10
CA SER A 1082 0.13 4.08 4.73
C SER A 1082 -1.09 4.39 3.87
N VAL A 1083 -0.82 4.86 2.64
CA VAL A 1083 -1.90 5.38 1.82
C VAL A 1083 -2.81 4.25 1.34
N PHE A 1084 -2.24 3.12 0.96
CA PHE A 1084 -3.01 2.03 0.38
C PHE A 1084 -3.67 1.12 1.41
N TYR A 1085 -3.54 1.43 2.71
CA TYR A 1085 -4.08 0.53 3.72
C TYR A 1085 -5.59 0.45 3.65
N VAL A 1086 -6.27 1.57 3.36
CA VAL A 1086 -7.72 1.53 3.29
C VAL A 1086 -8.19 0.70 2.10
N PHE A 1087 -7.43 0.71 1.02
CA PHE A 1087 -7.79 -0.05 -0.17
C PHE A 1087 -7.42 -1.52 -0.08
N TYR A 1088 -6.47 -1.89 0.77
CA TYR A 1088 -6.04 -3.28 0.87
C TYR A 1088 -6.36 -3.94 2.20
N GLU A 1089 -7.16 -3.27 3.03
CA GLU A 1089 -7.56 -3.85 4.30
C GLU A 1089 -8.74 -4.80 4.12
N GLN A 1090 -9.42 -4.73 2.97
CA GLN A 1090 -10.55 -5.60 2.70
C GLN A 1090 -10.12 -7.04 2.42
N TYR A 1091 -8.89 -7.24 1.92
CA TYR A 1091 -8.40 -8.57 1.59
C TYR A 1091 -7.82 -9.30 2.79
N LEU A 1092 -7.95 -8.75 3.99
CA LEU A 1092 -7.54 -9.43 5.22
C LEU A 1092 -8.66 -10.21 5.88
N THR A 1093 -9.89 -10.06 5.40
CA THR A 1093 -11.04 -10.82 5.90
C THR A 1093 -11.95 -11.27 4.76
N ILE A 1094 -11.45 -11.28 3.53
CA ILE A 1094 -12.32 -11.55 2.39
C ILE A 1094 -12.74 -13.01 2.35
N ILE A 1095 -11.87 -13.92 2.79
CA ILE A 1095 -12.22 -15.34 2.77
C ILE A 1095 -13.37 -15.61 3.74
N ASP A 1096 -13.29 -15.06 4.95
CA ASP A 1096 -14.36 -15.25 5.91
C ASP A 1096 -15.59 -14.43 5.55
N ASP A 1097 -15.44 -13.31 4.84
CA ASP A 1097 -16.61 -12.59 4.33
C ASP A 1097 -17.35 -13.44 3.31
N THR A 1098 -16.62 -14.03 2.37
CA THR A 1098 -17.23 -14.96 1.43
C THR A 1098 -17.93 -16.10 2.15
N ILE A 1099 -17.23 -16.72 3.10
CA ILE A 1099 -17.81 -17.83 3.87
C ILE A 1099 -19.13 -17.39 4.49
N PHE A 1100 -19.10 -16.30 5.26
CA PHE A 1100 -20.30 -15.85 5.96
C PHE A 1100 -21.43 -15.56 4.99
N ASN A 1101 -21.15 -14.78 3.94
CA ASN A 1101 -22.21 -14.38 3.02
C ASN A 1101 -22.84 -15.60 2.34
N LEU A 1102 -22.01 -16.46 1.76
CA LEU A 1102 -22.54 -17.62 1.05
C LEU A 1102 -23.30 -18.54 2.00
N GLY A 1103 -22.72 -18.85 3.16
CA GLY A 1103 -23.40 -19.73 4.09
C GLY A 1103 -24.72 -19.17 4.57
N VAL A 1104 -24.77 -17.88 4.87
CA VAL A 1104 -26.00 -17.30 5.39
C VAL A 1104 -27.07 -17.28 4.31
N SER A 1105 -26.67 -16.92 3.10
CA SER A 1105 -27.60 -16.87 1.97
C SER A 1105 -28.16 -18.25 1.64
N LEU A 1106 -27.32 -19.28 1.73
CA LEU A 1106 -27.74 -20.64 1.42
C LEU A 1106 -28.61 -21.21 2.53
N GLY A 1107 -28.31 -20.87 3.79
CA GLY A 1107 -29.17 -21.31 4.88
C GLY A 1107 -30.53 -20.65 4.84
N ALA A 1108 -30.59 -19.37 4.46
CA ALA A 1108 -31.89 -18.72 4.28
C ALA A 1108 -32.68 -19.38 3.17
N ILE A 1109 -32.02 -19.68 2.04
CA ILE A 1109 -32.69 -20.40 0.96
C ILE A 1109 -33.22 -21.73 1.46
N PHE A 1110 -32.39 -22.48 2.18
CA PHE A 1110 -32.80 -23.78 2.70
C PHE A 1110 -34.05 -23.66 3.56
N LEU A 1111 -34.02 -22.78 4.56
CA LEU A 1111 -35.15 -22.67 5.48
C LEU A 1111 -36.41 -22.21 4.75
N VAL A 1112 -36.29 -21.17 3.93
CA VAL A 1112 -37.45 -20.67 3.21
C VAL A 1112 -38.05 -21.75 2.33
N THR A 1113 -37.21 -22.53 1.65
CA THR A 1113 -37.70 -23.59 0.79
C THR A 1113 -38.42 -24.66 1.61
N MET A 1114 -37.77 -25.19 2.64
CA MET A 1114 -38.39 -26.26 3.41
C MET A 1114 -39.63 -25.79 4.15
N VAL A 1115 -39.84 -24.48 4.26
CA VAL A 1115 -41.06 -23.97 4.90
C VAL A 1115 -42.15 -23.80 3.87
N LEU A 1116 -41.87 -23.06 2.80
CA LEU A 1116 -42.91 -22.75 1.81
C LEU A 1116 -43.33 -24.00 1.04
N LEU A 1117 -42.38 -24.86 0.71
CA LEU A 1117 -42.64 -26.05 -0.07
C LEU A 1117 -43.37 -27.13 0.73
N GLY A 1118 -43.84 -26.80 1.93
CA GLY A 1118 -44.47 -27.75 2.81
C GLY A 1118 -43.65 -27.92 4.06
N CYS A 1119 -43.13 -29.12 4.30
CA CYS A 1119 -42.10 -29.32 5.29
C CYS A 1119 -41.03 -30.31 4.87
N GLU A 1120 -40.96 -30.67 3.58
CA GLU A 1120 -40.06 -31.71 3.14
C GLU A 1120 -38.60 -31.28 3.26
N LEU A 1121 -37.90 -31.82 4.26
CA LEU A 1121 -36.49 -31.50 4.40
C LEU A 1121 -35.64 -32.17 3.33
N TRP A 1122 -36.11 -33.26 2.74
CA TRP A 1122 -35.29 -33.99 1.78
C TRP A 1122 -35.16 -33.22 0.47
N SER A 1123 -36.27 -32.68 -0.01
CA SER A 1123 -36.29 -31.88 -1.22
C SER A 1123 -35.45 -30.61 -1.02
N ALA A 1124 -35.57 -29.99 0.14
CA ALA A 1124 -34.80 -28.79 0.47
C ALA A 1124 -33.31 -29.09 0.52
N VAL A 1125 -32.94 -30.22 1.14
CA VAL A 1125 -31.51 -30.54 1.24
C VAL A 1125 -30.94 -30.89 -0.12
N ILE A 1126 -31.72 -31.56 -0.98
CA ILE A 1126 -31.24 -31.85 -2.33
C ILE A 1126 -31.01 -30.56 -3.10
N MET A 1127 -31.96 -29.64 -3.02
CA MET A 1127 -31.81 -28.36 -3.69
C MET A 1127 -30.60 -27.58 -3.18
N CYS A 1128 -30.44 -27.56 -1.86
CA CYS A 1128 -29.33 -26.86 -1.22
C CYS A 1128 -27.99 -27.46 -1.64
N ALA A 1129 -27.92 -28.79 -1.70
CA ALA A 1129 -26.69 -29.45 -2.11
C ALA A 1129 -26.37 -29.14 -3.56
N THR A 1130 -27.39 -29.07 -4.41
CA THR A 1130 -27.14 -28.73 -5.81
C THR A 1130 -26.64 -27.30 -5.95
N ILE A 1131 -27.21 -26.37 -5.18
CA ILE A 1131 -26.73 -24.99 -5.28
C ILE A 1131 -25.32 -24.86 -4.69
N ALA A 1132 -25.00 -25.61 -3.63
CA ALA A 1132 -23.63 -25.63 -3.12
C ALA A 1132 -22.67 -26.19 -4.15
N MET A 1133 -23.09 -27.23 -4.88
CA MET A 1133 -22.28 -27.74 -5.97
C MET A 1133 -22.04 -26.66 -7.02
N VAL A 1134 -23.08 -25.90 -7.35
CA VAL A 1134 -22.94 -24.83 -8.34
C VAL A 1134 -21.90 -23.81 -7.87
N LEU A 1135 -21.95 -23.46 -6.58
CA LEU A 1135 -21.00 -22.47 -6.06
C LEU A 1135 -19.57 -23.01 -6.06
N VAL A 1136 -19.38 -24.26 -5.64
CA VAL A 1136 -18.05 -24.84 -5.63
C VAL A 1136 -17.49 -24.90 -7.05
N ASN A 1137 -18.33 -25.25 -8.02
CA ASN A 1137 -17.87 -25.25 -9.41
C ASN A 1137 -17.62 -23.85 -9.93
N MET A 1138 -18.33 -22.85 -9.41
CA MET A 1138 -18.02 -21.46 -9.73
C MET A 1138 -16.61 -21.10 -9.27
N PHE A 1139 -16.24 -21.54 -8.07
CA PHE A 1139 -14.88 -21.30 -7.58
C PHE A 1139 -13.86 -22.07 -8.42
N GLY A 1140 -14.20 -23.28 -8.84
CA GLY A 1140 -13.32 -24.03 -9.72
C GLY A 1140 -13.08 -23.31 -11.03
N VAL A 1141 -14.13 -22.77 -11.64
CA VAL A 1141 -13.98 -22.02 -12.88
C VAL A 1141 -13.17 -20.74 -12.64
N MET A 1142 -13.39 -20.11 -11.48
CA MET A 1142 -12.53 -19.00 -11.08
C MET A 1142 -11.06 -19.39 -11.18
N TRP A 1143 -10.67 -20.44 -10.46
CA TRP A 1143 -9.27 -20.85 -10.49
C TRP A 1143 -8.82 -21.19 -11.90
N LEU A 1144 -9.70 -21.78 -12.71
CA LEU A 1144 -9.28 -22.31 -13.99
C LEU A 1144 -9.09 -21.24 -15.05
N TRP A 1145 -9.92 -20.19 -15.05
CA TRP A 1145 -9.76 -19.10 -16.01
C TRP A 1145 -9.06 -17.89 -15.44
N GLY A 1146 -8.55 -17.96 -14.23
CA GLY A 1146 -7.76 -16.87 -13.68
C GLY A 1146 -8.55 -15.69 -13.18
N ILE A 1147 -9.75 -15.92 -12.63
CA ILE A 1147 -10.47 -14.85 -11.95
C ILE A 1147 -9.99 -14.75 -10.52
N SER A 1148 -9.90 -13.53 -10.00
CA SER A 1148 -9.41 -13.29 -8.65
C SER A 1148 -10.58 -13.03 -7.70
N LEU A 1149 -10.34 -13.28 -6.42
CA LEU A 1149 -11.36 -13.08 -5.40
C LEU A 1149 -11.27 -11.66 -4.86
N ASN A 1150 -12.23 -10.82 -5.23
CA ASN A 1150 -12.30 -9.45 -4.72
C ASN A 1150 -13.76 -9.05 -4.52
N ALA A 1151 -14.00 -7.76 -4.32
CA ALA A 1151 -15.35 -7.27 -4.05
C ALA A 1151 -16.26 -7.29 -5.27
N VAL A 1152 -15.74 -7.66 -6.45
CA VAL A 1152 -16.54 -7.80 -7.65
C VAL A 1152 -16.91 -9.26 -7.81
N SER A 1153 -15.91 -10.14 -7.66
CA SER A 1153 -16.17 -11.57 -7.70
C SER A 1153 -17.11 -12.00 -6.59
N LEU A 1154 -17.00 -11.39 -5.41
CA LEU A 1154 -17.90 -11.75 -4.32
C LEU A 1154 -19.34 -11.34 -4.65
N VAL A 1155 -19.52 -10.17 -5.27
CA VAL A 1155 -20.86 -9.76 -5.67
C VAL A 1155 -21.41 -10.70 -6.72
N ASN A 1156 -20.58 -11.11 -7.68
CA ASN A 1156 -21.07 -12.03 -8.70
C ASN A 1156 -21.41 -13.39 -8.11
N LEU A 1157 -20.69 -13.85 -7.09
CA LEU A 1157 -21.02 -15.12 -6.45
C LEU A 1157 -22.32 -15.02 -5.67
N VAL A 1158 -22.46 -13.98 -4.86
CA VAL A 1158 -23.71 -13.77 -4.13
C VAL A 1158 -24.87 -13.62 -5.10
N MET A 1159 -24.58 -13.17 -6.33
CA MET A 1159 -25.63 -13.08 -7.34
C MET A 1159 -26.00 -14.45 -7.90
N SER A 1160 -24.98 -15.24 -8.22
CA SER A 1160 -25.23 -16.54 -8.80
C SER A 1160 -26.10 -17.34 -7.84
N CYS A 1161 -25.93 -17.10 -6.55
CA CYS A 1161 -26.65 -17.86 -5.56
C CYS A 1161 -28.15 -17.69 -5.85
N GLY A 1162 -28.49 -16.65 -6.61
CA GLY A 1162 -29.88 -16.33 -6.86
C GLY A 1162 -30.43 -16.94 -8.14
N ILE A 1163 -29.55 -17.27 -9.07
CA ILE A 1163 -29.97 -17.97 -10.29
C ILE A 1163 -29.93 -19.49 -10.11
N SER A 1164 -29.01 -19.99 -9.29
CA SER A 1164 -29.07 -21.39 -8.92
C SER A 1164 -30.46 -21.73 -8.40
N VAL A 1165 -31.03 -20.86 -7.59
CA VAL A 1165 -32.40 -21.07 -7.09
C VAL A 1165 -33.38 -21.04 -8.25
N GLU A 1166 -33.24 -20.07 -9.15
CA GLU A 1166 -34.19 -19.93 -10.24
C GLU A 1166 -34.29 -21.21 -11.06
N PHE A 1167 -33.20 -21.96 -11.16
CA PHE A 1167 -33.27 -23.26 -11.83
C PHE A 1167 -33.82 -24.34 -10.89
N CYS A 1168 -33.11 -24.58 -9.78
CA CYS A 1168 -33.44 -25.68 -8.89
C CYS A 1168 -34.88 -25.58 -8.40
N SER A 1169 -35.20 -24.53 -7.65
CA SER A 1169 -36.51 -24.44 -7.01
C SER A 1169 -37.62 -24.88 -7.96
N HIS A 1170 -37.60 -24.39 -9.19
CA HIS A 1170 -38.66 -24.78 -10.13
C HIS A 1170 -38.61 -26.28 -10.43
N ILE A 1171 -37.46 -26.80 -10.83
CA ILE A 1171 -37.41 -28.22 -11.20
C ILE A 1171 -37.82 -29.08 -10.00
N THR A 1172 -37.23 -28.82 -8.84
CA THR A 1172 -37.45 -29.64 -7.65
C THR A 1172 -38.88 -29.53 -7.13
N ARG A 1173 -39.52 -28.37 -7.22
CA ARG A 1173 -40.91 -28.27 -6.78
C ARG A 1173 -41.86 -28.94 -7.75
N ALA A 1174 -41.63 -28.80 -9.06
CA ALA A 1174 -42.43 -29.54 -10.02
C ALA A 1174 -42.31 -31.04 -9.80
N PHE A 1175 -41.13 -31.51 -9.37
CA PHE A 1175 -40.99 -32.91 -9.00
C PHE A 1175 -41.77 -33.24 -7.72
N THR A 1176 -41.58 -32.43 -6.68
CA THR A 1176 -42.17 -32.73 -5.38
C THR A 1176 -43.69 -32.79 -5.46
N VAL A 1177 -44.33 -31.73 -5.96
CA VAL A 1177 -45.80 -31.70 -6.04
C VAL A 1177 -46.16 -32.36 -7.36
N SER A 1178 -46.24 -33.69 -7.33
CA SER A 1178 -46.59 -34.49 -8.49
C SER A 1178 -47.13 -35.82 -8.01
N MET A 1179 -48.09 -36.36 -8.76
CA MET A 1179 -48.81 -37.56 -8.36
C MET A 1179 -48.63 -38.67 -9.38
N LYS A 1180 -47.46 -38.72 -10.01
CA LYS A 1180 -47.11 -39.85 -10.85
C LYS A 1180 -46.72 -41.03 -9.97
N GLY A 1181 -46.48 -42.18 -10.60
CA GLY A 1181 -46.20 -43.38 -9.83
C GLY A 1181 -44.78 -43.47 -9.29
N SER A 1182 -43.80 -43.55 -10.18
CA SER A 1182 -42.42 -43.80 -9.78
C SER A 1182 -41.58 -42.54 -9.86
N ARG A 1183 -40.40 -42.61 -9.24
CA ARG A 1183 -39.50 -41.48 -9.24
C ARG A 1183 -39.03 -41.12 -10.64
N VAL A 1184 -38.78 -42.12 -11.50
CA VAL A 1184 -38.30 -41.82 -12.84
C VAL A 1184 -39.35 -41.05 -13.62
N GLU A 1185 -40.60 -41.48 -13.55
CA GLU A 1185 -41.65 -40.82 -14.31
C GLU A 1185 -41.99 -39.45 -13.73
N ARG A 1186 -41.99 -39.33 -12.40
CA ARG A 1186 -42.16 -38.01 -11.81
C ARG A 1186 -41.05 -37.07 -12.22
N ALA A 1187 -39.80 -37.54 -12.23
CA ALA A 1187 -38.67 -36.71 -12.62
C ALA A 1187 -38.79 -36.27 -14.07
N GLU A 1188 -39.12 -37.20 -14.97
CA GLU A 1188 -39.23 -36.82 -16.38
C GLU A 1188 -40.42 -35.92 -16.65
N GLU A 1189 -41.53 -36.08 -15.92
CA GLU A 1189 -42.66 -35.17 -16.05
C GLU A 1189 -42.33 -33.78 -15.55
N ALA A 1190 -41.78 -33.65 -14.35
CA ALA A 1190 -41.29 -32.36 -13.89
C ALA A 1190 -40.30 -31.75 -14.86
N LEU A 1191 -39.37 -32.55 -15.39
CA LEU A 1191 -38.39 -32.03 -16.33
C LEU A 1191 -39.09 -31.47 -17.56
N ALA A 1192 -39.83 -32.29 -18.29
CA ALA A 1192 -40.56 -31.76 -19.45
C ALA A 1192 -41.25 -30.47 -19.06
N HIS A 1193 -42.23 -30.55 -18.15
CA HIS A 1193 -43.10 -29.41 -17.88
C HIS A 1193 -42.32 -28.16 -17.51
N MET A 1194 -41.56 -28.19 -16.41
CA MET A 1194 -40.94 -26.97 -15.93
C MET A 1194 -39.62 -26.63 -16.63
N GLY A 1195 -38.77 -27.62 -16.88
CA GLY A 1195 -37.53 -27.36 -17.56
C GLY A 1195 -37.68 -26.92 -19.00
N SER A 1196 -38.81 -27.22 -19.65
CA SER A 1196 -39.03 -26.65 -20.97
C SER A 1196 -39.14 -25.13 -20.92
N SER A 1197 -39.73 -24.60 -19.84
CA SER A 1197 -39.87 -23.17 -19.65
C SER A 1197 -38.62 -22.55 -19.04
N VAL A 1198 -37.90 -23.32 -18.22
CA VAL A 1198 -36.68 -22.81 -17.61
C VAL A 1198 -35.53 -22.78 -18.60
N PHE A 1199 -35.50 -23.70 -19.55
CA PHE A 1199 -34.44 -23.71 -20.55
C PHE A 1199 -34.67 -22.66 -21.63
N SER A 1200 -35.94 -22.40 -21.96
CA SER A 1200 -36.24 -21.45 -23.01
C SER A 1200 -36.32 -20.02 -22.50
N GLY A 1201 -36.73 -19.82 -21.25
CA GLY A 1201 -36.87 -18.49 -20.71
C GLY A 1201 -35.57 -17.83 -20.31
N ILE A 1202 -34.88 -18.42 -19.33
CA ILE A 1202 -33.64 -17.83 -18.82
C ILE A 1202 -32.43 -18.29 -19.61
N THR A 1203 -32.34 -19.59 -19.91
CA THR A 1203 -31.13 -20.13 -20.51
C THR A 1203 -30.85 -19.49 -21.86
N LEU A 1204 -31.79 -19.61 -22.80
CA LEU A 1204 -31.54 -19.10 -24.15
C LEU A 1204 -31.38 -17.58 -24.15
N THR A 1205 -32.18 -16.87 -23.36
CA THR A 1205 -32.06 -15.42 -23.30
C THR A 1205 -30.69 -15.00 -22.81
N LYS A 1206 -30.30 -15.44 -21.60
CA LYS A 1206 -28.99 -15.12 -21.08
C LYS A 1206 -27.87 -15.61 -21.98
N PHE A 1207 -28.06 -16.71 -22.71
CA PHE A 1207 -27.01 -17.20 -23.58
C PHE A 1207 -26.82 -16.29 -24.78
N GLY A 1208 -27.90 -15.87 -25.42
CA GLY A 1208 -27.78 -14.86 -26.45
C GLY A 1208 -27.12 -13.60 -25.95
N GLY A 1209 -27.51 -13.16 -24.75
CA GLY A 1209 -26.88 -11.98 -24.18
C GLY A 1209 -25.39 -12.13 -24.00
N ILE A 1210 -24.96 -13.27 -23.44
CA ILE A 1210 -23.53 -13.49 -23.18
C ILE A 1210 -22.77 -13.63 -24.49
N VAL A 1211 -23.37 -14.29 -25.49
CA VAL A 1211 -22.69 -14.47 -26.77
C VAL A 1211 -22.55 -13.14 -27.48
N VAL A 1212 -23.48 -12.21 -27.27
CA VAL A 1212 -23.30 -10.87 -27.82
C VAL A 1212 -22.27 -10.09 -27.00
N LEU A 1213 -22.22 -10.33 -25.69
CA LEU A 1213 -21.32 -9.64 -24.79
C LEU A 1213 -19.87 -10.11 -24.88
N ALA A 1214 -19.63 -11.26 -25.51
CA ALA A 1214 -18.27 -11.79 -25.61
C ALA A 1214 -17.31 -10.81 -26.26
N PHE A 1215 -17.81 -9.80 -26.98
CA PHE A 1215 -16.98 -8.77 -27.58
C PHE A 1215 -17.04 -7.54 -26.69
N ALA A 1216 -16.22 -7.53 -25.65
CA ALA A 1216 -16.30 -6.49 -24.62
C ALA A 1216 -15.34 -5.33 -24.85
N LYS A 1217 -14.07 -5.61 -25.17
CA LYS A 1217 -13.02 -4.63 -25.43
C LYS A 1217 -12.45 -4.04 -24.14
N SER A 1218 -12.93 -4.45 -22.97
CA SER A 1218 -12.40 -4.00 -21.69
C SER A 1218 -11.96 -5.23 -20.89
N GLN A 1219 -10.80 -5.13 -20.24
CA GLN A 1219 -10.27 -6.30 -19.54
C GLN A 1219 -11.03 -6.57 -18.25
N ILE A 1220 -11.29 -5.53 -17.46
CA ILE A 1220 -12.05 -5.71 -16.23
C ILE A 1220 -13.39 -6.38 -16.53
N PHE A 1221 -14.08 -5.87 -17.53
CA PHE A 1221 -15.34 -6.48 -17.95
C PHE A 1221 -15.12 -7.92 -18.41
N GLN A 1222 -14.36 -8.09 -19.49
CA GLN A 1222 -14.16 -9.41 -20.07
C GLN A 1222 -13.70 -10.45 -19.06
N ILE A 1223 -13.15 -10.04 -17.92
CA ILE A 1223 -12.69 -10.98 -16.91
C ILE A 1223 -13.75 -11.22 -15.83
N PHE A 1224 -14.29 -10.15 -15.24
CA PHE A 1224 -15.12 -10.30 -14.06
C PHE A 1224 -16.61 -10.35 -14.36
N TYR A 1225 -17.05 -9.98 -15.56
CA TYR A 1225 -18.45 -10.04 -15.92
C TYR A 1225 -18.73 -11.05 -17.02
N PHE A 1226 -18.06 -10.97 -18.16
CA PHE A 1226 -18.33 -11.94 -19.23
C PHE A 1226 -18.06 -13.36 -18.75
N ARG A 1227 -16.86 -13.61 -18.24
CA ARG A 1227 -16.50 -14.97 -17.81
C ARG A 1227 -17.38 -15.43 -16.68
N MET A 1228 -17.59 -14.58 -15.67
CA MET A 1228 -18.40 -14.97 -14.53
C MET A 1228 -19.84 -15.26 -14.94
N TYR A 1229 -20.39 -14.49 -15.87
CA TYR A 1229 -21.77 -14.68 -16.30
C TYR A 1229 -21.91 -15.94 -17.13
N LEU A 1230 -21.00 -16.16 -18.08
CA LEU A 1230 -21.04 -17.40 -18.85
C LEU A 1230 -20.93 -18.61 -17.93
N ALA A 1231 -19.96 -18.59 -17.02
CA ALA A 1231 -19.80 -19.70 -16.08
C ALA A 1231 -21.07 -19.91 -15.28
N MET A 1232 -21.55 -18.86 -14.61
CA MET A 1232 -22.76 -18.98 -13.80
C MET A 1232 -23.91 -19.55 -14.61
N VAL A 1233 -24.20 -18.98 -15.77
CA VAL A 1233 -25.36 -19.38 -16.54
C VAL A 1233 -25.26 -20.83 -16.97
N LEU A 1234 -24.17 -21.20 -17.65
CA LEU A 1234 -24.11 -22.56 -18.21
C LEU A 1234 -23.92 -23.60 -17.12
N LEU A 1235 -23.22 -23.24 -16.03
CA LEU A 1235 -23.07 -24.15 -14.92
C LEU A 1235 -24.41 -24.42 -14.25
N GLY A 1236 -25.19 -23.36 -13.98
CA GLY A 1236 -26.50 -23.56 -13.40
C GLY A 1236 -27.43 -24.32 -14.32
N ALA A 1237 -27.37 -24.04 -15.62
CA ALA A 1237 -28.21 -24.77 -16.56
C ALA A 1237 -27.89 -26.26 -16.53
N THR A 1238 -26.60 -26.60 -16.71
CA THR A 1238 -26.21 -28.00 -16.67
C THR A 1238 -26.63 -28.63 -15.35
N HIS A 1239 -26.26 -28.02 -14.23
CA HIS A 1239 -26.59 -28.60 -12.94
C HIS A 1239 -28.08 -28.85 -12.81
N GLY A 1240 -28.89 -27.81 -12.88
CA GLY A 1240 -30.31 -28.02 -12.78
C GLY A 1240 -30.79 -29.10 -13.74
N LEU A 1241 -30.78 -28.79 -15.04
CA LEU A 1241 -31.46 -29.58 -16.06
C LEU A 1241 -30.81 -30.92 -16.35
N ILE A 1242 -29.67 -31.26 -15.76
CA ILE A 1242 -29.06 -32.57 -16.00
C ILE A 1242 -28.68 -33.29 -14.72
N PHE A 1243 -28.83 -32.68 -13.54
CA PHE A 1243 -28.45 -33.31 -12.29
C PHE A 1243 -29.58 -33.32 -11.26
N LEU A 1244 -30.46 -32.33 -11.25
CA LEU A 1244 -31.68 -32.48 -10.46
C LEU A 1244 -32.54 -33.61 -10.97
N PRO A 1245 -32.81 -33.73 -12.27
CA PRO A 1245 -33.54 -34.90 -12.76
C PRO A 1245 -32.99 -36.22 -12.23
N VAL A 1246 -31.69 -36.48 -12.40
CA VAL A 1246 -31.15 -37.78 -12.06
C VAL A 1246 -31.09 -37.97 -10.55
N LEU A 1247 -30.62 -36.96 -9.82
CA LEU A 1247 -30.51 -37.08 -8.37
C LEU A 1247 -31.88 -37.28 -7.74
N LEU A 1248 -32.90 -36.59 -8.26
CA LEU A 1248 -34.25 -36.78 -7.76
C LEU A 1248 -34.80 -38.16 -8.14
N SER A 1249 -34.62 -38.56 -9.41
CA SER A 1249 -34.96 -39.91 -9.80
C SER A 1249 -34.41 -40.94 -8.82
N TYR A 1250 -33.20 -40.70 -8.33
CA TYR A 1250 -32.57 -41.69 -7.46
C TYR A 1250 -33.09 -41.61 -6.03
N ILE A 1251 -33.03 -40.43 -5.42
CA ILE A 1251 -33.24 -40.34 -3.97
C ILE A 1251 -34.29 -39.31 -3.60
N GLY A 1252 -35.29 -39.12 -4.45
CA GLY A 1252 -36.29 -38.10 -4.23
C GLY A 1252 -37.38 -38.53 -3.26
N PRO A 1253 -38.05 -37.56 -2.65
CA PRO A 1253 -39.10 -37.87 -1.67
C PRO A 1253 -40.34 -38.45 -2.34
N SER A 1254 -40.78 -39.61 -1.87
CA SER A 1254 -41.94 -40.28 -2.45
C SER A 1254 -43.22 -39.58 -2.00
N VAL A 1255 -44.31 -39.93 -2.67
CA VAL A 1255 -45.64 -39.43 -2.32
C VAL A 1255 -46.66 -39.95 -3.33
C1 NAG B . 15.18 28.34 -3.63
C2 NAG B . 15.28 29.19 -4.89
C3 NAG B . 16.57 29.99 -4.96
C4 NAG B . 17.13 30.45 -3.60
C5 NAG B . 16.76 29.52 -2.44
C6 NAG B . 17.08 30.09 -1.06
C7 NAG B . 16.10 28.03 -6.91
C8 NAG B . 15.66 27.74 -8.32
N2 NAG B . 15.11 28.37 -6.08
O3 NAG B . 16.20 31.14 -5.72
O4 NAG B . 18.56 30.56 -3.58
O5 NAG B . 15.38 29.19 -2.52
O6 NAG B . 16.78 29.08 -0.09
O7 NAG B . 17.27 27.95 -6.58
C1 NAG B . 19.27 30.99 -4.76
C2 NAG B . 20.76 31.10 -4.44
C3 NAG B . 21.46 32.13 -5.29
C4 NAG B . 20.86 32.14 -6.68
C5 NAG B . 19.39 32.54 -6.61
C6 NAG B . 18.61 31.87 -7.72
C7 NAG B . 22.23 31.45 -2.57
C8 NAG B . 22.42 30.78 -1.24
N2 NAG B . 20.99 31.43 -3.05
O3 NAG B . 22.86 31.83 -5.35
O4 NAG B . 21.56 33.08 -7.50
O5 NAG B . 18.84 32.24 -5.32
O6 NAG B . 17.34 32.52 -7.86
O7 NAG B . 23.14 31.96 -3.18
C1 NAG C . 28.50 -0.70 -9.51
C2 NAG C . 29.14 -1.41 -10.70
C3 NAG C . 30.57 -1.88 -10.44
C4 NAG C . 31.40 -0.82 -9.76
C5 NAG C . 30.65 -0.27 -8.57
C6 NAG C . 31.49 0.82 -7.91
C7 NAG C . 27.87 -2.75 -12.25
C8 NAG C . 26.99 -3.95 -12.41
N2 NAG C . 28.36 -2.57 -11.04
O3 NAG C . 31.15 -2.22 -11.70
O4 NAG C . 32.65 -1.36 -9.32
O5 NAG C . 29.42 0.28 -9.02
O6 NAG C . 31.13 0.90 -6.52
O7 NAG C . 28.12 -2.00 -13.17
C1 NAG C . 33.70 -0.95 -10.21
C2 NAG C . 35.11 -1.20 -9.67
C3 NAG C . 36.16 -0.69 -10.65
C4 NAG C . 35.78 -0.86 -12.13
C5 NAG C . 34.30 -0.91 -12.43
C6 NAG C . 34.06 -1.53 -13.80
C7 NAG C . 35.10 -1.14 -7.23
C8 NAG C . 35.73 -0.50 -6.04
N2 NAG C . 35.29 -0.52 -8.40
O3 NAG C . 37.38 -1.42 -10.43
O4 NAG C . 36.28 0.23 -12.90
O5 NAG C . 33.61 -1.65 -11.44
O6 NAG C . 34.73 -0.72 -14.78
O7 NAG C . 34.42 -2.15 -7.14
C1 MAN C . 38.53 -0.55 -10.50
C2 MAN C . 39.21 -0.59 -11.86
C3 MAN C . 40.00 -1.87 -12.09
C4 MAN C . 40.93 -2.15 -10.92
C5 MAN C . 40.15 -2.08 -9.60
C6 MAN C . 41.12 -2.28 -8.43
O2 MAN C . 40.11 0.51 -11.96
O3 MAN C . 40.79 -1.71 -13.28
O4 MAN C . 41.48 -3.46 -11.07
O5 MAN C . 39.51 -0.81 -9.48
O6 MAN C . 40.75 -3.45 -7.70
C1 NAG D . 16.06 -10.06 -0.61
C2 NAG D . 17.05 -11.22 -0.58
C3 NAG D . 17.42 -11.61 -1.99
C4 NAG D . 16.18 -11.99 -2.79
C5 NAG D . 14.90 -11.56 -2.07
C6 NAG D . 14.52 -12.51 -0.93
C7 NAG D . 18.22 -10.43 1.45
C8 NAG D . 19.54 -10.48 2.17
N2 NAG D . 18.24 -10.87 0.18
O3 NAG D . 18.33 -12.71 -1.92
O4 NAG D . 16.17 -11.35 -4.08
O5 NAG D . 15.03 -10.23 -1.58
O6 NAG D . 13.11 -12.74 -0.99
O7 NAG D . 17.21 -10.01 1.98
C1 NAG D . 17.34 -11.75 -4.84
C2 NAG D . 17.44 -13.25 -4.97
C3 NAG D . 16.54 -13.76 -6.09
C4 NAG D . 16.94 -13.06 -7.38
C5 NAG D . 16.82 -11.54 -7.23
C6 NAG D . 15.36 -11.11 -7.18
C7 NAG D . 19.73 -12.68 -5.53
C8 NAG D . 20.17 -11.79 -4.40
N2 NAG D . 18.83 -13.61 -5.23
O3 NAG D . 15.18 -13.44 -5.78
O4 NAG D . 18.29 -13.42 -7.70
O5 NAG D . 17.54 -11.06 -6.08
O6 NAG D . 14.79 -11.16 -8.50
O7 NAG D . 20.17 -12.55 -6.65
C1 MAN D . 18.37 -13.95 -9.03
C2 MAN D . 17.40 -15.11 -9.22
C3 MAN D . 17.87 -16.41 -8.56
C4 MAN D . 19.36 -16.65 -8.78
C5 MAN D . 20.14 -15.38 -8.46
C6 MAN D . 21.64 -15.59 -8.59
O2 MAN D . 17.19 -15.34 -10.62
O3 MAN D . 17.13 -17.52 -9.07
O4 MAN D . 19.81 -17.73 -7.96
O5 MAN D . 19.70 -14.36 -9.35
O6 MAN D . 22.28 -15.08 -7.42
C1 NAG E . 46.20 9.93 32.61
C2 NAG E . 45.21 11.09 32.64
C3 NAG E . 45.31 11.87 33.94
C4 NAG E . 45.27 10.93 35.15
C5 NAG E . 46.26 9.78 34.98
C6 NAG E . 46.16 8.81 36.14
C7 NAG E . 44.59 12.07 30.50
C8 NAG E . 45.08 12.81 29.30
N2 NAG E . 45.45 11.97 31.51
O3 NAG E . 44.21 12.79 34.03
O4 NAG E . 45.59 11.67 36.34
O5 NAG E . 45.98 9.10 33.75
O6 NAG E . 47.49 8.41 36.54
O7 NAG E . 43.47 11.58 30.56
C1 NAG E . 44.33 11.80 37.01
C2 NAG E . 44.33 12.99 37.96
C3 NAG E . 42.98 13.11 38.67
C4 NAG E . 41.87 13.14 37.62
C5 NAG E . 41.97 11.91 36.73
C6 NAG E . 40.88 11.88 35.68
C7 NAG E . 46.41 13.71 38.97
C8 NAG E . 47.51 13.44 38.00
N2 NAG E . 45.40 12.85 38.94
O3 NAG E . 42.94 14.31 39.44
O4 NAG E . 40.60 13.16 38.28
O5 NAG E . 43.25 11.92 36.09
O6 NAG E . 40.37 13.21 35.45
O7 NAG E . 46.44 14.66 39.75
C1 NAG F . 8.88 30.30 -17.24
C2 NAG F . 8.47 31.76 -17.02
C3 NAG F . 9.56 32.71 -17.50
C4 NAG F . 10.89 32.33 -16.89
C5 NAG F . 11.20 30.85 -17.10
C6 NAG F . 12.46 30.40 -16.42
C7 NAG F . 6.98 31.99 -18.98
C8 NAG F . 8.14 31.57 -19.84
N2 NAG F . 7.19 32.06 -17.66
O3 NAG F . 9.22 34.04 -17.16
O4 NAG F . 11.94 33.10 -17.50
O5 NAG F . 10.13 30.06 -16.58
O6 NAG F . 13.46 31.40 -16.46
O7 NAG F . 5.88 32.26 -19.47
C1 NAG G . -12.28 37.30 -14.09
C2 NAG G . -13.29 37.43 -15.24
C3 NAG G . -13.43 38.89 -15.67
C4 NAG G . -13.77 39.77 -14.46
C5 NAG G . -12.74 39.56 -13.37
C6 NAG G . -13.08 40.31 -12.10
C7 NAG G . -13.76 36.00 -17.17
C8 NAG G . -13.18 35.19 -18.29
N2 NAG G . -12.89 36.61 -16.37
O3 NAG G . -14.45 39.00 -16.65
O4 NAG G . -13.80 41.13 -14.85
O5 NAG G . -12.67 38.18 -13.01
O6 NAG G . -14.15 39.70 -11.40
O7 NAG G . -14.97 36.08 -17.00
C1 NAG H . 31.41 24.90 4.72
C2 NAG H . 30.94 26.05 5.63
C3 NAG H . 32.13 26.76 6.26
C4 NAG H . 33.23 25.75 6.56
C5 NAG H . 33.80 25.22 5.25
C6 NAG H . 34.36 23.82 5.38
C7 NAG H . 29.60 28.10 5.43
C8 NAG H . 28.78 28.97 4.52
N2 NAG H . 30.12 27.00 4.89
O3 NAG H . 31.72 27.41 7.46
O4 NAG H . 34.28 26.39 7.30
O5 NAG H . 32.78 25.16 4.25
O6 NAG H . 34.12 23.28 6.68
O7 NAG H . 29.79 28.40 6.62
C1 NAG I . 19.82 15.76 -27.16
C2 NAG I . 19.75 17.24 -26.83
C3 NAG I . 20.49 18.06 -27.89
C4 NAG I . 21.91 17.54 -28.04
C5 NAG I . 21.90 16.04 -28.32
C6 NAG I . 23.29 15.44 -28.34
C7 NAG I . 17.44 17.67 -27.62
C8 NAG I . 17.87 17.10 -28.94
N2 NAG I . 18.39 17.71 -26.67
O3 NAG I . 20.51 19.42 -27.49
O4 NAG I . 22.55 18.22 -29.12
O5 NAG I . 21.18 15.35 -27.29
O6 NAG I . 23.93 15.55 -27.08
O7 NAG I . 16.31 18.08 -27.43
C1 NAG J . 17.64 -6.78 25.08
C2 NAG J . 18.65 -7.92 25.21
C3 NAG J . 18.41 -8.67 26.49
C4 NAG J . 18.75 -7.78 27.68
C5 NAG J . 18.13 -6.39 27.49
C6 NAG J . 19.15 -5.32 27.19
C7 NAG J . 19.63 -9.26 23.40
C8 NAG J . 19.35 -10.17 22.24
N2 NAG J . 18.55 -8.82 24.06
O3 NAG J . 19.22 -9.84 26.51
O4 NAG J . 18.27 -8.36 28.88
O5 NAG J . 17.17 -6.38 26.41
O6 NAG J . 19.45 -4.56 28.35
O7 NAG J . 20.77 -8.95 23.74
C1 NAG K . 23.74 35.75 32.78
C2 NAG K . 25.04 36.51 33.05
C3 NAG K . 25.64 36.04 34.38
C4 NAG K . 24.62 36.18 35.49
C5 NAG K . 23.33 35.44 35.12
C6 NAG K . 22.22 35.62 36.13
C7 NAG K . 26.29 37.29 31.10
C8 NAG K . 27.29 36.92 30.04
N2 NAG K . 25.98 36.32 31.96
O3 NAG K . 26.79 36.84 34.67
O4 NAG K . 25.13 35.63 36.70
O5 NAG K . 22.83 35.93 33.87
O6 NAG K . 21.76 36.97 36.15
O7 NAG K . 25.79 38.40 31.15
C1 NAG L . 18.81 32.82 13.10
C2 NAG L . 17.99 32.91 11.82
C3 NAG L . 17.76 34.37 11.44
C4 NAG L . 17.15 35.13 12.62
C5 NAG L . 17.99 34.93 13.87
C6 NAG L . 17.37 35.54 15.10
C7 NAG L . 18.19 31.03 10.26
C8 NAG L . 16.97 30.48 10.92
N2 NAG L . 18.64 32.19 10.73
O3 NAG L . 16.89 34.44 10.32
O4 NAG L . 17.08 36.52 12.32
O5 NAG L . 18.13 33.52 14.14
O6 NAG L . 17.30 36.96 14.99
O7 NAG L . 18.76 30.43 9.34
C1 NAG M . 7.37 -9.96 17.52
C2 NAG M . 7.95 -10.23 16.13
C3 NAG M . 8.09 -11.72 15.88
C4 NAG M . 8.93 -12.35 16.99
C5 NAG M . 8.32 -12.02 18.35
C6 NAG M . 9.16 -12.50 19.51
C7 NAG M . 7.62 -9.05 13.99
C8 NAG M . 9.11 -9.06 13.87
N2 NAG M . 7.12 -9.62 15.10
O3 NAG M . 8.71 -11.94 14.62
O4 NAG M . 8.96 -13.77 16.83
O5 NAG M . 8.21 -10.60 18.50
O6 NAG M . 9.56 -11.43 20.36
O7 NAG M . 6.90 -8.54 13.13
C1 NAG N . 45.16 -5.14 15.98
C2 NAG N . 45.64 -6.13 17.04
C3 NAG N . 45.84 -7.50 16.41
C4 NAG N . 44.59 -7.95 15.68
C5 NAG N . 44.13 -6.87 14.70
C6 NAG N . 42.81 -7.19 14.03
C7 NAG N . 46.87 -5.01 18.85
C8 NAG N . 45.52 -4.77 19.48
N2 NAG N . 46.86 -5.67 17.69
O3 NAG N . 46.18 -8.44 17.42
O4 NAG N . 44.85 -9.14 14.96
O5 NAG N . 43.96 -5.61 15.39
O6 NAG N . 42.96 -7.47 12.65
O7 NAG N . 47.91 -4.63 19.37
C1 CLR O . 49.75 21.80 19.41
C2 CLR O . 50.21 23.02 20.19
C3 CLR O . 51.68 22.91 20.57
C4 CLR O . 52.51 22.82 19.30
C5 CLR O . 52.00 21.68 18.45
C6 CLR O . 52.88 20.77 18.01
C7 CLR O . 52.48 19.54 17.25
C8 CLR O . 51.19 19.80 16.49
C9 CLR O . 50.12 20.33 17.44
C10 CLR O . 50.53 21.65 18.12
C11 CLR O . 48.76 20.49 16.75
C12 CLR O . 48.32 19.22 16.05
C13 CLR O . 49.40 18.83 15.07
C14 CLR O . 50.66 18.53 15.85
C15 CLR O . 51.56 17.82 14.85
C16 CLR O . 50.58 17.02 13.98
C17 CLR O . 49.18 17.54 14.27
C18 CLR O . 49.67 19.98 14.10
C19 CLR O . 50.22 22.81 17.20
C20 CLR O . 48.35 17.76 13.01
C21 CLR O . 46.93 18.17 13.36
C22 CLR O . 48.36 16.50 12.15
C23 CLR O . 47.17 16.48 11.20
C24 CLR O . 47.48 17.15 9.88
C25 CLR O . 47.61 16.13 8.76
C26 CLR O . 47.48 16.79 7.39
C27 CLR O . 48.91 15.36 8.86
O1 CLR O . 52.08 24.05 21.33
N POV P . -1.09 -19.68 -4.97
P POV P . -3.54 -18.30 -0.97
C1 POV P . -4.69 -19.61 1.02
C2 POV P . -6.03 -20.24 1.33
C3 POV P . -7.10 -19.34 0.73
C210 POV P . -16.22 -23.95 4.44
C310 POV P . -17.34 -22.94 -0.52
C11 POV P . -2.59 -18.37 -3.42
O11 POV P . -4.71 -19.21 -0.35
C211 POV P . -15.35 -24.80 5.35
C311 POV P . -18.78 -23.45 -0.65
C12 POV P . -1.81 -19.65 -3.69
O12 POV P . -3.64 -18.68 -2.52
C212 POV P . -14.75 -23.94 6.45
C312 POV P . -19.81 -22.70 0.20
C13 POV P . -0.09 -18.61 -5.08
O13 POV P . -3.92 -16.84 -0.80
C213 POV P . -15.82 -23.22 7.25
C313 POV P . -19.26 -22.33 1.57
C14 POV P . -0.40 -20.97 -5.04
O14 POV P . -2.21 -18.80 -0.44
C214 POV P . -15.33 -22.93 8.67
C314 POV P . -20.35 -21.90 2.53
C15 POV P . -2.03 -19.60 -6.10
C215 POV P . -16.06 -21.75 9.29
C315 POV P . -21.16 -23.08 3.03
C216 POV P . -17.58 -21.90 9.19
C316 POV P . -21.41 -22.97 4.52
C217 POV P . -18.07 -23.22 9.77
C218 POV P . -19.47 -23.08 10.32
C21 POV P . -6.64 -21.66 3.13
O21 POV P . -6.25 -20.32 2.74
C22 POV P . -8.09 -21.96 3.41
O22 POV P . -5.79 -22.54 3.24
C23 POV P . -8.77 -22.32 2.09
C24 POV P . -10.15 -21.67 1.95
C25 POV P . -11.14 -22.21 2.97
C26 POV P . -12.20 -23.08 2.32
C27 POV P . -13.40 -23.22 3.24
C28 POV P . -14.54 -23.99 2.57
C29 POV P . -15.86 -23.60 3.20
C31 POV P . -7.94 -18.69 -1.50
O31 POV P . -7.40 -19.70 -0.61
C32 POV P . -9.35 -18.84 -2.03
O32 POV P . -7.27 -17.72 -1.78
C33 POV P . -10.19 -19.57 -1.00
C34 POV P . -11.66 -19.18 -1.06
C35 POV P . -12.50 -20.21 -0.33
C36 POV P . -13.97 -19.83 -0.30
C37 POV P . -14.83 -21.07 -0.17
C38 POV P . -16.30 -20.68 -0.03
C39 POV P . -17.20 -21.49 -0.97
#